data_6HP0
#
_entry.id   6HP0
#
_cell.length_a   85.842
_cell.length_b   126.861
_cell.length_c   96.906
_cell.angle_alpha   90.00
_cell.angle_beta   93.93
_cell.angle_gamma   90.00
#
_symmetry.space_group_name_H-M   'P 1 21 1'
#
loop_
_entity.id
_entity.type
_entity.pdbx_description
1 polymer Neuraminidase
2 branched 2-acetamido-2-deoxy-beta-D-glucopyranose-(1-4)-[alpha-L-fucopyranose-(1-6)]2-acetamido-2-deoxy-beta-D-glucopyranose
3 branched alpha-L-fucopyranose-(1-6)-2-acetamido-2-deoxy-beta-D-glucopyranose
4 branched alpha-D-mannopyranose-(1-3)-[alpha-D-mannopyranose-(1-6)]beta-D-mannopyranose-(1-4)-2-acetamido-2-deoxy-beta-D-glucopyranose-(1-4)-[alpha-L-fucopyranose-(1-6)]2-acetamido-2-deoxy-beta-D-glucopyranose
5 non-polymer 'CALCIUM ION'
6 non-polymer '(3~{R},4~{R},5~{S})-4-acetamido-5-[4-(hydroxymethyl)-1,2,3-triazol-1-yl]-3-pentan-3-yloxy-cyclohexene-1-carboxylic acid'
7 non-polymer 2-acetamido-2-deoxy-beta-D-glucopyranose
8 non-polymer 1,2-ETHANEDIOL
9 non-polymer 'TRIETHYLENE GLYCOL'
10 water water
#
_entity_poly.entity_id   1
_entity_poly.type   'polypeptide(L)'
_entity_poly.pdbx_seq_one_letter_code
;SVKLAGNSSLCPVSGWAIYSKDNSVRIGSKGDVFVIREPFISCSPLECRTFFLTQGALLNDKHSNGTIKDRSPYRTLMSC
PIGEVPSPYNSRFESVAWSASACHDGINWLTIGISGPDNGAVAVLKYNGIITDTIKSWRNNILRTQESECACVNGSCFTV
MTDGPSNGQASYKIFRIEKGKIVKSVEMNAPNYHYEECSCYPDSSEITCVCRDNWHGSNRPWVSFNQNLEYQIGYICSGI
FGDNPRPNDKTGSCGPVSSNGANGVKGFSFKYGNGVWIGRTKSISSRNGFEMIWDPNGWTGTDNNFSIKQDIVGINEWSG
YSGSFVQHPELTGLDCIRPCFWVELIRGRPKENTIWTSGSSISFCGVNSDTVGWSWPDGAELPFTIDK
;
_entity_poly.pdbx_strand_id   A,B,C,D
#
# COMPACT_ATOMS: atom_id res chain seq x y z
N SER A 1 -13.33 7.79 -21.18
CA SER A 1 -11.92 8.00 -21.67
C SER A 1 -11.96 8.59 -23.07
N VAL A 2 -11.23 9.68 -23.31
CA VAL A 2 -11.08 10.29 -24.65
C VAL A 2 -9.59 10.41 -24.98
N LYS A 3 -9.25 10.28 -26.26
CA LYS A 3 -7.89 10.56 -26.81
C LYS A 3 -7.49 12.01 -26.44
N LEU A 4 -6.25 12.22 -26.01
CA LEU A 4 -5.76 13.62 -25.88
C LEU A 4 -5.73 14.26 -27.27
N ALA A 5 -6.26 15.47 -27.43
CA ALA A 5 -6.33 16.20 -28.73
C ALA A 5 -4.91 16.57 -29.19
N GLY A 6 -4.11 17.21 -28.33
CA GLY A 6 -2.72 17.63 -28.61
C GLY A 6 -2.65 18.73 -29.66
N ASN A 7 -3.73 19.49 -29.88
CA ASN A 7 -3.81 20.48 -30.98
C ASN A 7 -3.71 21.92 -30.51
N SER A 8 -3.70 22.21 -29.20
CA SER A 8 -3.51 23.58 -28.67
C SER A 8 -2.01 23.90 -28.63
N SER A 9 -1.63 25.15 -28.45
CA SER A 9 -0.20 25.53 -28.34
C SER A 9 0.26 25.38 -26.90
N LEU A 10 1.58 25.36 -26.70
CA LEU A 10 2.22 25.50 -25.37
C LEU A 10 1.71 26.76 -24.68
N CYS A 11 1.35 26.67 -23.40
CA CYS A 11 1.06 27.86 -22.57
C CYS A 11 2.30 28.74 -22.46
N PRO A 12 2.11 30.06 -22.60
CA PRO A 12 3.17 31.05 -22.41
C PRO A 12 3.47 31.08 -20.90
N VAL A 13 4.75 31.13 -20.57
CA VAL A 13 5.04 31.14 -19.11
C VAL A 13 6.15 32.15 -18.82
N SER A 14 6.06 32.78 -17.64
CA SER A 14 7.04 33.76 -17.16
C SER A 14 8.00 33.15 -16.14
N GLY A 15 7.68 32.02 -15.51
CA GLY A 15 8.55 31.36 -14.53
C GLY A 15 8.04 29.98 -14.15
N TRP A 16 8.70 29.35 -13.20
CA TRP A 16 8.48 27.92 -12.85
C TRP A 16 8.13 27.79 -11.35
N ALA A 17 6.93 27.28 -11.04
CA ALA A 17 6.45 26.97 -9.67
C ALA A 17 6.84 25.52 -9.31
N ILE A 18 7.37 25.28 -8.10
CA ILE A 18 7.84 23.92 -7.72
C ILE A 18 6.63 23.00 -7.59
N TYR A 19 6.74 21.81 -8.15
CA TYR A 19 5.59 20.90 -8.30
C TYR A 19 5.79 19.71 -7.35
N SER A 20 7.01 19.16 -7.33
CA SER A 20 7.23 17.95 -6.52
C SER A 20 8.70 17.86 -6.09
N LYS A 21 8.95 17.11 -5.00
CA LYS A 21 10.32 16.74 -4.54
C LYS A 21 10.11 15.45 -3.78
N ASP A 22 10.92 14.43 -4.02
CA ASP A 22 10.63 13.10 -3.38
C ASP A 22 11.57 12.81 -2.18
N ASN A 23 12.74 13.45 -2.12
CA ASN A 23 13.73 13.21 -1.03
C ASN A 23 14.16 11.73 -1.01
N SER A 24 14.20 11.09 -2.15
CA SER A 24 14.36 9.62 -2.19
C SER A 24 15.62 9.19 -1.42
N VAL A 25 16.74 9.90 -1.64
CA VAL A 25 18.05 9.42 -1.14
C VAL A 25 18.05 9.57 0.39
N ARG A 26 17.58 10.71 0.90
CA ARG A 26 17.46 10.99 2.37
C ARG A 26 16.61 9.90 3.04
N ILE A 27 15.47 9.58 2.42
CA ILE A 27 14.57 8.56 2.99
C ILE A 27 15.20 7.17 2.83
N GLY A 28 15.92 6.87 1.74
CA GLY A 28 16.54 5.56 1.49
C GLY A 28 17.74 5.31 2.43
N SER A 29 18.18 6.31 3.23
CA SER A 29 19.15 6.11 4.35
C SER A 29 18.59 5.09 5.36
N LYS A 30 17.27 5.03 5.55
CA LYS A 30 16.64 4.08 6.51
C LYS A 30 15.59 3.21 5.79
N GLY A 31 14.73 3.78 4.95
CA GLY A 31 13.63 3.00 4.36
C GLY A 31 14.07 2.18 3.17
N ASP A 32 13.14 1.38 2.63
CA ASP A 32 13.34 0.42 1.56
C ASP A 32 13.06 1.20 0.30
N VAL A 33 14.12 1.71 -0.33
CA VAL A 33 13.99 2.63 -1.49
C VAL A 33 14.89 2.10 -2.59
N PHE A 34 14.37 2.07 -3.81
CA PHE A 34 15.16 1.60 -4.94
C PHE A 34 16.35 2.51 -5.19
N VAL A 35 17.47 1.88 -5.57
CA VAL A 35 18.54 2.61 -6.27
C VAL A 35 17.97 2.93 -7.65
N ILE A 36 17.95 4.19 -8.05
CA ILE A 36 17.27 4.55 -9.34
C ILE A 36 18.13 5.47 -10.19
N ARG A 37 17.96 5.40 -11.51
CA ARG A 37 18.45 6.44 -12.46
C ARG A 37 17.35 6.74 -13.48
N GLU A 38 17.44 7.93 -14.07
CA GLU A 38 16.58 8.36 -15.21
C GLU A 38 15.13 8.39 -14.77
N PRO A 39 14.81 9.13 -13.69
CA PRO A 39 13.43 9.27 -13.32
C PRO A 39 12.97 10.08 -14.53
N PHE A 40 11.68 10.08 -14.74
CA PHE A 40 11.01 11.02 -15.65
C PHE A 40 9.54 11.00 -15.23
N ILE A 41 8.88 12.11 -15.44
CA ILE A 41 7.44 12.28 -15.08
C ILE A 41 6.60 12.18 -16.35
N SER A 42 5.42 11.58 -16.24
CA SER A 42 4.47 11.55 -17.39
C SER A 42 3.08 11.47 -16.79
N CYS A 43 2.11 12.10 -17.42
CA CYS A 43 0.76 12.33 -16.87
C CYS A 43 -0.28 11.64 -17.77
N SER A 44 -1.26 10.96 -17.15
CA SER A 44 -2.53 10.58 -17.81
C SER A 44 -3.49 11.76 -17.65
N PRO A 45 -4.76 11.70 -18.11
CA PRO A 45 -5.68 12.82 -17.91
C PRO A 45 -6.18 12.89 -16.47
N LEU A 46 -5.76 11.94 -15.61
CA LEU A 46 -6.13 11.81 -14.16
C LEU A 46 -4.92 11.81 -13.21
N GLU A 47 -3.70 11.51 -13.60
CA GLU A 47 -2.63 11.69 -12.57
C GLU A 47 -1.24 11.73 -13.22
N CYS A 48 -0.23 12.15 -12.44
CA CYS A 48 1.16 12.26 -12.90
C CYS A 48 1.94 11.22 -12.13
N ARG A 49 2.93 10.58 -12.78
CA ARG A 49 3.68 9.45 -12.24
C ARG A 49 5.16 9.66 -12.55
N THR A 50 6.03 9.21 -11.64
CA THR A 50 7.47 9.12 -11.84
C THR A 50 7.82 7.69 -12.29
N PHE A 51 8.32 7.62 -13.50
CA PHE A 51 8.90 6.47 -14.21
C PHE A 51 10.40 6.51 -13.84
N PHE A 52 11.00 5.36 -13.67
CA PHE A 52 12.44 5.30 -13.33
C PHE A 52 12.97 3.90 -13.65
N LEU A 53 14.28 3.82 -13.87
CA LEU A 53 14.95 2.52 -14.01
C LEU A 53 15.57 2.15 -12.65
N THR A 54 15.42 0.91 -12.19
CA THR A 54 16.20 0.39 -11.06
C THR A 54 17.04 -0.81 -11.50
N GLN A 55 17.93 -1.30 -10.66
CA GLN A 55 18.69 -2.52 -11.03
C GLN A 55 18.29 -3.59 -10.05
N GLY A 56 17.12 -3.43 -9.43
CA GLY A 56 16.62 -4.47 -8.54
C GLY A 56 17.48 -4.54 -7.30
N ALA A 57 17.81 -3.38 -6.77
CA ALA A 57 18.56 -3.22 -5.51
C ALA A 57 17.99 -2.02 -4.76
N LEU A 58 18.09 -2.08 -3.44
CA LEU A 58 17.70 -0.98 -2.52
C LEU A 58 18.93 -0.24 -2.00
N LEU A 59 18.69 1.00 -1.62
CA LEU A 59 19.72 1.85 -0.96
C LEU A 59 20.17 1.18 0.33
N ASN A 60 21.45 1.28 0.59
CA ASN A 60 22.08 0.83 1.86
C ASN A 60 22.13 -0.70 1.92
N ASP A 61 22.00 -1.39 0.79
CA ASP A 61 22.22 -2.84 0.68
C ASP A 61 23.39 -3.12 -0.28
N LYS A 62 24.05 -4.26 -0.10
CA LYS A 62 25.28 -4.64 -0.87
C LYS A 62 24.98 -4.73 -2.39
N HIS A 63 23.76 -5.06 -2.80
CA HIS A 63 23.43 -5.20 -4.22
C HIS A 63 23.37 -3.83 -4.87
N SER A 64 23.41 -2.71 -4.11
CA SER A 64 23.54 -1.34 -4.67
C SER A 64 24.93 -1.09 -5.29
N ASN A 65 25.89 -1.93 -4.99
CA ASN A 65 27.28 -1.83 -5.52
C ASN A 65 27.15 -1.79 -7.04
N GLY A 66 27.64 -0.79 -7.75
CA GLY A 66 27.33 -0.71 -9.19
C GLY A 66 28.45 -0.13 -10.01
N THR A 67 28.22 -0.04 -11.32
CA THR A 67 29.06 0.66 -12.32
C THR A 67 28.17 1.75 -12.95
N ILE A 68 28.77 2.91 -13.31
CA ILE A 68 28.14 4.19 -13.79
C ILE A 68 27.15 3.94 -14.93
N LYS A 69 27.58 3.19 -15.93
CA LYS A 69 26.72 2.72 -17.04
C LYS A 69 26.58 1.22 -16.84
N ASP A 70 25.36 0.70 -16.88
CA ASP A 70 25.24 -0.78 -16.96
C ASP A 70 23.83 -1.14 -17.42
N ARG A 71 23.87 -1.65 -18.64
CA ARG A 71 22.77 -2.31 -19.35
C ARG A 71 22.71 -3.73 -18.82
N SER A 72 22.22 -3.91 -17.61
CA SER A 72 22.15 -5.24 -16.96
C SER A 72 20.78 -5.87 -17.20
N PRO A 73 20.72 -7.22 -17.17
CA PRO A 73 19.45 -7.93 -17.19
C PRO A 73 18.56 -7.68 -15.95
N TYR A 74 19.10 -7.09 -14.88
CA TYR A 74 18.34 -6.81 -13.65
C TYR A 74 17.58 -5.49 -13.78
N ARG A 75 17.91 -4.63 -14.75
CA ARG A 75 17.26 -3.30 -14.86
C ARG A 75 15.79 -3.46 -15.27
N THR A 76 14.89 -2.78 -14.55
CA THR A 76 13.45 -2.75 -14.87
C THR A 76 12.96 -1.30 -14.82
N LEU A 77 12.00 -1.00 -15.69
CA LEU A 77 11.23 0.25 -15.68
C LEU A 77 10.07 0.04 -14.73
N MET A 78 9.89 0.95 -13.78
CA MET A 78 8.83 0.91 -12.76
C MET A 78 8.26 2.32 -12.64
N SER A 79 7.10 2.48 -12.04
CA SER A 79 6.52 3.81 -11.79
C SER A 79 5.88 3.91 -10.42
N CYS A 80 6.01 5.08 -9.78
CA CYS A 80 5.25 5.43 -8.57
C CYS A 80 4.57 6.79 -8.72
N PRO A 81 3.69 7.20 -7.79
CA PRO A 81 3.04 8.52 -7.87
C PRO A 81 4.07 9.63 -7.67
N ILE A 82 3.78 10.79 -8.23
CA ILE A 82 4.78 11.88 -8.21
C ILE A 82 5.05 12.30 -6.75
N GLY A 83 6.30 12.64 -6.42
CA GLY A 83 6.66 13.13 -5.08
C GLY A 83 6.85 12.00 -4.09
N GLU A 84 6.51 10.75 -4.44
CA GLU A 84 6.64 9.64 -3.45
C GLU A 84 8.00 8.97 -3.67
N VAL A 85 8.60 8.43 -2.62
CA VAL A 85 9.87 7.72 -2.85
C VAL A 85 9.58 6.48 -3.67
N PRO A 86 10.50 6.12 -4.59
CA PRO A 86 10.36 4.85 -5.32
C PRO A 86 10.71 3.63 -4.46
N SER A 87 9.68 2.95 -3.96
CA SER A 87 9.86 1.81 -3.04
CA SER A 87 9.87 1.80 -3.04
C SER A 87 9.27 0.55 -3.66
N PRO A 88 9.79 -0.65 -3.30
CA PRO A 88 9.16 -1.90 -3.68
C PRO A 88 7.71 -1.94 -3.21
N TYR A 89 7.33 -1.15 -2.23
CA TYR A 89 5.96 -1.21 -1.62
C TYR A 89 4.97 -0.25 -2.31
N ASN A 90 5.37 0.70 -3.12
CA ASN A 90 4.44 1.70 -3.70
C ASN A 90 4.61 1.80 -5.23
N SER A 91 5.55 1.01 -5.80
CA SER A 91 5.99 1.06 -7.21
C SER A 91 5.33 -0.05 -8.04
N ARG A 92 4.82 0.31 -9.21
CA ARG A 92 4.19 -0.56 -10.23
C ARG A 92 5.27 -0.97 -11.20
N PHE A 93 5.25 -2.24 -11.55
CA PHE A 93 6.18 -2.85 -12.52
C PHE A 93 5.71 -2.42 -13.91
N GLU A 94 6.59 -1.93 -14.78
CA GLU A 94 6.21 -1.59 -16.20
C GLU A 94 6.89 -2.58 -17.16
N SER A 95 8.20 -2.78 -17.11
CA SER A 95 8.91 -3.44 -18.25
C SER A 95 10.30 -3.80 -17.83
N VAL A 96 10.87 -4.86 -18.41
CA VAL A 96 12.32 -5.13 -18.26
C VAL A 96 13.06 -4.18 -19.21
N ALA A 97 13.93 -3.33 -18.68
CA ALA A 97 14.46 -2.18 -19.47
C ALA A 97 15.76 -1.65 -18.88
N TRP A 98 16.76 -1.43 -19.75
CA TRP A 98 17.91 -0.57 -19.44
C TRP A 98 17.86 0.76 -20.24
N SER A 99 16.81 0.99 -21.04
CA SER A 99 16.49 2.26 -21.75
C SER A 99 14.97 2.30 -21.98
N ALA A 100 14.33 3.45 -21.87
CA ALA A 100 12.85 3.48 -21.71
C ALA A 100 12.25 4.80 -22.14
N SER A 101 10.96 4.73 -22.44
CA SER A 101 10.00 5.87 -22.56
C SER A 101 8.60 5.37 -22.19
N ALA A 102 7.69 6.28 -21.85
CA ALA A 102 6.25 6.01 -21.55
C ALA A 102 5.50 7.31 -21.80
N CYS A 103 4.20 7.20 -22.06
CA CYS A 103 3.30 8.34 -22.32
C CYS A 103 1.88 7.79 -22.48
N HIS A 104 0.91 8.58 -22.05
CA HIS A 104 -0.51 8.20 -22.02
C HIS A 104 -1.18 8.94 -23.19
N ASP A 105 -1.89 8.22 -24.04
CA ASP A 105 -2.57 8.77 -25.25
C ASP A 105 -3.94 9.36 -24.87
N GLY A 106 -4.35 9.28 -23.60
CA GLY A 106 -5.72 9.63 -23.13
C GLY A 106 -6.54 8.39 -22.83
N ILE A 107 -6.17 7.24 -23.41
CA ILE A 107 -6.91 5.97 -23.17
C ILE A 107 -6.07 5.05 -22.28
N ASN A 108 -4.83 4.76 -22.65
CA ASN A 108 -4.01 3.83 -21.86
C ASN A 108 -2.56 4.28 -21.93
N TRP A 109 -1.77 3.70 -21.04
CA TRP A 109 -0.31 3.95 -20.94
C TRP A 109 0.34 3.17 -22.06
N LEU A 110 1.23 3.83 -22.77
CA LEU A 110 2.28 3.14 -23.59
C LEU A 110 3.56 3.11 -22.78
N THR A 111 4.27 1.99 -22.78
CA THR A 111 5.61 1.87 -22.18
C THR A 111 6.51 1.24 -23.21
N ILE A 112 7.73 1.77 -23.33
CA ILE A 112 8.77 1.23 -24.23
C ILE A 112 9.97 0.85 -23.38
N GLY A 113 10.29 -0.44 -23.38
CA GLY A 113 11.36 -1.01 -22.56
C GLY A 113 12.38 -1.72 -23.43
N ILE A 114 13.63 -1.28 -23.42
CA ILE A 114 14.67 -1.94 -24.25
C ILE A 114 15.53 -2.79 -23.33
N SER A 115 15.70 -4.05 -23.68
CA SER A 115 16.58 -4.97 -22.95
C SER A 115 17.29 -5.86 -23.96
N GLY A 116 18.07 -6.81 -23.49
CA GLY A 116 18.83 -7.63 -24.42
C GLY A 116 20.26 -7.15 -24.59
N PRO A 117 21.01 -7.88 -25.45
CA PRO A 117 22.44 -7.62 -25.67
C PRO A 117 22.69 -6.36 -26.51
N ASP A 118 23.87 -5.77 -26.34
CA ASP A 118 24.26 -4.54 -27.06
C ASP A 118 24.15 -4.75 -28.58
N ASN A 119 24.47 -5.94 -29.09
CA ASN A 119 24.58 -6.20 -30.56
C ASN A 119 23.19 -6.55 -31.08
N GLY A 120 22.13 -6.55 -30.27
CA GLY A 120 20.81 -6.95 -30.79
C GLY A 120 19.69 -6.66 -29.82
N ALA A 121 19.61 -5.43 -29.31
CA ALA A 121 18.65 -5.10 -28.24
C ALA A 121 17.25 -5.02 -28.86
N VAL A 122 16.25 -5.23 -28.00
CA VAL A 122 14.81 -5.25 -28.37
C VAL A 122 14.04 -4.36 -27.42
N ALA A 123 13.28 -3.46 -28.04
CA ALA A 123 12.27 -2.61 -27.43
C ALA A 123 10.98 -3.42 -27.37
N VAL A 124 10.43 -3.55 -26.17
CA VAL A 124 9.12 -4.22 -25.94
C VAL A 124 8.12 -3.08 -25.74
N LEU A 125 7.11 -2.96 -26.60
CA LEU A 125 6.06 -1.93 -26.37
C LEU A 125 4.88 -2.63 -25.68
N LYS A 126 4.33 -1.96 -24.69
CA LYS A 126 3.10 -2.37 -23.99
C LYS A 126 2.11 -1.23 -24.03
N TYR A 127 0.85 -1.60 -24.22
CA TYR A 127 -0.31 -0.71 -24.14
C TYR A 127 -1.23 -1.32 -23.08
N ASN A 128 -1.48 -0.59 -22.00
CA ASN A 128 -2.24 -1.07 -20.84
C ASN A 128 -1.56 -2.34 -20.30
N GLY A 129 -0.24 -2.42 -20.36
CA GLY A 129 0.53 -3.48 -19.68
C GLY A 129 0.62 -4.75 -20.50
N ILE A 130 0.01 -4.76 -21.67
CA ILE A 130 -0.03 -5.95 -22.56
C ILE A 130 1.01 -5.69 -23.65
N ILE A 131 1.83 -6.65 -24.01
CA ILE A 131 2.78 -6.47 -25.16
C ILE A 131 2.01 -6.34 -26.46
N THR A 132 2.28 -5.26 -27.21
CA THR A 132 1.59 -4.91 -28.48
C THR A 132 2.60 -4.83 -29.63
N ASP A 133 3.89 -4.72 -29.38
CA ASP A 133 4.85 -4.71 -30.52
C ASP A 133 6.26 -4.86 -29.97
N THR A 134 7.21 -5.18 -30.85
CA THR A 134 8.66 -5.18 -30.53
C THR A 134 9.35 -4.51 -31.68
N ILE A 135 10.50 -3.91 -31.45
CA ILE A 135 11.38 -3.49 -32.57
C ILE A 135 12.83 -3.79 -32.19
N LYS A 136 13.55 -4.41 -33.09
CA LYS A 136 14.93 -4.85 -32.76
C LYS A 136 15.95 -3.84 -33.30
N SER A 137 17.12 -3.81 -32.67
CA SER A 137 18.25 -3.02 -33.14
C SER A 137 18.44 -3.27 -34.66
N TRP A 138 18.60 -2.19 -35.44
CA TRP A 138 18.90 -2.16 -36.91
C TRP A 138 20.37 -1.79 -37.18
N ARG A 139 21.19 -1.41 -36.19
CA ARG A 139 22.64 -1.20 -36.38
C ARG A 139 23.43 -2.06 -35.41
N ASN A 140 22.76 -2.79 -34.53
CA ASN A 140 23.45 -3.74 -33.62
C ASN A 140 24.43 -2.99 -32.70
N ASN A 141 24.06 -1.80 -32.26
CA ASN A 141 24.96 -0.92 -31.48
C ASN A 141 24.11 -0.09 -30.47
N ILE A 142 23.60 -0.83 -29.49
CA ILE A 142 22.89 -0.32 -28.28
C ILE A 142 21.68 0.49 -28.76
N LEU A 143 20.67 -0.16 -29.36
CA LEU A 143 19.36 0.47 -29.56
C LEU A 143 19.00 1.18 -28.24
N ARG A 144 18.57 2.42 -28.30
CA ARG A 144 18.25 3.18 -27.08
C ARG A 144 17.27 4.30 -27.39
N THR A 145 16.64 4.85 -26.35
CA THR A 145 15.59 5.85 -26.51
C THR A 145 15.63 6.96 -25.44
N GLN A 146 14.53 7.68 -25.32
CA GLN A 146 14.44 9.04 -24.70
C GLN A 146 14.92 9.12 -23.23
N GLU A 147 14.52 8.19 -22.37
CA GLU A 147 14.59 8.26 -20.88
C GLU A 147 13.74 9.45 -20.42
N SER A 148 12.71 9.79 -21.20
CA SER A 148 11.65 10.69 -20.75
C SER A 148 10.38 10.37 -21.56
N GLU A 149 9.36 11.13 -21.31
CA GLU A 149 8.02 10.85 -21.85
C GLU A 149 8.07 10.99 -23.38
N CYS A 150 7.40 10.03 -23.99
CA CYS A 150 6.96 10.16 -25.41
C CYS A 150 5.79 11.16 -25.50
N ALA A 151 5.37 11.52 -26.71
CA ALA A 151 4.43 12.63 -26.92
C ALA A 151 3.24 12.13 -27.77
N CYS A 152 2.02 12.56 -27.38
CA CYS A 152 0.76 12.05 -27.95
C CYS A 152 -0.07 13.17 -28.55
N VAL A 153 -0.59 12.92 -29.78
CA VAL A 153 -1.50 13.80 -30.55
C VAL A 153 -2.55 12.92 -31.20
N ASN A 154 -3.78 13.15 -30.83
CA ASN A 154 -4.97 12.54 -31.46
C ASN A 154 -4.82 11.02 -31.62
N GLY A 155 -4.38 10.31 -30.59
CA GLY A 155 -4.41 8.83 -30.59
C GLY A 155 -3.12 8.20 -31.09
N SER A 156 -2.17 9.01 -31.50
CA SER A 156 -0.82 8.56 -31.89
C SER A 156 0.22 9.07 -30.89
N CYS A 157 1.19 8.25 -30.59
CA CYS A 157 2.31 8.61 -29.73
C CYS A 157 3.61 8.51 -30.54
N PHE A 158 4.56 9.37 -30.23
CA PHE A 158 5.78 9.61 -31.04
C PHE A 158 6.99 9.50 -30.13
N THR A 159 8.06 8.84 -30.58
CA THR A 159 9.34 8.75 -29.87
C THR A 159 10.46 8.74 -30.90
N VAL A 160 11.68 8.83 -30.38
CA VAL A 160 12.94 8.82 -31.16
C VAL A 160 13.81 7.71 -30.58
N MET A 161 14.40 6.90 -31.44
CA MET A 161 15.44 5.99 -30.96
C MET A 161 16.71 6.19 -31.78
N THR A 162 17.81 5.84 -31.16
CA THR A 162 19.17 5.93 -31.76
C THR A 162 19.81 4.55 -31.76
N ASP A 163 20.57 4.26 -32.78
CA ASP A 163 21.33 2.97 -32.82
C ASP A 163 22.62 3.29 -33.55
N GLY A 164 23.75 2.90 -32.97
CA GLY A 164 25.07 3.32 -33.46
C GLY A 164 25.98 3.94 -32.40
N PRO A 165 27.11 4.52 -32.88
CA PRO A 165 28.08 5.17 -32.00
C PRO A 165 27.45 6.27 -31.11
N SER A 166 27.97 6.39 -29.89
CA SER A 166 27.67 7.52 -28.97
C SER A 166 28.76 8.60 -29.12
N ASN A 167 29.81 8.36 -29.93
CA ASN A 167 30.98 9.28 -30.02
C ASN A 167 31.27 9.58 -31.49
N GLY A 168 30.24 9.49 -32.31
CA GLY A 168 30.34 9.64 -33.77
C GLY A 168 28.98 9.60 -34.40
N GLN A 169 28.94 9.75 -35.70
CA GLN A 169 27.68 9.63 -36.48
C GLN A 169 26.95 8.32 -36.13
N ALA A 170 25.66 8.45 -35.82
CA ALA A 170 24.78 7.33 -35.47
C ALA A 170 23.57 7.39 -36.38
N SER A 171 22.66 6.42 -36.23
CA SER A 171 21.35 6.42 -36.92
C SER A 171 20.25 6.80 -35.92
N TYR A 172 19.32 7.68 -36.36
CA TYR A 172 18.22 8.25 -35.54
C TYR A 172 16.91 7.95 -36.26
N LYS A 173 15.94 7.34 -35.59
CA LYS A 173 14.62 7.03 -36.21
C LYS A 173 13.51 7.66 -35.39
N ILE A 174 12.52 8.14 -36.10
CA ILE A 174 11.25 8.63 -35.51
C ILE A 174 10.16 7.58 -35.72
N PHE A 175 9.30 7.39 -34.72
CA PHE A 175 8.24 6.34 -34.68
C PHE A 175 6.88 6.94 -34.41
N ARG A 176 5.87 6.52 -35.18
CA ARG A 176 4.45 6.78 -34.87
C ARG A 176 3.84 5.46 -34.35
N ILE A 177 3.20 5.52 -33.18
CA ILE A 177 2.68 4.32 -32.44
C ILE A 177 1.20 4.58 -32.14
N GLU A 178 0.33 3.62 -32.46
CA GLU A 178 -1.12 3.70 -32.10
C GLU A 178 -1.52 2.41 -31.37
N LYS A 179 -2.07 2.59 -30.16
CA LYS A 179 -2.39 1.50 -29.20
C LYS A 179 -1.20 0.53 -29.14
N GLY A 180 0.00 1.09 -29.08
CA GLY A 180 1.20 0.29 -28.76
C GLY A 180 1.75 -0.44 -29.97
N LYS A 181 1.22 -0.14 -31.16
CA LYS A 181 1.66 -0.77 -32.43
C LYS A 181 2.41 0.29 -33.26
N ILE A 182 3.62 -0.03 -33.71
CA ILE A 182 4.40 0.92 -34.58
C ILE A 182 3.69 0.89 -35.94
N VAL A 183 3.13 2.00 -36.37
CA VAL A 183 2.41 2.09 -37.67
C VAL A 183 3.27 2.79 -38.71
N LYS A 184 4.30 3.56 -38.31
CA LYS A 184 5.23 4.23 -39.27
C LYS A 184 6.54 4.53 -38.55
N SER A 185 7.66 4.44 -39.24
CA SER A 185 8.99 4.92 -38.78
C SER A 185 9.74 5.50 -39.96
N VAL A 186 10.54 6.52 -39.69
CA VAL A 186 11.42 7.21 -40.69
C VAL A 186 12.79 7.34 -40.08
N GLU A 187 13.80 7.07 -40.87
CA GLU A 187 15.19 7.40 -40.50
C GLU A 187 15.49 8.85 -40.86
N MET A 188 16.11 9.58 -39.95
CA MET A 188 16.46 10.99 -40.16
C MET A 188 17.68 11.11 -41.07
N ASN A 189 17.57 11.97 -42.07
CA ASN A 189 18.75 12.42 -42.84
C ASN A 189 19.37 13.56 -42.03
N ALA A 190 20.42 13.23 -41.27
CA ALA A 190 21.02 14.16 -40.29
C ALA A 190 22.54 14.00 -40.24
N PRO A 191 23.23 14.21 -41.39
CA PRO A 191 24.68 14.02 -41.44
C PRO A 191 25.33 15.12 -40.60
N ASN A 192 26.30 14.73 -39.78
CA ASN A 192 27.06 15.68 -38.90
C ASN A 192 26.24 16.08 -37.66
N TYR A 193 25.03 15.52 -37.49
CA TYR A 193 24.16 15.73 -36.30
C TYR A 193 24.25 14.50 -35.40
N HIS A 194 23.97 14.68 -34.11
CA HIS A 194 23.93 13.58 -33.11
C HIS A 194 22.76 13.76 -32.13
N TYR A 195 21.91 12.74 -32.07
CA TYR A 195 20.68 12.76 -31.25
C TYR A 195 20.74 11.63 -30.25
N GLU A 196 20.71 12.01 -28.96
CA GLU A 196 20.63 11.10 -27.81
C GLU A 196 19.52 11.59 -26.86
N GLU A 197 18.84 10.64 -26.24
CA GLU A 197 17.99 10.89 -25.05
C GLU A 197 17.12 12.13 -25.26
N CYS A 198 16.36 12.15 -26.36
CA CYS A 198 15.44 13.26 -26.70
C CYS A 198 14.36 13.59 -25.65
N SER A 199 14.08 14.87 -25.46
CA SER A 199 12.92 15.28 -24.64
C SER A 199 11.90 15.85 -25.63
N CYS A 200 10.82 15.13 -25.83
CA CYS A 200 9.84 15.39 -26.91
C CYS A 200 8.53 15.84 -26.27
N TYR A 201 7.90 16.84 -26.88
CA TYR A 201 6.60 17.37 -26.39
C TYR A 201 5.71 17.77 -27.58
N PRO A 202 4.39 17.67 -27.38
CA PRO A 202 3.45 18.09 -28.39
C PRO A 202 3.19 19.61 -28.27
N ASP A 203 2.91 20.23 -29.41
CA ASP A 203 2.60 21.68 -29.53
C ASP A 203 1.86 21.86 -30.86
N SER A 204 0.59 22.24 -30.82
CA SER A 204 -0.23 22.48 -32.04
C SER A 204 -0.09 21.31 -33.03
N SER A 205 -0.32 20.07 -32.58
CA SER A 205 -0.48 18.85 -33.40
C SER A 205 0.85 18.39 -33.95
N GLU A 206 1.93 19.06 -33.57
CA GLU A 206 3.29 18.66 -33.99
C GLU A 206 4.12 18.35 -32.74
N ILE A 207 5.20 17.61 -32.93
CA ILE A 207 6.10 17.20 -31.83
C ILE A 207 7.38 17.99 -31.98
N THR A 208 7.94 18.52 -30.90
CA THR A 208 9.32 19.07 -30.91
C THR A 208 10.17 18.31 -29.89
N CYS A 209 11.31 17.81 -30.35
CA CYS A 209 12.28 17.08 -29.54
C CYS A 209 13.54 17.95 -29.40
N VAL A 210 13.99 18.16 -28.17
CA VAL A 210 15.32 18.75 -27.89
C VAL A 210 16.17 17.66 -27.26
N CYS A 211 17.37 17.44 -27.76
CA CYS A 211 18.12 16.21 -27.45
C CYS A 211 19.58 16.52 -27.01
N ARG A 212 20.39 15.47 -26.98
CA ARG A 212 21.77 15.51 -26.48
C ARG A 212 22.70 15.10 -27.63
N ASP A 213 23.59 15.99 -28.06
CA ASP A 213 24.69 15.66 -29.00
C ASP A 213 25.88 15.16 -28.18
N ASN A 214 26.11 13.85 -28.17
CA ASN A 214 27.21 13.25 -27.37
C ASN A 214 28.54 13.22 -28.15
N TRP A 215 28.47 13.49 -29.46
CA TRP A 215 29.63 13.48 -30.39
C TRP A 215 30.40 14.81 -30.36
N HIS A 216 29.76 15.94 -30.65
CA HIS A 216 30.56 17.14 -30.99
C HIS A 216 29.77 18.44 -30.94
N GLY A 217 28.80 18.54 -30.05
CA GLY A 217 27.95 19.73 -29.88
C GLY A 217 27.70 20.03 -28.41
N SER A 218 28.00 21.26 -27.97
CA SER A 218 27.75 21.70 -26.59
C SER A 218 26.43 22.50 -26.56
N ASN A 219 25.88 22.83 -27.73
CA ASN A 219 24.49 23.28 -27.90
C ASN A 219 23.62 22.06 -28.12
N ARG A 220 22.31 22.19 -28.00
CA ARG A 220 21.41 21.01 -28.13
C ARG A 220 20.85 20.90 -29.54
N PRO A 221 20.86 19.68 -30.10
CA PRO A 221 20.16 19.44 -31.36
C PRO A 221 18.63 19.41 -31.12
N TRP A 222 17.85 19.68 -32.16
CA TRP A 222 16.37 19.52 -32.13
C TRP A 222 15.89 18.85 -33.42
N VAL A 223 14.70 18.23 -33.31
CA VAL A 223 13.96 17.66 -34.46
C VAL A 223 12.49 17.87 -34.20
N SER A 224 11.78 18.41 -35.18
CA SER A 224 10.32 18.61 -35.03
C SER A 224 9.65 17.88 -36.19
N PHE A 225 8.44 17.39 -35.98
CA PHE A 225 7.76 16.57 -37.01
C PHE A 225 6.25 16.63 -36.82
N ASN A 226 5.56 16.43 -37.96
CA ASN A 226 4.08 16.29 -37.99
C ASN A 226 3.72 14.82 -37.79
N GLN A 227 2.42 14.55 -37.71
CA GLN A 227 1.87 13.16 -37.54
C GLN A 227 2.30 12.22 -38.64
N ASN A 228 2.61 12.74 -39.82
CA ASN A 228 3.09 11.90 -40.96
C ASN A 228 4.59 11.68 -40.91
N LEU A 229 5.29 12.12 -39.84
CA LEU A 229 6.76 11.99 -39.63
C LEU A 229 7.53 12.76 -40.70
N GLU A 230 6.95 13.82 -41.22
CA GLU A 230 7.71 14.78 -42.05
C GLU A 230 8.43 15.70 -41.05
N TYR A 231 9.76 15.84 -41.14
CA TYR A 231 10.57 16.39 -40.04
C TYR A 231 11.42 17.58 -40.49
N GLN A 232 11.85 18.37 -39.53
CA GLN A 232 12.81 19.45 -39.74
C GLN A 232 13.89 19.24 -38.71
N ILE A 233 15.14 19.63 -38.97
CA ILE A 233 16.22 19.47 -37.97
C ILE A 233 17.00 20.78 -37.79
N GLY A 234 17.68 20.90 -36.66
CA GLY A 234 18.46 22.09 -36.32
C GLY A 234 19.22 21.90 -35.02
N TYR A 235 19.95 22.94 -34.62
CA TYR A 235 20.55 23.04 -33.25
C TYR A 235 20.08 24.34 -32.66
N ILE A 236 19.97 24.39 -31.33
CA ILE A 236 19.57 25.66 -30.69
C ILE A 236 20.71 26.65 -30.95
N CYS A 237 20.38 27.82 -31.52
CA CYS A 237 21.37 28.83 -31.97
C CYS A 237 21.97 29.63 -30.82
N SER A 238 21.25 29.76 -29.72
CA SER A 238 21.62 30.65 -28.61
C SER A 238 23.07 30.39 -28.13
N GLY A 239 23.78 31.50 -27.86
CA GLY A 239 25.09 31.56 -27.16
C GLY A 239 25.01 31.11 -25.70
N ILE A 240 23.80 31.04 -25.14
CA ILE A 240 23.54 30.37 -23.83
C ILE A 240 23.58 28.85 -24.08
N PHE A 241 24.77 28.25 -24.04
CA PHE A 241 24.95 26.82 -24.40
C PHE A 241 24.18 25.94 -23.42
N GLY A 242 23.53 24.88 -23.92
CA GLY A 242 22.56 24.09 -23.12
C GLY A 242 23.14 22.81 -22.53
N ASP A 243 24.20 22.24 -23.12
CA ASP A 243 24.70 20.90 -22.77
C ASP A 243 25.64 21.03 -21.56
N ASN A 244 26.03 19.89 -21.05
CA ASN A 244 27.04 19.73 -19.99
C ASN A 244 27.84 18.51 -20.40
N PRO A 245 29.17 18.63 -20.62
CA PRO A 245 29.91 19.88 -20.49
C PRO A 245 29.69 20.86 -21.65
N ARG A 246 30.25 22.06 -21.53
CA ARG A 246 30.04 23.16 -22.47
C ARG A 246 31.10 24.23 -22.17
N PRO A 247 31.30 25.23 -23.07
CA PRO A 247 32.10 26.39 -22.75
C PRO A 247 31.26 27.42 -21.98
N ASN A 248 31.92 28.46 -21.47
CA ASN A 248 31.19 29.65 -20.98
C ASN A 248 30.44 30.25 -22.16
N ASP A 249 29.38 31.00 -21.88
CA ASP A 249 28.49 31.57 -22.92
C ASP A 249 29.25 32.58 -23.79
N LYS A 250 29.01 32.54 -25.10
CA LYS A 250 29.68 33.41 -26.10
C LYS A 250 28.75 33.41 -27.32
N THR A 251 29.22 33.72 -28.51
CA THR A 251 28.41 33.63 -29.77
C THR A 251 28.09 32.16 -30.04
N GLY A 252 26.81 31.84 -30.24
CA GLY A 252 26.34 30.48 -30.54
C GLY A 252 26.47 30.11 -32.00
N SER A 253 26.01 28.92 -32.36
CA SER A 253 25.90 28.44 -33.74
C SER A 253 24.58 27.70 -33.96
N CYS A 254 24.04 27.79 -35.18
CA CYS A 254 22.81 27.06 -35.60
C CYS A 254 23.17 25.64 -35.98
N GLY A 255 24.47 25.36 -36.04
CA GLY A 255 25.02 23.99 -36.17
C GLY A 255 25.71 23.60 -34.85
N PRO A 256 26.30 22.40 -34.79
CA PRO A 256 26.84 21.92 -33.53
C PRO A 256 28.07 22.73 -33.14
N VAL A 257 28.13 23.17 -31.86
CA VAL A 257 29.28 23.90 -31.27
C VAL A 257 30.29 22.87 -30.77
N SER A 258 31.46 22.79 -31.45
CA SER A 258 32.44 21.71 -31.25
C SER A 258 33.18 21.93 -29.93
N SER A 259 33.32 23.17 -29.45
CA SER A 259 34.01 23.50 -28.18
C SER A 259 33.35 22.73 -27.01
N ASN A 260 34.10 21.85 -26.34
CA ASN A 260 33.55 20.99 -25.24
C ASN A 260 32.36 20.15 -25.71
N GLY A 261 32.35 19.76 -26.98
CA GLY A 261 31.17 19.20 -27.66
C GLY A 261 30.96 17.76 -27.29
N ALA A 262 32.05 17.03 -27.08
CA ALA A 262 31.96 15.59 -26.78
C ALA A 262 31.27 15.41 -25.41
N ASN A 263 30.66 14.25 -25.23
CA ASN A 263 29.94 13.86 -23.99
CA ASN A 263 29.97 13.89 -23.97
C ASN A 263 28.73 14.79 -23.86
N GLY A 264 28.05 14.74 -22.73
CA GLY A 264 26.82 15.51 -22.65
C GLY A 264 26.00 15.06 -21.49
N VAL A 265 24.79 15.63 -21.39
CA VAL A 265 23.80 15.26 -20.34
C VAL A 265 22.42 15.35 -20.99
N LYS A 266 21.52 14.43 -20.61
CA LYS A 266 20.14 14.49 -21.08
C LYS A 266 19.61 15.85 -20.58
N GLY A 267 19.00 16.58 -21.50
CA GLY A 267 18.29 17.83 -21.17
C GLY A 267 17.07 18.07 -22.02
N PHE A 268 16.55 19.28 -21.92
CA PHE A 268 15.31 19.71 -22.61
C PHE A 268 15.41 21.22 -22.84
N SER A 269 14.50 21.68 -23.68
CA SER A 269 14.20 23.11 -23.93
C SER A 269 12.80 23.20 -24.52
N PHE A 270 12.17 24.37 -24.38
CA PHE A 270 10.81 24.69 -24.92
C PHE A 270 10.95 25.84 -25.92
N LYS A 271 10.53 25.63 -27.17
CA LYS A 271 10.49 26.66 -28.26
C LYS A 271 9.21 27.52 -28.12
N TYR A 272 9.36 28.84 -28.17
CA TYR A 272 8.25 29.83 -28.31
C TYR A 272 8.61 30.81 -29.42
N GLY A 273 8.18 30.52 -30.63
CA GLY A 273 8.61 31.22 -31.84
C GLY A 273 10.11 31.22 -32.02
N ASN A 274 10.72 32.40 -32.03
CA ASN A 274 12.19 32.58 -32.13
C ASN A 274 12.81 32.40 -30.74
N GLY A 275 11.98 32.35 -29.68
CA GLY A 275 12.53 32.32 -28.31
C GLY A 275 12.76 30.90 -27.81
N VAL A 276 13.45 30.77 -26.67
CA VAL A 276 13.60 29.45 -26.02
C VAL A 276 13.72 29.60 -24.51
N TRP A 277 13.06 28.70 -23.80
CA TRP A 277 13.30 28.43 -22.36
C TRP A 277 14.29 27.28 -22.31
N ILE A 278 15.50 27.58 -21.86
CA ILE A 278 16.61 26.60 -21.69
C ILE A 278 16.68 26.20 -20.23
N GLY A 279 16.65 24.91 -19.94
CA GLY A 279 17.01 24.33 -18.65
C GLY A 279 18.41 23.81 -18.73
N ARG A 280 19.29 24.16 -17.77
CA ARG A 280 20.67 23.69 -17.88
C ARG A 280 21.33 23.60 -16.49
N THR A 281 22.43 22.85 -16.43
CA THR A 281 23.34 22.92 -15.26
C THR A 281 23.85 24.37 -15.08
N LYS A 282 24.22 24.73 -13.87
CA LYS A 282 24.98 25.99 -13.62
C LYS A 282 26.49 25.78 -13.85
N SER A 283 27.03 24.56 -13.59
CA SER A 283 28.43 24.20 -13.88
C SER A 283 28.62 23.97 -15.38
N ILE A 284 29.75 24.42 -15.92
CA ILE A 284 30.12 24.17 -17.36
C ILE A 284 30.82 22.83 -17.47
N SER A 285 31.32 22.25 -16.35
CA SER A 285 32.16 21.02 -16.47
C SER A 285 31.48 19.79 -15.88
N SER A 286 30.55 19.94 -14.93
CA SER A 286 29.98 18.80 -14.16
CA SER A 286 29.95 18.77 -14.25
C SER A 286 28.48 19.01 -13.95
N ARG A 287 27.79 17.94 -13.54
CA ARG A 287 26.32 17.92 -13.37
C ARG A 287 26.02 18.50 -11.99
N ASN A 288 26.21 19.81 -11.88
CA ASN A 288 26.00 20.60 -10.64
C ASN A 288 25.15 21.82 -11.00
N GLY A 289 24.22 22.13 -10.10
CA GLY A 289 23.27 23.24 -10.20
C GLY A 289 22.25 23.08 -11.29
N PHE A 290 21.30 24.03 -11.35
CA PHE A 290 20.28 24.03 -12.40
C PHE A 290 19.69 25.41 -12.41
N GLU A 291 19.37 25.84 -13.62
CA GLU A 291 18.76 27.14 -13.89
C GLU A 291 17.88 27.09 -15.15
N MET A 292 16.84 27.90 -15.12
CA MET A 292 15.94 28.12 -16.27
C MET A 292 16.26 29.50 -16.85
N ILE A 293 16.49 29.57 -18.14
CA ILE A 293 16.80 30.85 -18.84
C ILE A 293 15.80 31.09 -20.01
N TRP A 294 15.12 32.23 -19.99
CA TRP A 294 14.33 32.73 -21.13
C TRP A 294 15.22 33.57 -22.05
N ASP A 295 15.48 33.09 -23.28
CA ASP A 295 16.22 33.81 -24.34
C ASP A 295 15.27 34.09 -25.49
N PRO A 296 14.70 35.32 -25.60
CA PRO A 296 13.61 35.55 -26.53
C PRO A 296 14.00 35.45 -28.00
N ASN A 297 15.27 35.37 -28.35
CA ASN A 297 15.65 35.08 -29.76
C ASN A 297 16.63 33.90 -29.81
N GLY A 298 16.65 33.04 -28.79
CA GLY A 298 17.71 32.02 -28.68
C GLY A 298 17.41 30.80 -29.51
N TRP A 299 16.18 30.61 -30.01
CA TRP A 299 15.95 29.43 -30.89
C TRP A 299 16.73 29.65 -32.19
N THR A 300 16.66 30.85 -32.74
CA THR A 300 17.16 31.20 -34.11
C THR A 300 18.33 32.19 -34.09
N GLY A 301 18.62 32.87 -32.98
CA GLY A 301 19.72 33.85 -32.87
C GLY A 301 20.89 33.36 -32.04
N THR A 302 22.08 33.86 -32.33
CA THR A 302 23.37 33.30 -31.83
C THR A 302 23.96 34.17 -30.71
N ASP A 303 23.33 35.30 -30.33
CA ASP A 303 23.91 36.13 -29.24
C ASP A 303 23.80 35.37 -27.92
N ASN A 304 24.49 35.84 -26.88
CA ASN A 304 24.45 35.22 -25.53
C ASN A 304 23.65 36.11 -24.60
N ASN A 305 22.77 36.97 -25.13
CA ASN A 305 21.93 37.84 -24.29
C ASN A 305 20.68 37.07 -23.93
N PHE A 306 20.17 37.22 -22.70
CA PHE A 306 18.87 36.57 -22.31
C PHE A 306 18.04 37.53 -21.49
N SER A 307 16.76 37.25 -21.30
CA SER A 307 15.87 38.20 -20.60
C SER A 307 15.59 37.79 -19.16
N ILE A 308 15.59 36.48 -18.83
CA ILE A 308 15.21 35.93 -17.49
C ILE A 308 16.10 34.72 -17.12
N LYS A 309 16.54 34.67 -15.86
CA LYS A 309 17.22 33.51 -15.25
CA LYS A 309 17.22 33.51 -15.25
C LYS A 309 16.54 33.22 -13.91
N GLN A 310 16.16 31.96 -13.70
CA GLN A 310 15.47 31.52 -12.47
C GLN A 310 16.28 30.36 -11.90
N ASP A 311 16.90 30.60 -10.75
CA ASP A 311 17.67 29.55 -10.03
C ASP A 311 16.77 28.38 -9.64
N ILE A 312 17.29 27.15 -9.79
CA ILE A 312 16.58 25.92 -9.39
C ILE A 312 17.41 25.13 -8.37
N VAL A 313 18.68 24.84 -8.69
CA VAL A 313 19.66 24.20 -7.77
C VAL A 313 20.95 25.02 -7.79
N GLY A 314 21.58 25.19 -6.63
CA GLY A 314 22.73 26.11 -6.58
C GLY A 314 23.93 25.40 -7.19
N ILE A 315 24.89 26.18 -7.62
CA ILE A 315 26.05 25.68 -8.41
C ILE A 315 26.81 24.67 -7.59
N ASN A 316 26.80 24.74 -6.27
CA ASN A 316 27.63 23.79 -5.47
C ASN A 316 26.81 22.53 -5.13
N GLU A 317 25.65 22.34 -5.78
CA GLU A 317 24.76 21.20 -5.43
C GLU A 317 24.64 20.24 -6.61
N TRP A 318 24.47 18.95 -6.30
CA TRP A 318 24.35 17.87 -7.33
C TRP A 318 23.10 18.09 -8.19
N SER A 319 23.27 18.01 -9.49
CA SER A 319 22.09 17.87 -10.38
C SER A 319 22.30 16.60 -11.22
N GLY A 320 21.93 16.62 -12.50
CA GLY A 320 21.86 15.38 -13.30
C GLY A 320 21.04 15.59 -14.55
N TYR A 321 20.44 14.50 -15.01
CA TYR A 321 19.52 14.51 -16.16
C TYR A 321 18.37 15.47 -15.86
N SER A 322 17.77 16.03 -16.92
CA SER A 322 16.45 16.74 -16.84
C SER A 322 15.61 16.34 -18.03
N GLY A 323 14.32 16.62 -17.95
CA GLY A 323 13.50 16.46 -19.15
C GLY A 323 12.20 17.17 -19.02
N SER A 324 11.56 17.33 -20.17
CA SER A 324 10.21 17.90 -20.31
C SER A 324 9.20 16.84 -19.89
N PHE A 325 8.13 17.33 -19.25
CA PHE A 325 6.78 16.73 -19.32
C PHE A 325 5.74 17.84 -19.55
N VAL A 326 4.58 17.41 -20.03
CA VAL A 326 3.48 18.38 -20.27
C VAL A 326 2.25 17.94 -19.53
N GLN A 327 1.39 18.94 -19.27
CA GLN A 327 0.02 18.70 -18.80
C GLN A 327 -0.95 19.23 -19.85
N HIS A 328 -1.71 18.31 -20.43
CA HIS A 328 -2.64 18.56 -21.56
C HIS A 328 -3.91 19.18 -20.96
N PRO A 329 -4.61 20.03 -21.74
CA PRO A 329 -5.90 20.60 -21.32
C PRO A 329 -6.89 19.59 -20.75
N GLU A 330 -6.91 18.34 -21.23
CA GLU A 330 -7.78 17.25 -20.72
C GLU A 330 -7.50 17.02 -19.22
N LEU A 331 -6.28 17.27 -18.73
CA LEU A 331 -5.97 17.17 -17.28
C LEU A 331 -6.26 18.49 -16.53
N THR A 332 -5.77 19.64 -17.00
CA THR A 332 -5.76 20.95 -16.29
C THR A 332 -7.07 21.74 -16.48
N GLY A 333 -7.81 21.53 -17.57
CA GLY A 333 -8.91 22.45 -17.92
C GLY A 333 -8.44 23.75 -18.56
N LEU A 334 -7.16 23.91 -18.84
CA LEU A 334 -6.67 25.09 -19.54
C LEU A 334 -7.02 24.96 -21.04
N ASP A 335 -6.67 25.97 -21.81
CA ASP A 335 -6.87 26.03 -23.28
C ASP A 335 -5.52 25.89 -24.00
N CYS A 336 -4.49 25.45 -23.27
CA CYS A 336 -3.13 25.26 -23.82
C CYS A 336 -2.42 24.12 -23.10
N ILE A 337 -1.37 23.64 -23.73
CA ILE A 337 -0.53 22.54 -23.20
C ILE A 337 0.50 23.16 -22.25
N ARG A 338 0.53 22.72 -21.00
CA ARG A 338 1.34 23.32 -19.91
C ARG A 338 2.71 22.66 -19.89
N PRO A 339 3.80 23.43 -20.03
CA PRO A 339 5.14 22.84 -20.05
C PRO A 339 5.54 22.70 -18.58
N CYS A 340 6.23 21.62 -18.26
CA CYS A 340 6.72 21.32 -16.91
C CYS A 340 8.08 20.64 -17.15
N PHE A 341 8.88 20.47 -16.11
CA PHE A 341 10.19 19.77 -16.20
C PHE A 341 10.58 19.15 -14.87
N TRP A 342 11.38 18.09 -14.97
CA TRP A 342 11.94 17.36 -13.82
C TRP A 342 13.48 17.47 -13.90
N VAL A 343 14.11 17.51 -12.72
CA VAL A 343 15.59 17.37 -12.59
C VAL A 343 15.85 16.18 -11.68
N GLU A 344 16.72 15.26 -12.17
CA GLU A 344 17.37 14.16 -11.39
C GLU A 344 18.59 14.76 -10.67
N LEU A 345 18.62 14.55 -9.34
CA LEU A 345 19.74 14.95 -8.48
C LEU A 345 20.55 13.69 -8.17
N ILE A 346 21.65 13.49 -8.90
CA ILE A 346 22.46 12.22 -8.88
C ILE A 346 23.42 12.30 -7.70
N ARG A 347 23.41 11.26 -6.86
CA ARG A 347 24.30 11.14 -5.68
C ARG A 347 25.14 9.88 -5.83
N GLY A 348 26.37 9.89 -5.32
CA GLY A 348 27.20 8.68 -5.27
C GLY A 348 28.25 8.75 -6.37
N ARG A 349 28.54 7.63 -7.02
CA ARG A 349 29.56 7.56 -8.10
C ARG A 349 29.11 8.34 -9.32
N PRO A 350 30.07 8.92 -10.07
CA PRO A 350 31.50 8.84 -9.73
C PRO A 350 32.07 9.98 -8.88
N LYS A 351 31.24 10.95 -8.51
CA LYS A 351 31.76 12.18 -7.85
C LYS A 351 31.97 11.95 -6.35
N GLU A 352 31.29 10.99 -5.71
CA GLU A 352 31.32 10.88 -4.22
C GLU A 352 31.87 9.52 -3.80
N ASN A 353 32.19 9.34 -2.51
CA ASN A 353 32.92 8.14 -2.02
C ASN A 353 31.95 7.04 -1.57
N THR A 354 31.24 6.47 -2.53
CA THR A 354 30.20 5.43 -2.27
C THR A 354 30.37 4.24 -3.21
N ILE A 355 29.66 3.15 -2.96
CA ILE A 355 29.73 1.96 -3.86
C ILE A 355 28.63 2.07 -4.90
N TRP A 356 27.72 3.03 -4.71
CA TRP A 356 26.42 3.13 -5.40
C TRP A 356 26.24 4.51 -6.03
N THR A 357 25.32 4.57 -6.98
CA THR A 357 24.82 5.82 -7.62
C THR A 357 23.29 5.80 -7.57
N SER A 358 22.64 6.88 -7.13
CA SER A 358 21.18 6.93 -7.12
C SER A 358 20.71 8.38 -7.14
N GLY A 359 19.49 8.59 -7.61
CA GLY A 359 18.97 9.95 -7.82
C GLY A 359 17.73 10.16 -7.00
N SER A 360 17.53 11.38 -6.60
CA SER A 360 16.21 11.84 -6.16
C SER A 360 15.72 12.80 -7.26
N SER A 361 14.54 13.37 -7.10
CA SER A 361 14.03 14.27 -8.16
C SER A 361 13.34 15.50 -7.58
N ILE A 362 13.28 16.53 -8.43
CA ILE A 362 12.44 17.76 -8.27
C ILE A 362 11.69 17.97 -9.59
N SER A 363 10.50 18.59 -9.56
CA SER A 363 9.86 19.05 -10.82
C SER A 363 9.18 20.39 -10.58
N PHE A 364 8.94 21.11 -11.67
CA PHE A 364 8.32 22.45 -11.69
C PHE A 364 7.32 22.51 -12.84
N CYS A 365 6.33 23.38 -12.73
CA CYS A 365 5.40 23.65 -13.85
C CYS A 365 5.45 25.12 -14.20
N GLY A 366 5.44 25.38 -15.50
CA GLY A 366 5.44 26.75 -16.02
C GLY A 366 4.17 27.43 -15.67
N VAL A 367 4.23 28.64 -15.14
CA VAL A 367 3.00 29.44 -14.82
C VAL A 367 3.22 30.88 -15.32
N ASN A 368 2.16 31.71 -15.30
CA ASN A 368 2.23 33.18 -15.52
C ASN A 368 1.98 34.02 -14.27
N SER A 369 1.96 33.42 -13.10
CA SER A 369 1.83 34.13 -11.82
C SER A 369 3.26 34.29 -11.24
N ASP A 370 3.36 34.83 -10.05
CA ASP A 370 4.67 35.09 -9.41
C ASP A 370 5.39 33.77 -9.06
N THR A 371 6.69 33.81 -9.25
CA THR A 371 7.58 32.68 -8.94
C THR A 371 8.80 33.20 -8.22
N VAL A 372 9.65 32.28 -7.79
CA VAL A 372 10.97 32.70 -7.22
C VAL A 372 12.04 31.64 -7.50
N GLY A 373 13.29 32.07 -7.64
CA GLY A 373 14.45 31.19 -7.76
C GLY A 373 14.92 30.75 -6.37
N TRP A 374 15.40 29.53 -6.22
CA TRP A 374 16.05 29.15 -4.95
C TRP A 374 17.00 28.01 -5.27
N SER A 375 17.28 27.19 -4.29
CA SER A 375 17.94 25.88 -4.43
C SER A 375 17.11 24.84 -3.67
N TRP A 376 16.65 23.85 -4.38
CA TRP A 376 16.07 22.61 -3.80
C TRP A 376 16.96 21.42 -4.11
N PRO A 377 18.04 21.17 -3.33
CA PRO A 377 18.95 20.08 -3.61
C PRO A 377 18.53 18.75 -2.98
N ASP A 378 19.34 17.73 -3.23
CA ASP A 378 19.05 16.34 -2.81
C ASP A 378 19.00 16.28 -1.27
N GLY A 379 20.05 16.76 -0.60
CA GLY A 379 20.03 16.88 0.87
C GLY A 379 20.62 15.65 1.59
N ALA A 380 20.96 14.56 0.91
CA ALA A 380 21.45 13.38 1.61
C ALA A 380 22.87 13.67 2.11
N GLU A 381 23.21 13.08 3.25
CA GLU A 381 24.56 13.08 3.85
CA GLU A 381 24.58 13.12 3.80
C GLU A 381 25.23 11.77 3.48
N LEU A 382 26.21 11.82 2.58
CA LEU A 382 27.04 10.69 2.09
C LEU A 382 28.40 10.78 2.77
N PRO A 383 29.08 9.64 2.95
CA PRO A 383 28.56 8.34 2.55
C PRO A 383 27.52 7.76 3.52
N PHE A 384 26.98 6.62 3.10
CA PHE A 384 25.94 5.86 3.82
C PHE A 384 26.58 4.72 4.61
N THR A 385 25.78 4.06 5.45
CA THR A 385 26.19 2.87 6.24
C THR A 385 26.88 1.83 5.36
N ILE A 386 26.35 1.53 4.18
CA ILE A 386 26.85 0.41 3.33
C ILE A 386 28.25 0.70 2.79
N ASP A 387 28.63 1.97 2.72
CA ASP A 387 29.87 2.44 2.06
C ASP A 387 31.09 2.17 2.95
N SER B 1 -19.05 -8.01 -16.18
CA SER B 1 -18.12 -9.18 -16.20
C SER B 1 -18.69 -10.26 -17.11
N VAL B 2 -17.85 -10.82 -17.98
CA VAL B 2 -18.23 -11.90 -18.90
C VAL B 2 -17.28 -13.09 -18.69
N LYS B 3 -17.82 -14.30 -18.77
CA LYS B 3 -17.03 -15.56 -18.78
C LYS B 3 -16.05 -15.48 -19.94
N LEU B 4 -14.82 -15.92 -19.71
CA LEU B 4 -13.86 -16.13 -20.81
C LEU B 4 -14.40 -17.25 -21.70
N ALA B 5 -14.43 -17.01 -23.01
CA ALA B 5 -14.93 -17.96 -24.03
C ALA B 5 -13.99 -19.18 -24.09
N GLY B 6 -12.67 -18.97 -24.22
CA GLY B 6 -11.76 -20.11 -24.30
C GLY B 6 -11.91 -20.89 -25.60
N ASN B 7 -12.53 -20.31 -26.62
CA ASN B 7 -12.88 -21.09 -27.84
C ASN B 7 -11.92 -20.81 -29.01
N SER B 8 -11.05 -19.79 -28.96
CA SER B 8 -10.08 -19.52 -30.07
C SER B 8 -8.88 -20.44 -29.93
N SER B 9 -8.00 -20.52 -30.92
CA SER B 9 -6.78 -21.34 -30.84
C SER B 9 -5.64 -20.51 -30.27
N LEU B 10 -4.54 -21.17 -29.90
CA LEU B 10 -3.28 -20.48 -29.50
C LEU B 10 -2.85 -19.60 -30.67
N CYS B 11 -2.41 -18.39 -30.35
CA CYS B 11 -1.62 -17.51 -31.25
C CYS B 11 -0.37 -18.26 -31.70
N PRO B 12 -0.06 -18.25 -33.02
CA PRO B 12 1.14 -18.92 -33.51
C PRO B 12 2.24 -17.92 -33.20
N VAL B 13 3.41 -18.34 -32.72
CA VAL B 13 4.45 -17.38 -32.30
C VAL B 13 5.78 -17.83 -32.87
N SER B 14 6.64 -16.85 -33.20
CA SER B 14 8.00 -17.11 -33.71
C SER B 14 9.02 -16.92 -32.59
N GLY B 15 8.65 -16.33 -31.44
CA GLY B 15 9.64 -16.03 -30.39
C GLY B 15 9.05 -15.44 -29.12
N TRP B 16 9.90 -15.22 -28.11
CA TRP B 16 9.48 -14.84 -26.73
C TRP B 16 10.04 -13.47 -26.32
N ALA B 17 9.16 -12.51 -26.10
CA ALA B 17 9.45 -11.14 -25.63
C ALA B 17 9.35 -11.09 -24.11
N ILE B 18 10.34 -10.48 -23.45
CA ILE B 18 10.40 -10.48 -21.97
C ILE B 18 9.28 -9.57 -21.42
N TYR B 19 8.56 -10.08 -20.41
CA TYR B 19 7.32 -9.47 -19.94
C TYR B 19 7.56 -8.94 -18.53
N SER B 20 8.18 -9.72 -17.65
CA SER B 20 8.43 -9.27 -16.25
C SER B 20 9.69 -9.91 -15.70
N LYS B 21 10.23 -9.24 -14.68
CA LYS B 21 11.28 -9.75 -13.78
C LYS B 21 11.10 -9.06 -12.44
N ASP B 22 11.08 -9.82 -11.34
CA ASP B 22 10.76 -9.20 -10.03
C ASP B 22 12.05 -8.91 -9.22
N ASN B 23 13.20 -9.56 -9.49
CA ASN B 23 14.44 -9.43 -8.68
C ASN B 23 14.20 -9.66 -7.17
N SER B 24 13.38 -10.60 -6.75
CA SER B 24 12.91 -10.66 -5.36
C SER B 24 14.06 -10.90 -4.41
N VAL B 25 14.95 -11.76 -4.82
CA VAL B 25 16.01 -12.22 -3.90
C VAL B 25 17.01 -11.06 -3.69
N ARG B 26 17.38 -10.31 -4.74
CA ARG B 26 18.24 -9.09 -4.61
C ARG B 26 17.63 -8.03 -3.70
N ILE B 27 16.34 -7.80 -3.84
CA ILE B 27 15.59 -6.81 -3.04
C ILE B 27 15.45 -7.34 -1.60
N GLY B 28 15.20 -8.62 -1.42
CA GLY B 28 15.00 -9.19 -0.07
C GLY B 28 16.28 -9.26 0.76
N SER B 29 17.44 -8.93 0.19
CA SER B 29 18.68 -8.74 0.98
C SER B 29 18.49 -7.65 2.07
N LYS B 30 17.64 -6.63 1.83
CA LYS B 30 17.35 -5.51 2.76
C LYS B 30 15.84 -5.34 2.97
N GLY B 31 15.07 -5.39 1.89
CA GLY B 31 13.59 -5.25 1.93
C GLY B 31 12.89 -6.40 2.64
N ASP B 32 11.61 -6.18 2.94
CA ASP B 32 10.73 -7.16 3.61
C ASP B 32 10.08 -8.03 2.53
N VAL B 33 10.73 -9.13 2.14
CA VAL B 33 10.38 -9.97 0.96
C VAL B 33 10.18 -11.39 1.48
N PHE B 34 9.05 -12.01 1.16
CA PHE B 34 8.80 -13.43 1.52
C PHE B 34 9.88 -14.36 0.93
N VAL B 35 10.20 -15.40 1.69
CA VAL B 35 10.81 -16.62 1.17
C VAL B 35 9.75 -17.27 0.33
N ILE B 36 10.00 -17.53 -0.93
CA ILE B 36 8.90 -18.10 -1.76
C ILE B 36 9.41 -19.32 -2.51
N ARG B 37 8.48 -20.16 -2.91
CA ARG B 37 8.72 -21.29 -3.86
C ARG B 37 7.50 -21.34 -4.77
N GLU B 38 7.62 -21.93 -5.97
CA GLU B 38 6.42 -22.36 -6.71
C GLU B 38 5.64 -21.13 -7.14
N PRO B 39 6.28 -20.07 -7.67
CA PRO B 39 5.53 -18.94 -8.19
C PRO B 39 4.88 -19.36 -9.51
N PHE B 40 3.93 -18.58 -9.90
CA PHE B 40 3.22 -18.85 -11.16
C PHE B 40 2.43 -17.61 -11.45
N ILE B 41 2.21 -17.37 -12.71
CA ILE B 41 1.42 -16.21 -13.19
CA ILE B 41 1.40 -16.20 -13.15
C ILE B 41 0.05 -16.70 -13.65
N SER B 42 -1.00 -15.93 -13.39
CA SER B 42 -2.33 -16.18 -13.94
C SER B 42 -2.99 -14.80 -14.13
N CYS B 43 -3.85 -14.66 -15.14
CA CYS B 43 -4.39 -13.35 -15.53
C CYS B 43 -5.91 -13.37 -15.51
N SER B 44 -6.50 -12.26 -15.13
CA SER B 44 -7.94 -12.04 -15.29
C SER B 44 -8.17 -11.27 -16.60
N PRO B 45 -9.42 -10.86 -16.94
CA PRO B 45 -9.63 -9.98 -18.09
C PRO B 45 -9.06 -8.55 -17.91
N LEU B 46 -8.53 -8.22 -16.73
CA LEU B 46 -8.05 -6.85 -16.37
C LEU B 46 -6.58 -6.82 -15.89
N GLU B 47 -6.02 -7.84 -15.23
CA GLU B 47 -4.60 -7.77 -14.77
C GLU B 47 -3.95 -9.14 -14.69
N CYS B 48 -2.63 -9.17 -14.59
CA CYS B 48 -1.87 -10.41 -14.35
C CYS B 48 -1.24 -10.33 -12.97
N ARG B 49 -1.21 -11.45 -12.25
CA ARG B 49 -0.75 -11.58 -10.84
C ARG B 49 0.23 -12.73 -10.75
N THR B 50 1.21 -12.63 -9.87
CA THR B 50 2.07 -13.74 -9.47
C THR B 50 1.52 -14.35 -8.18
N PHE B 51 1.30 -15.65 -8.22
CA PHE B 51 0.83 -16.53 -7.14
C PHE B 51 2.09 -17.19 -6.63
N PHE B 52 2.14 -17.50 -5.37
CA PHE B 52 3.36 -18.12 -4.81
C PHE B 52 3.03 -18.68 -3.46
N LEU B 53 3.84 -19.67 -3.04
CA LEU B 53 3.75 -20.21 -1.68
C LEU B 53 4.87 -19.59 -0.86
N THR B 54 4.50 -19.05 0.30
CA THR B 54 5.43 -18.55 1.34
C THR B 54 5.56 -19.63 2.40
N GLN B 55 6.58 -19.58 3.23
CA GLN B 55 6.60 -20.41 4.45
C GLN B 55 6.37 -19.51 5.67
N GLY B 56 5.71 -18.37 5.50
CA GLY B 56 5.49 -17.45 6.62
C GLY B 56 6.79 -16.91 7.19
N ALA B 57 7.74 -16.54 6.33
CA ALA B 57 9.09 -16.09 6.71
C ALA B 57 9.60 -15.11 5.67
N LEU B 58 10.45 -14.19 6.10
CA LEU B 58 11.05 -13.19 5.23
C LEU B 58 12.51 -13.56 5.04
N LEU B 59 13.05 -13.19 3.88
CA LEU B 59 14.49 -13.36 3.53
C LEU B 59 15.36 -12.60 4.53
N ASN B 60 16.51 -13.19 4.83
CA ASN B 60 17.55 -12.66 5.73
C ASN B 60 17.01 -12.66 7.17
N ASP B 61 15.98 -13.45 7.49
CA ASP B 61 15.49 -13.60 8.88
C ASP B 61 15.67 -15.08 9.30
N LYS B 62 15.81 -15.37 10.61
CA LYS B 62 16.15 -16.75 11.08
C LYS B 62 14.99 -17.69 10.72
N HIS B 63 13.76 -17.18 10.51
CA HIS B 63 12.62 -18.09 10.24
C HIS B 63 12.71 -18.66 8.80
N SER B 64 13.63 -18.20 7.98
CA SER B 64 13.87 -18.66 6.60
C SER B 64 14.67 -19.98 6.64
N ASN B 65 15.27 -20.33 7.76
CA ASN B 65 15.99 -21.61 7.97
C ASN B 65 15.07 -22.74 7.48
N GLY B 66 15.42 -23.47 6.42
CA GLY B 66 14.49 -24.46 5.83
C GLY B 66 15.07 -25.85 5.61
N THR B 67 14.20 -26.87 5.48
CA THR B 67 14.48 -28.23 4.92
C THR B 67 14.70 -28.13 3.39
N ILE B 68 13.97 -27.26 2.67
CA ILE B 68 14.11 -27.04 1.20
C ILE B 68 13.06 -27.89 0.43
N LYS B 69 12.29 -28.76 1.11
CA LYS B 69 11.14 -29.50 0.51
C LYS B 69 10.11 -29.86 1.59
N ASP B 70 9.29 -28.92 2.08
CA ASP B 70 8.54 -29.15 3.36
C ASP B 70 7.10 -28.64 3.32
N ARG B 71 6.20 -29.57 3.63
CA ARG B 71 4.72 -29.38 3.59
C ARG B 71 4.28 -28.92 4.99
N SER B 72 4.64 -27.70 5.36
CA SER B 72 4.50 -27.23 6.75
C SER B 72 3.12 -26.59 6.92
N PRO B 73 2.63 -26.51 8.16
CA PRO B 73 1.39 -25.78 8.45
C PRO B 73 1.55 -24.25 8.32
N TYR B 74 2.77 -23.77 8.07
CA TYR B 74 3.01 -22.31 7.91
C TYR B 74 2.74 -21.90 6.46
N ARG B 75 2.81 -22.82 5.49
CA ARG B 75 2.84 -22.47 4.06
C ARG B 75 1.50 -21.87 3.64
N THR B 76 1.52 -20.74 2.95
CA THR B 76 0.29 -20.06 2.50
C THR B 76 0.40 -19.74 1.00
N LEU B 77 -0.73 -19.81 0.26
CA LEU B 77 -0.80 -19.29 -1.11
C LEU B 77 -1.14 -17.80 -1.05
N MET B 78 -0.29 -16.95 -1.60
CA MET B 78 -0.58 -15.48 -1.69
C MET B 78 -0.34 -15.04 -3.15
N SER B 79 -0.69 -13.82 -3.47
CA SER B 79 -0.46 -13.23 -4.78
C SER B 79 -0.07 -11.77 -4.68
N CYS B 80 0.64 -11.30 -5.70
CA CYS B 80 0.92 -9.87 -5.88
C CYS B 80 0.92 -9.52 -7.36
N PRO B 81 0.93 -8.23 -7.73
CA PRO B 81 1.00 -7.84 -9.13
C PRO B 81 2.30 -8.33 -9.79
N ILE B 82 2.22 -8.63 -11.07
CA ILE B 82 3.38 -9.22 -11.78
C ILE B 82 4.51 -8.18 -11.78
N GLY B 83 5.71 -8.68 -11.55
CA GLY B 83 6.93 -7.86 -11.58
C GLY B 83 7.19 -7.17 -10.27
N GLU B 84 6.28 -7.20 -9.30
CA GLU B 84 6.58 -6.65 -7.95
C GLU B 84 7.14 -7.74 -7.06
N VAL B 85 8.03 -7.39 -6.14
CA VAL B 85 8.51 -8.39 -5.16
C VAL B 85 7.36 -8.82 -4.26
N PRO B 86 7.33 -10.10 -3.86
CA PRO B 86 6.30 -10.57 -2.97
C PRO B 86 6.61 -10.14 -1.51
N SER B 87 5.95 -9.06 -1.05
CA SER B 87 6.12 -8.56 0.33
C SER B 87 4.82 -8.73 1.10
N PRO B 88 4.93 -8.79 2.44
CA PRO B 88 3.73 -8.69 3.24
C PRO B 88 2.99 -7.37 2.96
N TYR B 89 3.63 -6.37 2.35
CA TYR B 89 3.03 -5.00 2.30
C TYR B 89 2.31 -4.83 0.96
N ASN B 90 2.48 -5.75 0.03
CA ASN B 90 1.83 -5.67 -1.30
C ASN B 90 1.15 -7.00 -1.68
N SER B 91 1.07 -7.99 -0.81
CA SER B 91 0.61 -9.36 -1.18
C SER B 91 -0.80 -9.67 -0.65
N ARG B 92 -1.70 -10.16 -1.51
CA ARG B 92 -3.05 -10.63 -1.13
CA ARG B 92 -3.06 -10.63 -1.14
C ARG B 92 -2.92 -12.03 -0.56
N PHE B 93 -3.56 -12.29 0.59
CA PHE B 93 -3.66 -13.66 1.13
C PHE B 93 -4.66 -14.48 0.30
N GLU B 94 -4.30 -15.70 -0.14
CA GLU B 94 -5.24 -16.51 -0.93
C GLU B 94 -5.76 -17.67 -0.08
N SER B 95 -4.86 -18.49 0.48
CA SER B 95 -5.22 -19.80 1.05
C SER B 95 -4.09 -20.33 1.89
N VAL B 96 -4.40 -21.24 2.78
CA VAL B 96 -3.36 -21.94 3.54
C VAL B 96 -3.01 -23.12 2.63
N ALA B 97 -1.74 -23.33 2.30
CA ALA B 97 -1.41 -24.23 1.19
C ALA B 97 0.09 -24.56 1.16
N TRP B 98 0.39 -25.85 1.06
CA TRP B 98 1.69 -26.36 0.63
C TRP B 98 1.66 -26.87 -0.82
N SER B 99 0.52 -26.87 -1.53
CA SER B 99 0.42 -27.16 -2.99
C SER B 99 -0.82 -26.40 -3.52
N ALA B 100 -0.81 -25.83 -4.70
CA ALA B 100 -1.86 -24.84 -5.03
C ALA B 100 -2.08 -24.74 -6.53
N SER B 101 -3.25 -24.19 -6.89
CA SER B 101 -3.53 -23.71 -8.26
C SER B 101 -4.44 -22.47 -8.17
N ALA B 102 -4.55 -21.71 -9.25
CA ALA B 102 -5.52 -20.59 -9.35
C ALA B 102 -5.75 -20.27 -10.82
N CYS B 103 -6.93 -19.79 -11.11
CA CYS B 103 -7.30 -19.28 -12.44
C CYS B 103 -8.60 -18.46 -12.32
N HIS B 104 -8.76 -17.55 -13.26
CA HIS B 104 -9.87 -16.58 -13.32
C HIS B 104 -10.80 -16.98 -14.46
N ASP B 105 -12.11 -17.13 -14.19
CA ASP B 105 -13.05 -17.67 -15.22
C ASP B 105 -13.58 -16.51 -16.08
N GLY B 106 -13.22 -15.26 -15.76
CA GLY B 106 -13.75 -14.06 -16.44
C GLY B 106 -14.62 -13.27 -15.50
N ILE B 107 -15.10 -13.92 -14.43
CA ILE B 107 -15.99 -13.30 -13.40
C ILE B 107 -15.19 -13.15 -12.08
N ASN B 108 -14.63 -14.24 -11.56
CA ASN B 108 -13.93 -14.27 -10.25
C ASN B 108 -12.75 -15.25 -10.29
N TRP B 109 -11.80 -15.04 -9.36
CA TRP B 109 -10.67 -15.97 -9.11
C TRP B 109 -11.21 -17.23 -8.46
N LEU B 110 -10.80 -18.36 -9.00
CA LEU B 110 -10.71 -19.64 -8.30
C LEU B 110 -9.31 -19.82 -7.72
N THR B 111 -9.21 -20.20 -6.44
CA THR B 111 -7.96 -20.65 -5.79
C THR B 111 -8.15 -22.04 -5.20
N ILE B 112 -7.09 -22.84 -5.32
CA ILE B 112 -7.01 -24.23 -4.82
C ILE B 112 -5.76 -24.37 -3.95
N GLY B 113 -5.99 -24.57 -2.65
CA GLY B 113 -4.91 -24.69 -1.67
C GLY B 113 -5.02 -25.98 -0.90
N ILE B 114 -3.99 -26.79 -0.98
CA ILE B 114 -3.95 -28.10 -0.29
C ILE B 114 -3.09 -27.97 0.96
N SER B 115 -3.65 -28.36 2.10
CA SER B 115 -2.98 -28.39 3.43
C SER B 115 -3.44 -29.63 4.21
N GLY B 116 -2.91 -29.75 5.43
CA GLY B 116 -3.12 -30.90 6.29
C GLY B 116 -2.07 -31.97 6.08
N PRO B 117 -2.27 -33.13 6.76
CA PRO B 117 -1.28 -34.20 6.83
C PRO B 117 -1.11 -34.96 5.50
N ASP B 118 0.05 -35.60 5.32
CA ASP B 118 0.36 -36.37 4.09
C ASP B 118 -0.68 -37.48 3.88
N ASN B 119 -1.24 -38.03 4.97
CA ASN B 119 -2.11 -39.22 4.88
C ASN B 119 -3.58 -38.80 4.78
N GLY B 120 -3.88 -37.51 4.71
CA GLY B 120 -5.27 -37.02 4.67
C GLY B 120 -5.42 -35.57 4.24
N ALA B 121 -4.67 -35.13 3.23
CA ALA B 121 -4.63 -33.70 2.84
C ALA B 121 -5.95 -33.28 2.20
N VAL B 122 -6.30 -32.02 2.36
CA VAL B 122 -7.55 -31.42 1.85
C VAL B 122 -7.23 -30.16 1.04
N ALA B 123 -7.63 -30.19 -0.23
CA ALA B 123 -7.78 -29.04 -1.16
C ALA B 123 -9.00 -28.22 -0.76
N VAL B 124 -8.75 -26.96 -0.44
CA VAL B 124 -9.79 -25.94 -0.15
C VAL B 124 -9.92 -25.10 -1.43
N LEU B 125 -11.11 -25.06 -2.00
CA LEU B 125 -11.38 -24.32 -3.23
C LEU B 125 -12.11 -23.05 -2.81
N LYS B 126 -11.69 -21.96 -3.37
CA LYS B 126 -12.34 -20.67 -3.10
C LYS B 126 -12.70 -20.03 -4.40
N TYR B 127 -13.83 -19.36 -4.40
CA TYR B 127 -14.23 -18.52 -5.56
C TYR B 127 -14.51 -17.12 -5.00
N ASN B 128 -13.82 -16.09 -5.51
CA ASN B 128 -13.86 -14.70 -4.96
C ASN B 128 -13.48 -14.75 -3.46
N GLY B 129 -12.54 -15.60 -3.06
CA GLY B 129 -12.08 -15.69 -1.66
C GLY B 129 -13.08 -16.30 -0.69
N ILE B 130 -14.16 -16.88 -1.17
CA ILE B 130 -15.14 -17.58 -0.32
C ILE B 130 -14.92 -19.08 -0.52
N ILE B 131 -14.99 -19.86 0.54
CA ILE B 131 -14.84 -21.32 0.41
C ILE B 131 -16.11 -21.85 -0.27
N THR B 132 -15.94 -22.58 -1.38
CA THR B 132 -17.03 -23.13 -2.21
C THR B 132 -16.94 -24.63 -2.36
N ASP B 133 -15.79 -25.26 -2.05
CA ASP B 133 -15.73 -26.74 -2.00
C ASP B 133 -14.45 -27.22 -1.30
N THR B 134 -14.38 -28.53 -1.05
CA THR B 134 -13.18 -29.21 -0.56
C THR B 134 -13.08 -30.57 -1.25
N ILE B 135 -11.87 -31.06 -1.36
CA ILE B 135 -11.74 -32.46 -1.79
C ILE B 135 -10.56 -33.05 -1.02
N LYS B 136 -10.75 -34.25 -0.53
CA LYS B 136 -9.78 -34.89 0.35
C LYS B 136 -9.02 -35.97 -0.42
N SER B 137 -7.80 -36.18 -0.02
CA SER B 137 -6.92 -37.28 -0.47
C SER B 137 -7.73 -38.58 -0.63
N TRP B 138 -7.60 -39.27 -1.76
CA TRP B 138 -8.30 -40.55 -2.03
C TRP B 138 -7.28 -41.73 -2.04
N ARG B 139 -5.99 -41.48 -1.92
CA ARG B 139 -4.94 -42.53 -1.77
C ARG B 139 -4.16 -42.32 -0.48
N ASN B 140 -4.44 -41.25 0.28
CA ASN B 140 -3.77 -40.99 1.56
C ASN B 140 -2.26 -40.86 1.33
N ASN B 141 -1.85 -40.30 0.21
CA ASN B 141 -0.38 -40.20 -0.04
C ASN B 141 -0.05 -38.90 -0.75
N ILE B 142 -0.02 -37.80 0.02
CA ILE B 142 0.28 -36.41 -0.45
C ILE B 142 -0.60 -36.00 -1.64
N LEU B 143 -1.91 -35.84 -1.44
CA LEU B 143 -2.75 -35.14 -2.44
C LEU B 143 -1.99 -33.87 -2.87
N ARG B 144 -1.87 -33.60 -4.17
CA ARG B 144 -1.04 -32.48 -4.67
C ARG B 144 -1.47 -32.05 -6.08
N THR B 145 -1.17 -30.83 -6.49
CA THR B 145 -1.70 -30.29 -7.76
C THR B 145 -0.64 -29.51 -8.53
N GLN B 146 -1.08 -28.63 -9.42
CA GLN B 146 -0.27 -28.15 -10.56
C GLN B 146 0.95 -27.31 -10.12
N GLU B 147 0.77 -26.37 -9.17
CA GLU B 147 1.76 -25.29 -8.87
C GLU B 147 1.81 -24.36 -10.10
N SER B 148 0.71 -24.26 -10.83
CA SER B 148 0.58 -23.26 -11.91
C SER B 148 -0.91 -23.05 -12.20
N GLU B 149 -1.24 -22.16 -13.11
CA GLU B 149 -2.66 -21.76 -13.30
C GLU B 149 -3.46 -22.95 -13.83
N CYS B 150 -4.68 -23.09 -13.29
CA CYS B 150 -5.75 -23.91 -13.91
C CYS B 150 -6.18 -23.21 -15.22
N ALA B 151 -7.06 -23.87 -15.97
CA ALA B 151 -7.49 -23.42 -17.29
C ALA B 151 -9.01 -23.32 -17.34
N CYS B 152 -9.51 -22.26 -17.98
CA CYS B 152 -10.95 -21.94 -18.01
C CYS B 152 -11.45 -21.82 -19.45
N VAL B 153 -12.62 -22.42 -19.68
CA VAL B 153 -13.41 -22.37 -20.96
C VAL B 153 -14.88 -22.25 -20.58
N ASN B 154 -15.53 -21.18 -21.03
CA ASN B 154 -16.98 -20.91 -20.95
C ASN B 154 -17.53 -21.21 -19.55
N GLY B 155 -16.89 -20.69 -18.51
CA GLY B 155 -17.46 -20.68 -17.15
C GLY B 155 -17.07 -21.91 -16.35
N SER B 156 -16.26 -22.79 -16.93
CA SER B 156 -15.72 -24.00 -16.27
C SER B 156 -14.20 -23.86 -16.18
N CYS B 157 -13.61 -24.27 -15.05
CA CYS B 157 -12.14 -24.29 -14.84
C CYS B 157 -11.76 -25.72 -14.58
N PHE B 158 -10.54 -26.06 -14.96
CA PHE B 158 -10.11 -27.46 -15.00
C PHE B 158 -8.73 -27.54 -14.40
N THR B 159 -8.48 -28.60 -13.64
CA THR B 159 -7.15 -28.86 -13.09
C THR B 159 -6.92 -30.35 -13.02
N VAL B 160 -5.68 -30.70 -12.66
CA VAL B 160 -5.22 -32.10 -12.46
C VAL B 160 -4.62 -32.21 -11.05
N MET B 161 -4.92 -33.29 -10.36
CA MET B 161 -4.37 -33.54 -9.00
C MET B 161 -3.79 -34.95 -8.99
N THR B 162 -2.79 -35.17 -8.17
CA THR B 162 -2.14 -36.51 -8.06
C THR B 162 -2.25 -36.97 -6.62
N ASP B 163 -2.45 -38.26 -6.40
CA ASP B 163 -2.32 -38.81 -5.03
C ASP B 163 -1.68 -40.19 -5.16
N GLY B 164 -0.65 -40.50 -4.36
CA GLY B 164 0.12 -41.74 -4.52
C GLY B 164 1.62 -41.45 -4.61
N PRO B 165 2.42 -42.51 -4.86
CA PRO B 165 3.87 -42.37 -4.95
C PRO B 165 4.36 -41.35 -5.99
N SER B 166 5.46 -40.69 -5.70
CA SER B 166 6.20 -39.81 -6.63
C SER B 166 7.33 -40.59 -7.31
N ASN B 167 7.53 -41.88 -6.98
CA ASN B 167 8.61 -42.71 -7.57
C ASN B 167 8.05 -44.04 -8.10
N GLY B 168 6.81 -44.04 -8.54
CA GLY B 168 6.05 -45.24 -8.94
C GLY B 168 4.69 -44.86 -9.47
N GLN B 169 3.94 -45.85 -9.94
CA GLN B 169 2.54 -45.67 -10.41
C GLN B 169 1.79 -44.92 -9.32
N ALA B 170 1.01 -43.92 -9.68
CA ALA B 170 0.13 -43.19 -8.75
C ALA B 170 -1.21 -43.00 -9.43
N SER B 171 -2.09 -42.24 -8.78
CA SER B 171 -3.46 -41.98 -9.27
C SER B 171 -3.53 -40.49 -9.65
N TYR B 172 -4.20 -40.21 -10.76
CA TYR B 172 -4.23 -38.89 -11.42
C TYR B 172 -5.69 -38.63 -11.76
N LYS B 173 -6.23 -37.51 -11.33
CA LYS B 173 -7.64 -37.17 -11.54
C LYS B 173 -7.74 -35.77 -12.15
N ILE B 174 -8.75 -35.60 -12.98
CA ILE B 174 -9.04 -34.34 -13.67
C ILE B 174 -10.37 -33.84 -13.11
N PHE B 175 -10.48 -32.51 -13.01
CA PHE B 175 -11.62 -31.89 -12.30
C PHE B 175 -12.20 -30.78 -13.17
N ARG B 176 -13.52 -30.74 -13.22
CA ARG B 176 -14.30 -29.60 -13.77
C ARG B 176 -14.93 -28.88 -12.59
N ILE B 177 -14.74 -27.57 -12.59
CA ILE B 177 -15.09 -26.67 -11.46
C ILE B 177 -15.85 -25.49 -12.04
N GLU B 178 -17.04 -25.23 -11.49
CA GLU B 178 -17.83 -24.04 -11.89
C GLU B 178 -18.19 -23.25 -10.64
N LYS B 179 -17.74 -22.00 -10.60
CA LYS B 179 -17.97 -21.08 -9.49
C LYS B 179 -17.35 -21.71 -8.27
N GLY B 180 -16.27 -22.43 -8.46
CA GLY B 180 -15.51 -23.03 -7.33
C GLY B 180 -16.11 -24.32 -6.80
N LYS B 181 -17.13 -24.87 -7.47
CA LYS B 181 -17.74 -26.14 -7.07
C LYS B 181 -17.28 -27.24 -8.04
N ILE B 182 -16.82 -28.36 -7.47
CA ILE B 182 -16.41 -29.50 -8.33
C ILE B 182 -17.74 -30.02 -8.89
N VAL B 183 -17.95 -29.94 -10.19
CA VAL B 183 -19.17 -30.51 -10.82
C VAL B 183 -18.88 -31.88 -11.42
N LYS B 184 -17.62 -32.25 -11.65
CA LYS B 184 -17.25 -33.58 -12.21
C LYS B 184 -15.76 -33.87 -11.97
N SER B 185 -15.43 -35.12 -11.77
CA SER B 185 -14.03 -35.59 -11.68
CA SER B 185 -14.04 -35.60 -11.65
C SER B 185 -13.90 -36.95 -12.37
N VAL B 186 -12.79 -37.20 -13.00
CA VAL B 186 -12.58 -38.49 -13.71
C VAL B 186 -11.20 -38.94 -13.27
N GLU B 187 -11.02 -40.24 -13.06
CA GLU B 187 -9.69 -40.80 -12.79
C GLU B 187 -9.08 -41.20 -14.12
N MET B 188 -7.82 -40.80 -14.37
CA MET B 188 -7.13 -41.11 -15.64
C MET B 188 -6.69 -42.57 -15.59
N ASN B 189 -7.19 -43.39 -16.49
CA ASN B 189 -6.63 -44.76 -16.73
C ASN B 189 -5.25 -44.58 -17.42
N ALA B 190 -4.16 -44.63 -16.69
CA ALA B 190 -2.83 -44.29 -17.25
C ALA B 190 -1.76 -45.22 -16.73
N PRO B 191 -1.85 -46.53 -16.99
CA PRO B 191 -0.86 -47.46 -16.43
C PRO B 191 0.49 -47.18 -17.12
N ASN B 192 1.54 -47.17 -16.31
CA ASN B 192 2.96 -46.96 -16.70
C ASN B 192 3.21 -45.48 -17.02
N TYR B 193 2.22 -44.61 -16.75
CA TYR B 193 2.38 -43.14 -16.87
C TYR B 193 2.56 -42.55 -15.47
N HIS B 194 3.25 -41.41 -15.35
CA HIS B 194 3.28 -40.59 -14.11
C HIS B 194 3.06 -39.11 -14.44
N TYR B 195 2.19 -38.48 -13.69
CA TYR B 195 1.75 -37.08 -13.90
C TYR B 195 1.94 -36.36 -12.58
N GLU B 196 2.82 -35.35 -12.60
CA GLU B 196 3.08 -34.39 -11.49
C GLU B 196 2.99 -32.94 -12.01
N GLU B 197 2.60 -31.97 -11.18
CA GLU B 197 2.83 -30.51 -11.45
C GLU B 197 2.54 -30.15 -12.89
N CYS B 198 1.30 -30.40 -13.31
CA CYS B 198 0.86 -30.19 -14.70
C CYS B 198 0.78 -28.71 -15.04
N SER B 199 1.21 -28.35 -16.25
CA SER B 199 0.99 -26.98 -16.80
C SER B 199 -0.12 -27.11 -17.84
N CYS B 200 -1.32 -26.53 -17.60
CA CYS B 200 -2.55 -26.77 -18.39
C CYS B 200 -2.99 -25.46 -18.99
N TYR B 201 -3.35 -25.45 -20.27
CA TYR B 201 -3.84 -24.24 -20.96
C TYR B 201 -5.05 -24.61 -21.80
N PRO B 202 -5.94 -23.61 -22.07
CA PRO B 202 -7.06 -23.79 -22.99
C PRO B 202 -6.61 -23.49 -24.44
N ASP B 203 -7.26 -24.20 -25.39
CA ASP B 203 -7.00 -24.07 -26.85
C ASP B 203 -8.23 -24.68 -27.57
N SER B 204 -8.97 -23.83 -28.26
CA SER B 204 -10.15 -24.24 -29.10
C SER B 204 -11.14 -24.99 -28.20
N SER B 205 -11.42 -24.49 -27.01
CA SER B 205 -12.44 -25.05 -26.08
C SER B 205 -11.97 -26.34 -25.39
N GLU B 206 -10.73 -26.78 -25.59
CA GLU B 206 -10.22 -28.02 -24.96
C GLU B 206 -8.97 -27.69 -24.15
N ILE B 207 -8.60 -28.57 -23.22
CA ILE B 207 -7.49 -28.28 -22.25
C ILE B 207 -6.37 -29.21 -22.63
N THR B 208 -5.16 -28.70 -22.74
CA THR B 208 -3.92 -29.53 -22.81
C THR B 208 -3.00 -29.24 -21.61
N CYS B 209 -2.56 -30.32 -20.95
CA CYS B 209 -1.64 -30.30 -19.80
C CYS B 209 -0.38 -31.02 -20.18
N VAL B 210 0.76 -30.38 -19.91
CA VAL B 210 2.11 -30.99 -20.03
C VAL B 210 2.67 -30.94 -18.62
N CYS B 211 3.15 -32.10 -18.19
CA CYS B 211 3.39 -32.45 -16.78
C CYS B 211 4.81 -32.99 -16.63
N ARG B 212 5.10 -33.45 -15.42
CA ARG B 212 6.37 -34.03 -14.98
C ARG B 212 6.19 -35.52 -14.68
N ASP B 213 6.94 -36.39 -15.35
CA ASP B 213 7.04 -37.82 -14.97
C ASP B 213 8.22 -37.95 -14.02
N ASN B 214 7.92 -38.17 -12.75
CA ASN B 214 8.94 -38.24 -11.67
C ASN B 214 9.43 -39.67 -11.44
N TRP B 215 8.85 -40.65 -12.12
CA TRP B 215 9.06 -42.09 -11.90
C TRP B 215 10.11 -42.62 -12.90
N HIS B 216 9.90 -42.44 -14.20
CA HIS B 216 10.75 -43.12 -15.22
C HIS B 216 10.55 -42.49 -16.59
N GLY B 217 10.43 -41.17 -16.67
CA GLY B 217 10.29 -40.45 -17.95
C GLY B 217 11.15 -39.19 -17.98
N SER B 218 12.01 -39.06 -18.99
CA SER B 218 12.86 -37.86 -19.21
C SER B 218 12.31 -37.03 -20.36
N ASN B 219 11.23 -37.47 -20.98
CA ASN B 219 10.34 -36.65 -21.84
C ASN B 219 9.14 -36.30 -20.98
N ARG B 220 8.32 -35.36 -21.44
CA ARG B 220 7.15 -34.95 -20.59
C ARG B 220 5.90 -35.70 -21.03
N PRO B 221 5.09 -36.20 -20.07
CA PRO B 221 3.77 -36.75 -20.34
C PRO B 221 2.72 -35.65 -20.58
N TRP B 222 1.67 -35.93 -21.33
CA TRP B 222 0.58 -34.94 -21.61
C TRP B 222 -0.79 -35.63 -21.45
N VAL B 223 -1.83 -34.84 -21.16
CA VAL B 223 -3.26 -35.28 -21.12
C VAL B 223 -4.05 -34.09 -21.66
N SER B 224 -4.91 -34.34 -22.63
CA SER B 224 -5.84 -33.33 -23.17
C SER B 224 -7.27 -33.84 -23.05
N PHE B 225 -8.20 -32.92 -22.85
CA PHE B 225 -9.58 -33.30 -22.49
C PHE B 225 -10.51 -32.19 -22.93
N ASN B 226 -11.76 -32.59 -23.19
CA ASN B 226 -12.82 -31.61 -23.50
C ASN B 226 -13.54 -31.29 -22.20
N GLN B 227 -14.62 -30.52 -22.28
CA GLN B 227 -15.36 -30.00 -21.11
C GLN B 227 -16.04 -31.10 -20.32
N ASN B 228 -16.28 -32.27 -20.90
CA ASN B 228 -16.86 -33.43 -20.18
C ASN B 228 -15.79 -34.38 -19.66
N LEU B 229 -14.51 -33.98 -19.70
CA LEU B 229 -13.36 -34.70 -19.12
C LEU B 229 -13.16 -36.02 -19.85
N GLU B 230 -13.59 -36.10 -21.11
CA GLU B 230 -13.16 -37.20 -22.00
C GLU B 230 -11.75 -36.87 -22.46
N TYR B 231 -10.79 -37.71 -22.17
CA TYR B 231 -9.36 -37.39 -22.30
C TYR B 231 -8.64 -38.32 -23.29
N GLN B 232 -7.50 -37.84 -23.75
CA GLN B 232 -6.44 -38.62 -24.43
C GLN B 232 -5.14 -38.41 -23.67
N ILE B 233 -4.25 -39.41 -23.71
CA ILE B 233 -2.97 -39.35 -22.94
C ILE B 233 -1.80 -39.65 -23.86
N GLY B 234 -0.61 -39.14 -23.55
CA GLY B 234 0.59 -39.48 -24.34
C GLY B 234 1.82 -38.89 -23.74
N TYR B 235 2.97 -39.06 -24.40
CA TYR B 235 4.24 -38.38 -24.05
C TYR B 235 4.72 -37.68 -25.31
N ILE B 236 5.36 -36.54 -25.08
CA ILE B 236 5.93 -35.70 -26.15
C ILE B 236 7.02 -36.51 -26.83
N CYS B 237 6.92 -36.73 -28.14
CA CYS B 237 7.74 -37.74 -28.90
C CYS B 237 9.16 -37.24 -29.17
N SER B 238 9.35 -35.91 -29.26
CA SER B 238 10.62 -35.25 -29.67
C SER B 238 11.79 -35.83 -28.90
N GLY B 239 12.91 -36.06 -29.58
CA GLY B 239 14.19 -36.48 -28.98
C GLY B 239 14.93 -35.31 -28.35
N ILE B 240 14.31 -34.11 -28.43
CA ILE B 240 14.63 -32.90 -27.60
C ILE B 240 13.97 -33.08 -26.23
N PHE B 241 14.62 -33.81 -25.34
CA PHE B 241 14.02 -34.25 -24.04
C PHE B 241 13.72 -33.02 -23.18
N GLY B 242 12.52 -33.00 -22.59
CA GLY B 242 11.99 -31.81 -21.91
C GLY B 242 12.28 -31.74 -20.42
N ASP B 243 12.45 -32.87 -19.73
CA ASP B 243 12.57 -32.89 -18.26
C ASP B 243 14.02 -32.57 -17.85
N ASN B 244 14.20 -32.46 -16.55
CA ASN B 244 15.52 -32.34 -15.89
C ASN B 244 15.42 -33.18 -14.63
N PRO B 245 16.28 -34.21 -14.44
CA PRO B 245 17.38 -34.52 -15.35
C PRO B 245 16.90 -35.25 -16.60
N ARG B 246 17.82 -35.47 -17.54
CA ARG B 246 17.53 -36.12 -18.84
C ARG B 246 18.85 -36.56 -19.48
N PRO B 247 18.83 -37.43 -20.49
CA PRO B 247 20.00 -37.72 -21.27
C PRO B 247 20.16 -36.63 -22.35
N ASN B 248 21.33 -36.66 -22.99
CA ASN B 248 21.64 -35.85 -24.16
C ASN B 248 20.57 -36.13 -25.19
N ASP B 249 20.34 -35.19 -26.10
CA ASP B 249 19.26 -35.29 -27.13
C ASP B 249 19.64 -36.43 -28.10
N LYS B 250 18.64 -37.17 -28.60
CA LYS B 250 18.83 -38.34 -29.52
C LYS B 250 17.43 -38.77 -29.99
N THR B 251 17.23 -40.02 -30.35
CA THR B 251 15.90 -40.46 -30.81
C THR B 251 14.97 -40.52 -29.60
N GLY B 252 13.84 -39.83 -29.70
CA GLY B 252 12.80 -39.74 -28.66
C GLY B 252 11.91 -40.98 -28.63
N SER B 253 10.81 -40.91 -27.90
CA SER B 253 9.78 -41.98 -27.80
C SER B 253 8.43 -41.37 -27.48
N CYS B 254 7.36 -41.98 -27.95
CA CYS B 254 5.98 -41.50 -27.72
C CYS B 254 5.44 -42.05 -26.40
N GLY B 255 6.24 -42.89 -25.71
CA GLY B 255 6.04 -43.33 -24.32
C GLY B 255 7.15 -42.80 -23.40
N PRO B 256 7.14 -43.13 -22.11
CA PRO B 256 8.14 -42.56 -21.20
C PRO B 256 9.56 -43.01 -21.61
N VAL B 257 10.53 -42.07 -21.71
CA VAL B 257 11.99 -42.36 -21.92
C VAL B 257 12.63 -42.63 -20.56
N SER B 258 13.03 -43.89 -20.30
CA SER B 258 13.46 -44.37 -18.96
C SER B 258 14.85 -43.81 -18.63
N SER B 259 15.69 -43.52 -19.65
CA SER B 259 17.06 -42.99 -19.45
C SER B 259 16.98 -41.67 -18.68
N ASN B 260 17.58 -41.65 -17.51
CA ASN B 260 17.57 -40.50 -16.59
C ASN B 260 16.13 -40.10 -16.27
N GLY B 261 15.22 -41.07 -16.22
CA GLY B 261 13.77 -40.79 -16.17
C GLY B 261 13.32 -40.43 -14.77
N ALA B 262 13.96 -40.98 -13.73
CA ALA B 262 13.54 -40.75 -12.33
C ALA B 262 13.77 -39.25 -12.03
N ASN B 263 13.03 -38.71 -11.07
CA ASN B 263 13.10 -37.28 -10.68
C ASN B 263 12.66 -36.45 -11.88
N GLY B 264 12.80 -35.13 -11.78
CA GLY B 264 12.26 -34.22 -12.79
C GLY B 264 12.22 -32.80 -12.27
N VAL B 265 11.58 -31.95 -13.03
CA VAL B 265 11.31 -30.56 -12.63
C VAL B 265 9.96 -30.24 -13.24
N LYS B 266 9.15 -29.43 -12.57
CA LYS B 266 7.93 -28.88 -13.17
C LYS B 266 8.27 -28.16 -14.46
N GLY B 267 7.45 -28.31 -15.49
CA GLY B 267 7.68 -27.65 -16.78
C GLY B 267 6.40 -27.53 -17.59
N PHE B 268 6.57 -27.13 -18.84
CA PHE B 268 5.47 -26.85 -19.76
C PHE B 268 5.94 -27.10 -21.20
N SER B 269 4.97 -27.18 -22.08
CA SER B 269 5.19 -27.10 -23.56
C SER B 269 3.90 -26.65 -24.23
N PHE B 270 4.00 -26.08 -25.43
CA PHE B 270 2.83 -25.61 -26.23
C PHE B 270 2.84 -26.45 -27.54
N LYS B 271 1.72 -27.15 -27.73
CA LYS B 271 1.37 -27.97 -28.93
C LYS B 271 0.80 -27.09 -30.04
N TYR B 272 1.35 -27.25 -31.23
CA TYR B 272 0.85 -26.58 -32.46
C TYR B 272 0.79 -27.65 -33.55
N GLY B 273 -0.37 -28.28 -33.72
CA GLY B 273 -0.47 -29.42 -34.66
C GLY B 273 0.48 -30.51 -34.23
N ASN B 274 1.41 -30.88 -35.11
CA ASN B 274 2.45 -31.93 -34.92
C ASN B 274 3.70 -31.28 -34.31
N GLY B 275 3.74 -29.95 -34.22
CA GLY B 275 4.92 -29.25 -33.65
C GLY B 275 4.78 -28.95 -32.14
N VAL B 276 5.87 -28.50 -31.53
CA VAL B 276 5.88 -28.17 -30.09
C VAL B 276 6.94 -27.11 -29.78
N TRP B 277 6.56 -26.11 -28.96
CA TRP B 277 7.47 -25.19 -28.24
C TRP B 277 7.78 -25.82 -26.91
N ILE B 278 9.04 -26.14 -26.69
CA ILE B 278 9.55 -26.78 -25.46
C ILE B 278 10.32 -25.71 -24.69
N GLY B 279 9.94 -25.45 -23.42
CA GLY B 279 10.85 -24.77 -22.48
C GLY B 279 11.58 -25.77 -21.62
N ARG B 280 12.88 -25.64 -21.47
CA ARG B 280 13.61 -26.60 -20.65
C ARG B 280 14.89 -25.97 -20.12
N THR B 281 15.48 -26.66 -19.17
CA THR B 281 16.81 -26.27 -18.64
C THR B 281 17.87 -26.43 -19.72
N LYS B 282 19.03 -25.78 -19.59
CA LYS B 282 20.17 -25.95 -20.54
C LYS B 282 21.03 -27.13 -20.08
N SER B 283 21.18 -27.34 -18.78
CA SER B 283 21.90 -28.50 -18.22
C SER B 283 21.01 -29.74 -18.31
N ILE B 284 21.61 -30.92 -18.55
CA ILE B 284 20.89 -32.22 -18.60
C ILE B 284 20.78 -32.79 -17.18
N SER B 285 21.53 -32.26 -16.23
CA SER B 285 21.73 -32.92 -14.92
C SER B 285 21.23 -32.08 -13.77
N SER B 286 21.08 -30.76 -13.99
CA SER B 286 20.90 -29.73 -12.94
C SER B 286 19.93 -28.64 -13.37
N ARG B 287 19.29 -27.97 -12.42
CA ARG B 287 18.32 -26.90 -12.74
C ARG B 287 19.10 -25.62 -13.02
N ASN B 288 19.78 -25.56 -14.14
CA ASN B 288 20.65 -24.44 -14.60
C ASN B 288 20.30 -24.09 -16.05
N GLY B 289 20.12 -22.81 -16.34
CA GLY B 289 19.87 -22.31 -17.71
C GLY B 289 18.40 -22.50 -18.05
N PHE B 290 17.97 -21.86 -19.10
CA PHE B 290 16.65 -22.11 -19.68
C PHE B 290 16.69 -21.69 -21.15
N GLU B 291 16.00 -22.44 -22.01
CA GLU B 291 15.88 -22.14 -23.45
C GLU B 291 14.47 -22.51 -23.91
N MET B 292 13.99 -21.82 -24.93
CA MET B 292 12.81 -22.24 -25.69
C MET B 292 13.26 -22.83 -27.03
N ILE B 293 12.67 -23.96 -27.40
CA ILE B 293 12.99 -24.68 -28.70
C ILE B 293 11.71 -24.97 -29.47
N TRP B 294 11.68 -24.53 -30.72
CA TRP B 294 10.57 -24.83 -31.67
C TRP B 294 10.93 -26.09 -32.47
N ASP B 295 10.22 -27.18 -32.21
CA ASP B 295 10.42 -28.46 -32.98
C ASP B 295 9.15 -28.70 -33.76
N PRO B 296 9.15 -28.36 -35.08
CA PRO B 296 7.94 -28.38 -35.89
C PRO B 296 7.31 -29.78 -36.05
N ASN B 297 7.98 -30.88 -35.67
CA ASN B 297 7.33 -32.22 -35.66
C ASN B 297 7.48 -32.90 -34.29
N GLY B 298 7.79 -32.13 -33.25
CA GLY B 298 8.24 -32.71 -31.97
C GLY B 298 7.10 -33.28 -31.13
N TRP B 299 5.85 -32.91 -31.42
CA TRP B 299 4.73 -33.44 -30.59
C TRP B 299 4.66 -34.94 -30.86
N THR B 300 4.70 -35.27 -32.16
CA THR B 300 4.41 -36.65 -32.67
C THR B 300 5.63 -37.32 -33.31
N GLY B 301 6.69 -36.59 -33.66
CA GLY B 301 7.95 -37.16 -34.20
C GLY B 301 9.05 -37.33 -33.17
N THR B 302 9.93 -38.33 -33.36
CA THR B 302 10.92 -38.78 -32.33
C THR B 302 12.35 -38.35 -32.70
N ASP B 303 12.54 -37.67 -33.80
CA ASP B 303 13.92 -37.25 -34.15
C ASP B 303 14.33 -36.10 -33.20
N ASN B 304 15.64 -35.84 -33.09
CA ASN B 304 16.20 -34.76 -32.23
C ASN B 304 16.57 -33.51 -33.07
N ASN B 305 15.80 -33.18 -34.11
CA ASN B 305 16.05 -31.98 -34.95
C ASN B 305 15.02 -30.91 -34.56
N PHE B 306 15.36 -29.64 -34.68
CA PHE B 306 14.51 -28.49 -34.30
C PHE B 306 14.86 -27.31 -35.21
N SER B 307 13.99 -26.32 -35.25
CA SER B 307 14.08 -25.15 -36.14
C SER B 307 14.63 -23.96 -35.36
N ILE B 308 14.07 -23.62 -34.18
CA ILE B 308 14.44 -22.38 -33.44
C ILE B 308 14.92 -22.74 -32.03
N LYS B 309 16.00 -22.09 -31.55
CA LYS B 309 16.39 -22.07 -30.13
C LYS B 309 16.56 -20.60 -29.69
N GLN B 310 15.94 -20.24 -28.55
CA GLN B 310 15.98 -18.88 -27.99
C GLN B 310 16.48 -19.03 -26.56
N ASP B 311 17.66 -18.45 -26.29
CA ASP B 311 18.26 -18.40 -24.94
C ASP B 311 17.41 -17.49 -24.03
N ILE B 312 17.22 -17.94 -22.79
CA ILE B 312 16.41 -17.27 -21.72
C ILE B 312 17.26 -17.10 -20.46
N VAL B 313 17.92 -18.15 -19.99
CA VAL B 313 18.92 -18.01 -18.87
C VAL B 313 20.14 -18.80 -19.34
N GLY B 314 21.33 -18.24 -19.09
CA GLY B 314 22.63 -18.88 -19.35
C GLY B 314 22.84 -20.20 -18.60
N ILE B 315 23.64 -21.12 -19.15
CA ILE B 315 23.82 -22.48 -18.58
C ILE B 315 24.48 -22.41 -17.20
N ASN B 316 25.22 -21.36 -16.89
CA ASN B 316 25.95 -21.30 -15.61
C ASN B 316 25.09 -20.59 -14.56
N GLU B 317 23.80 -20.40 -14.80
CA GLU B 317 22.90 -19.60 -13.93
C GLU B 317 21.77 -20.50 -13.42
N TRP B 318 21.36 -20.32 -12.17
CA TRP B 318 20.31 -21.15 -11.56
C TRP B 318 18.99 -20.86 -12.26
N SER B 319 18.25 -21.92 -12.58
CA SER B 319 16.85 -21.83 -13.04
C SER B 319 16.01 -22.63 -12.04
N GLY B 320 14.99 -23.36 -12.47
CA GLY B 320 14.08 -24.06 -11.55
C GLY B 320 12.78 -24.41 -12.26
N TYR B 321 11.64 -24.35 -11.54
CA TYR B 321 10.28 -24.55 -12.11
C TYR B 321 10.05 -23.57 -13.24
N SER B 322 9.17 -23.96 -14.16
CA SER B 322 8.66 -23.12 -15.25
C SER B 322 7.22 -23.55 -15.47
N GLY B 323 6.39 -22.66 -15.94
CA GLY B 323 5.02 -23.07 -16.27
C GLY B 323 4.42 -22.17 -17.31
N SER B 324 3.35 -22.65 -17.93
CA SER B 324 2.54 -21.87 -18.87
C SER B 324 1.65 -20.86 -18.13
N PHE B 325 1.37 -19.75 -18.80
CA PHE B 325 0.12 -18.98 -18.53
C PHE B 325 -0.32 -18.41 -19.88
N VAL B 326 -1.61 -18.14 -20.01
CA VAL B 326 -2.16 -17.54 -21.24
C VAL B 326 -2.74 -16.17 -20.91
N GLN B 327 -2.86 -15.38 -21.98
CA GLN B 327 -3.67 -14.15 -22.05
C GLN B 327 -4.79 -14.39 -23.06
N HIS B 328 -6.02 -14.42 -22.59
CA HIS B 328 -7.24 -14.56 -23.40
C HIS B 328 -7.52 -13.29 -24.20
N PRO B 329 -8.22 -13.45 -25.34
CA PRO B 329 -8.74 -12.33 -26.12
C PRO B 329 -9.45 -11.26 -25.28
N GLU B 330 -10.15 -11.67 -24.22
CA GLU B 330 -10.91 -10.71 -23.37
C GLU B 330 -9.96 -9.72 -22.69
N LEU B 331 -8.71 -10.13 -22.43
CA LEU B 331 -7.66 -9.25 -21.85
C LEU B 331 -6.90 -8.48 -22.95
N THR B 332 -6.57 -9.12 -24.07
CA THR B 332 -5.65 -8.58 -25.12
C THR B 332 -6.34 -7.87 -26.30
N GLY B 333 -7.56 -8.26 -26.66
CA GLY B 333 -8.20 -7.78 -27.90
C GLY B 333 -7.75 -8.56 -29.11
N LEU B 334 -6.91 -9.60 -28.95
CA LEU B 334 -6.45 -10.42 -30.08
C LEU B 334 -7.57 -11.41 -30.46
N ASP B 335 -7.38 -12.17 -31.52
CA ASP B 335 -8.40 -13.17 -31.97
C ASP B 335 -7.96 -14.57 -31.58
N CYS B 336 -6.92 -14.70 -30.74
CA CYS B 336 -6.35 -16.02 -30.38
C CYS B 336 -5.87 -15.96 -28.93
N ILE B 337 -5.64 -17.12 -28.34
CA ILE B 337 -5.19 -17.24 -26.92
C ILE B 337 -3.65 -17.08 -26.94
N ARG B 338 -3.11 -16.06 -26.28
CA ARG B 338 -1.63 -15.79 -26.31
C ARG B 338 -0.91 -16.66 -25.30
N PRO B 339 0.13 -17.42 -25.72
CA PRO B 339 0.88 -18.26 -24.81
C PRO B 339 1.99 -17.44 -24.17
N CYS B 340 2.16 -17.60 -22.87
CA CYS B 340 3.22 -16.95 -22.09
C CYS B 340 3.80 -18.02 -21.19
N PHE B 341 4.94 -17.75 -20.58
CA PHE B 341 5.58 -18.68 -19.62
C PHE B 341 6.35 -17.86 -18.58
N TRP B 342 6.60 -18.50 -17.45
CA TRP B 342 7.36 -17.98 -16.32
C TRP B 342 8.47 -18.97 -16.04
N VAL B 343 9.51 -18.48 -15.39
CA VAL B 343 10.63 -19.32 -14.90
C VAL B 343 10.92 -18.87 -13.50
N GLU B 344 10.98 -19.83 -12.59
CA GLU B 344 11.39 -19.63 -11.17
C GLU B 344 12.92 -19.78 -11.13
N LEU B 345 13.61 -18.76 -10.57
CA LEU B 345 15.11 -18.77 -10.48
C LEU B 345 15.46 -19.07 -9.02
N ILE B 346 15.81 -20.31 -8.75
CA ILE B 346 15.92 -20.83 -7.37
C ILE B 346 17.29 -20.52 -6.83
N ARG B 347 17.30 -19.99 -5.64
CA ARG B 347 18.55 -19.66 -4.94
C ARG B 347 18.58 -20.35 -3.58
N GLY B 348 19.80 -20.64 -3.10
CA GLY B 348 20.05 -21.19 -1.78
C GLY B 348 20.25 -22.69 -1.84
N ARG B 349 19.74 -23.41 -0.82
CA ARG B 349 19.86 -24.88 -0.73
C ARG B 349 19.05 -25.58 -1.80
N PRO B 350 19.50 -26.76 -2.25
CA PRO B 350 20.71 -27.40 -1.67
C PRO B 350 22.02 -27.08 -2.40
N LYS B 351 21.97 -26.34 -3.51
CA LYS B 351 23.16 -26.14 -4.37
C LYS B 351 24.06 -25.05 -3.80
N GLU B 352 23.60 -24.21 -2.89
CA GLU B 352 24.39 -23.04 -2.42
C GLU B 352 24.47 -23.07 -0.89
N ASN B 353 25.46 -22.39 -0.30
CA ASN B 353 25.81 -22.50 1.14
CA ASN B 353 25.80 -22.51 1.14
C ASN B 353 25.00 -21.47 1.95
N THR B 354 23.70 -21.70 2.09
CA THR B 354 22.76 -20.84 2.85
C THR B 354 21.94 -21.72 3.79
N ILE B 355 21.17 -21.13 4.69
CA ILE B 355 20.23 -21.86 5.57
C ILE B 355 18.87 -21.92 4.88
N TRP B 356 18.69 -21.23 3.75
CA TRP B 356 17.37 -20.94 3.15
C TRP B 356 17.35 -21.29 1.66
N THR B 357 16.15 -21.45 1.11
CA THR B 357 15.86 -21.59 -0.32
C THR B 357 14.74 -20.58 -0.68
N SER B 358 14.94 -19.82 -1.75
CA SER B 358 13.92 -18.85 -2.23
C SER B 358 14.18 -18.56 -3.70
N GLY B 359 13.15 -18.17 -4.42
CA GLY B 359 13.21 -17.98 -5.87
C GLY B 359 12.86 -16.56 -6.28
N SER B 360 13.35 -16.09 -7.41
CA SER B 360 12.77 -14.87 -8.00
C SER B 360 12.08 -15.34 -9.30
N SER B 361 11.54 -14.45 -10.11
CA SER B 361 10.91 -14.94 -11.36
C SER B 361 11.23 -14.03 -12.53
N ILE B 362 11.08 -14.60 -13.70
CA ILE B 362 11.06 -13.91 -15.03
C ILE B 362 9.89 -14.49 -15.84
N SER B 363 9.28 -13.71 -16.74
CA SER B 363 8.21 -14.19 -17.64
C SER B 363 8.34 -13.51 -19.01
N PHE B 364 7.80 -14.21 -19.99
CA PHE B 364 7.88 -13.95 -21.42
C PHE B 364 6.52 -14.26 -22.07
N CYS B 365 6.17 -13.48 -23.08
CA CYS B 365 4.96 -13.70 -23.91
C CYS B 365 5.40 -13.99 -25.36
N GLY B 366 4.74 -14.96 -25.99
CA GLY B 366 4.91 -15.25 -27.43
C GLY B 366 4.45 -14.12 -28.31
N VAL B 367 5.29 -13.79 -29.29
CA VAL B 367 4.98 -12.79 -30.34
C VAL B 367 5.41 -13.34 -31.70
N ASN B 368 5.02 -12.61 -32.74
CA ASN B 368 5.45 -12.90 -34.14
C ASN B 368 6.27 -11.73 -34.64
N SER B 369 6.65 -10.84 -33.74
CA SER B 369 7.53 -9.72 -34.07
C SER B 369 8.93 -10.14 -33.63
N ASP B 370 9.94 -9.30 -33.87
CA ASP B 370 11.35 -9.67 -33.60
C ASP B 370 11.62 -9.82 -32.09
N THR B 371 12.47 -10.78 -31.77
CA THR B 371 12.87 -11.07 -30.38
C THR B 371 14.38 -11.32 -30.37
N VAL B 372 14.95 -11.58 -29.20
CA VAL B 372 16.41 -11.86 -29.04
C VAL B 372 16.62 -12.77 -27.85
N GLY B 373 17.58 -13.69 -28.02
CA GLY B 373 18.14 -14.51 -26.95
C GLY B 373 19.00 -13.68 -26.00
N TRP B 374 18.93 -13.97 -24.72
CA TRP B 374 19.85 -13.38 -23.73
C TRP B 374 19.80 -14.24 -22.47
N SER B 375 20.38 -13.71 -21.41
CA SER B 375 20.34 -14.31 -20.07
C SER B 375 19.76 -13.27 -19.08
N TRP B 376 18.62 -13.56 -18.46
CA TRP B 376 18.00 -12.74 -17.39
C TRP B 376 17.98 -13.52 -16.07
N PRO B 377 19.13 -13.71 -15.39
CA PRO B 377 19.21 -14.56 -14.20
C PRO B 377 18.77 -13.85 -12.90
N ASP B 378 18.81 -14.53 -11.76
CA ASP B 378 18.29 -14.01 -10.48
C ASP B 378 19.12 -12.76 -10.08
N GLY B 379 20.45 -12.93 -10.04
CA GLY B 379 21.38 -11.81 -9.82
C GLY B 379 21.77 -11.60 -8.36
N ALA B 380 21.17 -12.32 -7.40
CA ALA B 380 21.55 -12.15 -5.99
C ALA B 380 22.99 -12.66 -5.76
N GLU B 381 23.66 -12.04 -4.79
CA GLU B 381 25.03 -12.37 -4.30
C GLU B 381 24.88 -13.14 -2.98
N LEU B 382 25.09 -14.44 -3.02
CA LEU B 382 24.97 -15.31 -1.84
C LEU B 382 26.38 -15.59 -1.31
N PRO B 383 26.54 -15.93 -0.02
CA PRO B 383 25.43 -15.99 0.93
C PRO B 383 24.94 -14.64 1.42
N PHE B 384 23.89 -14.65 2.23
CA PHE B 384 23.28 -13.45 2.88
C PHE B 384 23.74 -13.31 4.33
N THR B 385 23.43 -12.14 4.92
CA THR B 385 23.81 -11.78 6.32
C THR B 385 23.39 -12.94 7.22
N ILE B 386 22.18 -13.47 7.05
CA ILE B 386 21.64 -14.47 8.01
C ILE B 386 22.46 -15.77 7.97
N ASP B 387 23.27 -16.00 6.93
CA ASP B 387 23.92 -17.32 6.71
C ASP B 387 25.27 -17.38 7.41
N SER C 1 -25.95 -0.97 -2.25
CA SER C 1 -25.83 -1.55 -0.89
C SER C 1 -27.22 -1.92 -0.36
N VAL C 2 -27.33 -3.08 0.26
CA VAL C 2 -28.58 -3.54 0.90
C VAL C 2 -28.27 -4.05 2.32
N LYS C 3 -29.18 -3.78 3.26
CA LYS C 3 -29.09 -4.33 4.64
C LYS C 3 -28.98 -5.86 4.58
N LEU C 4 -28.15 -6.47 5.41
CA LEU C 4 -28.14 -7.95 5.50
C LEU C 4 -29.48 -8.34 6.14
N ALA C 5 -30.18 -9.35 5.62
CA ALA C 5 -31.49 -9.81 6.12
C ALA C 5 -31.33 -10.47 7.50
N GLY C 6 -30.36 -11.39 7.65
CA GLY C 6 -30.09 -12.13 8.89
C GLY C 6 -31.24 -13.03 9.31
N ASN C 7 -32.05 -13.47 8.36
CA ASN C 7 -33.32 -14.19 8.68
C ASN C 7 -33.21 -15.69 8.39
N SER C 8 -32.16 -16.17 7.71
CA SER C 8 -31.98 -17.61 7.40
C SER C 8 -31.35 -18.30 8.62
N SER C 9 -31.31 -19.62 8.62
CA SER C 9 -30.68 -20.41 9.72
CA SER C 9 -30.70 -20.49 9.67
C SER C 9 -29.18 -20.58 9.46
N LEU C 10 -28.43 -20.94 10.50
CA LEU C 10 -27.03 -21.37 10.36
C LEU C 10 -26.99 -22.55 9.40
N CYS C 11 -25.99 -22.59 8.54
CA CYS C 11 -25.73 -23.72 7.64
C CYS C 11 -25.34 -24.91 8.49
N PRO C 12 -25.81 -26.12 8.14
CA PRO C 12 -25.42 -27.36 8.81
C PRO C 12 -23.97 -27.65 8.44
N VAL C 13 -23.15 -28.04 9.41
CA VAL C 13 -21.73 -28.29 9.07
C VAL C 13 -21.27 -29.60 9.67
N SER C 14 -20.49 -30.36 8.89
CA SER C 14 -19.89 -31.63 9.34
C SER C 14 -18.45 -31.44 9.84
N GLY C 15 -17.78 -30.31 9.50
CA GLY C 15 -16.37 -30.11 9.85
C GLY C 15 -15.88 -28.74 9.42
N TRP C 16 -14.62 -28.45 9.67
CA TRP C 16 -14.06 -27.07 9.51
C TRP C 16 -12.92 -27.07 8.47
N ALA C 17 -13.08 -26.26 7.41
CA ALA C 17 -12.05 -26.03 6.37
C ALA C 17 -11.22 -24.79 6.71
N ILE C 18 -9.89 -24.89 6.62
CA ILE C 18 -9.00 -23.78 7.01
C ILE C 18 -9.15 -22.65 6.02
N TYR C 19 -9.32 -21.47 6.53
CA TYR C 19 -9.70 -20.27 5.77
C TYR C 19 -8.51 -19.32 5.68
N SER C 20 -7.83 -19.07 6.82
CA SER C 20 -6.72 -18.10 6.83
C SER C 20 -5.63 -18.46 7.85
N LYS C 21 -4.37 -18.02 7.62
CA LYS C 21 -3.30 -18.02 8.66
C LYS C 21 -2.36 -16.86 8.31
N ASP C 22 -1.95 -16.03 9.26
CA ASP C 22 -1.26 -14.76 8.88
C ASP C 22 0.23 -14.87 9.18
N ASN C 23 0.63 -15.81 10.04
CA ASN C 23 2.06 -15.99 10.42
C ASN C 23 2.64 -14.66 10.97
N SER C 24 1.83 -13.83 11.62
CA SER C 24 2.24 -12.47 12.02
C SER C 24 3.57 -12.47 12.79
N VAL C 25 3.69 -13.38 13.76
CA VAL C 25 4.79 -13.33 14.73
C VAL C 25 6.07 -13.74 14.01
N ARG C 26 6.02 -14.84 13.24
CA ARG C 26 7.16 -15.26 12.37
C ARG C 26 7.61 -14.10 11.47
N ILE C 27 6.66 -13.45 10.79
CA ILE C 27 7.03 -12.36 9.85
C ILE C 27 7.57 -11.15 10.63
N GLY C 28 7.00 -10.84 11.78
CA GLY C 28 7.39 -9.67 12.60
C GLY C 28 8.80 -9.84 13.18
N SER C 29 9.45 -11.00 13.06
CA SER C 29 10.88 -11.19 13.42
C SER C 29 11.77 -10.24 12.57
N LYS C 30 11.36 -9.93 11.35
CA LYS C 30 12.11 -8.99 10.47
C LYS C 30 11.22 -7.82 10.03
N GLY C 31 9.98 -8.04 9.61
CA GLY C 31 9.17 -6.94 9.07
C GLY C 31 8.54 -6.07 10.14
N ASP C 32 7.78 -5.03 9.70
CA ASP C 32 7.19 -4.00 10.55
C ASP C 32 5.78 -4.50 10.84
N VAL C 33 5.60 -5.14 11.98
CA VAL C 33 4.37 -5.86 12.33
C VAL C 33 3.96 -5.38 13.71
N PHE C 34 2.69 -5.05 13.86
CA PHE C 34 2.16 -4.61 15.17
C PHE C 34 2.28 -5.73 16.18
N VAL C 35 2.53 -5.30 17.41
CA VAL C 35 2.25 -6.18 18.58
C VAL C 35 0.73 -6.19 18.70
N ILE C 36 0.13 -7.36 18.66
CA ILE C 36 -1.37 -7.34 18.68
C ILE C 36 -1.94 -8.28 19.74
N ARG C 37 -3.14 -7.96 20.21
CA ARG C 37 -3.95 -8.87 21.03
C ARG C 37 -5.40 -8.76 20.54
N GLU C 38 -6.20 -9.80 20.78
CA GLU C 38 -7.67 -9.77 20.62
C GLU C 38 -7.95 -9.60 19.15
N PRO C 39 -7.34 -10.45 18.30
CA PRO C 39 -7.61 -10.38 16.87
C PRO C 39 -9.08 -10.82 16.85
N PHE C 40 -9.83 -10.42 15.82
CA PHE C 40 -11.11 -11.04 15.50
C PHE C 40 -11.42 -10.72 14.03
N ILE C 41 -12.19 -11.61 13.42
CA ILE C 41 -12.60 -11.46 11.99
C ILE C 41 -14.04 -10.96 11.89
N SER C 42 -14.32 -10.09 10.92
CA SER C 42 -15.72 -9.70 10.62
C SER C 42 -15.76 -9.38 9.12
N CYS C 43 -16.89 -9.64 8.47
CA CYS C 43 -17.04 -9.59 7.01
C CYS C 43 -18.13 -8.55 6.68
N SER C 44 -17.92 -7.77 5.62
CA SER C 44 -18.98 -7.02 4.90
C SER C 44 -19.55 -7.91 3.79
N PRO C 45 -20.55 -7.46 2.98
CA PRO C 45 -21.03 -8.28 1.86
C PRO C 45 -19.95 -8.45 0.77
N LEU C 46 -18.77 -7.83 0.95
CA LEU C 46 -17.68 -7.69 -0.05
C LEU C 46 -16.32 -8.22 0.44
N GLU C 47 -16.03 -8.26 1.73
CA GLU C 47 -14.72 -8.85 2.14
C GLU C 47 -14.73 -9.11 3.63
N CYS C 48 -13.70 -9.83 4.09
CA CYS C 48 -13.48 -10.16 5.50
C CYS C 48 -12.19 -9.51 5.94
N ARG C 49 -12.16 -9.06 7.21
CA ARG C 49 -11.10 -8.22 7.75
C ARG C 49 -10.70 -8.77 9.10
N THR C 50 -9.44 -8.64 9.46
CA THR C 50 -8.98 -8.92 10.82
C THR C 50 -8.91 -7.55 11.51
N PHE C 51 -9.73 -7.41 12.54
CA PHE C 51 -9.72 -6.37 13.61
C PHE C 51 -8.77 -6.87 14.73
N PHE C 52 -8.08 -5.92 15.37
CA PHE C 52 -7.11 -6.21 16.45
C PHE C 52 -6.82 -4.94 17.23
N LEU C 53 -6.38 -5.15 18.46
CA LEU C 53 -5.90 -4.04 19.33
C LEU C 53 -4.38 -4.06 19.22
N THR C 54 -3.76 -2.89 19.07
CA THR C 54 -2.32 -2.79 19.34
C THR C 54 -2.05 -1.76 20.43
N GLN C 55 -0.81 -1.68 20.90
CA GLN C 55 -0.41 -0.67 21.91
C GLN C 55 0.46 0.36 21.22
N GLY C 56 0.40 0.46 19.89
N GLY C 56 0.39 0.47 19.88
CA GLY C 56 1.23 1.40 19.12
CA GLY C 56 1.24 1.40 19.13
C GLY C 56 2.70 1.04 19.24
C GLY C 56 2.70 1.03 19.27
N ALA C 57 3.00 -0.25 19.11
CA ALA C 57 4.38 -0.75 19.11
C ALA C 57 4.47 -1.83 18.04
N LEU C 58 5.68 -2.00 17.53
CA LEU C 58 5.99 -3.06 16.56
C LEU C 58 6.84 -4.15 17.23
N LEU C 59 6.81 -5.32 16.64
CA LEU C 59 7.59 -6.45 17.17
C LEU C 59 9.07 -6.10 16.97
N ASN C 60 9.87 -6.52 17.90
CA ASN C 60 11.34 -6.44 17.81
C ASN C 60 11.78 -4.98 17.99
N ASP C 61 10.90 -4.15 18.54
CA ASP C 61 11.30 -2.81 19.01
C ASP C 61 11.09 -2.72 20.52
N LYS C 62 11.82 -1.83 21.16
CA LYS C 62 11.81 -1.62 22.64
C LYS C 62 10.39 -1.26 23.15
N HIS C 63 9.54 -0.56 22.38
CA HIS C 63 8.20 -0.17 22.89
C HIS C 63 7.30 -1.41 22.96
N SER C 64 7.75 -2.58 22.47
CA SER C 64 6.98 -3.84 22.59
C SER C 64 7.00 -4.31 24.05
N ASN C 65 7.89 -3.76 24.83
CA ASN C 65 8.07 -4.14 26.27
C ASN C 65 6.78 -3.79 26.98
N GLY C 66 6.08 -4.75 27.58
CA GLY C 66 4.94 -4.32 28.40
C GLY C 66 4.39 -5.41 29.27
N THR C 67 3.34 -5.04 29.99
CA THR C 67 2.52 -5.91 30.88
C THR C 67 1.60 -6.75 30.01
N ILE C 68 0.92 -7.68 30.65
CA ILE C 68 0.15 -8.75 29.98
C ILE C 68 -1.35 -8.41 30.05
N LYS C 69 -1.82 -7.69 31.09
CA LYS C 69 -3.08 -6.90 31.03
C LYS C 69 -2.74 -5.42 30.92
N ASP C 70 -3.34 -4.65 29.99
CA ASP C 70 -3.19 -3.18 30.13
C ASP C 70 -4.09 -2.38 29.17
N ARG C 71 -4.92 -1.63 29.86
CA ARG C 71 -5.88 -0.67 29.30
C ARG C 71 -5.15 0.66 29.20
N SER C 72 -4.23 0.77 28.25
CA SER C 72 -3.44 2.01 28.09
C SER C 72 -4.14 2.98 27.12
N PRO C 73 -3.80 4.28 27.22
CA PRO C 73 -4.23 5.28 26.25
C PRO C 73 -3.53 5.15 24.88
N TYR C 74 -2.53 4.27 24.74
CA TYR C 74 -1.85 3.99 23.44
C TYR C 74 -2.63 2.96 22.60
N ARG C 75 -3.50 2.16 23.21
CA ARG C 75 -4.19 1.06 22.51
C ARG C 75 -5.24 1.60 21.53
N THR C 76 -5.18 1.07 20.30
CA THR C 76 -6.09 1.42 19.19
C THR C 76 -6.57 0.12 18.52
N LEU C 77 -7.82 0.17 18.08
CA LEU C 77 -8.51 -0.82 17.24
C LEU C 77 -8.18 -0.44 15.80
N MET C 78 -7.68 -1.40 15.06
CA MET C 78 -7.23 -1.29 13.66
C MET C 78 -7.69 -2.55 12.91
N SER C 79 -7.77 -2.47 11.60
CA SER C 79 -8.15 -3.65 10.78
C SER C 79 -7.27 -3.78 9.55
N CYS C 80 -6.99 -5.03 9.17
CA CYS C 80 -6.36 -5.32 7.87
C CYS C 80 -7.11 -6.43 7.15
N PRO C 81 -6.80 -6.69 5.87
CA PRO C 81 -7.45 -7.79 5.15
C PRO C 81 -7.08 -9.15 5.79
N ILE C 82 -7.95 -10.10 5.67
CA ILE C 82 -7.77 -11.37 6.41
C ILE C 82 -6.56 -12.15 5.84
N GLY C 83 -5.77 -12.74 6.72
CA GLY C 83 -4.63 -13.57 6.32
C GLY C 83 -3.40 -12.71 6.09
N GLU C 84 -3.52 -11.37 6.05
CA GLU C 84 -2.34 -10.47 5.90
C GLU C 84 -1.77 -10.14 7.29
N VAL C 85 -0.47 -9.94 7.42
CA VAL C 85 0.04 -9.54 8.75
C VAL C 85 -0.44 -8.13 9.05
N PRO C 86 -0.79 -7.83 10.31
CA PRO C 86 -1.19 -6.47 10.69
C PRO C 86 0.04 -5.54 10.78
N SER C 87 0.20 -4.69 9.78
CA SER C 87 1.35 -3.78 9.67
CA SER C 87 1.36 -3.78 9.71
C SER C 87 0.82 -2.36 9.67
N PRO C 88 1.65 -1.39 10.08
CA PRO C 88 1.36 0.01 9.89
C PRO C 88 1.14 0.35 8.41
N TYR C 89 1.70 -0.42 7.50
CA TYR C 89 1.60 -0.12 6.04
C TYR C 89 0.34 -0.74 5.37
N ASN C 90 -0.45 -1.59 6.00
CA ASN C 90 -1.62 -2.29 5.36
C ASN C 90 -2.87 -2.21 6.26
N SER C 91 -2.77 -1.57 7.43
CA SER C 91 -3.80 -1.53 8.49
C SER C 91 -4.54 -0.18 8.49
N ARG C 92 -5.85 -0.23 8.49
CA ARG C 92 -6.76 0.92 8.58
C ARG C 92 -6.96 1.21 10.06
N PHE C 93 -6.99 2.48 10.40
CA PHE C 93 -7.28 2.95 11.78
C PHE C 93 -8.81 2.86 11.98
N GLU C 94 -9.30 2.33 13.09
CA GLU C 94 -10.76 2.29 13.44
C GLU C 94 -11.04 3.21 14.65
N SER C 95 -10.34 3.13 15.78
CA SER C 95 -10.84 3.78 17.03
C SER C 95 -9.79 3.65 18.10
N VAL C 96 -9.76 4.61 19.05
CA VAL C 96 -8.95 4.46 20.27
C VAL C 96 -9.70 3.52 21.22
N ALA C 97 -9.06 2.43 21.62
CA ALA C 97 -9.79 1.34 22.28
C ALA C 97 -8.81 0.39 22.98
N TRP C 98 -9.13 0.07 24.24
CA TRP C 98 -8.56 -1.09 24.94
C TRP C 98 -9.59 -2.23 25.11
N SER C 99 -10.80 -2.06 24.58
CA SER C 99 -11.85 -3.12 24.42
C SER C 99 -12.71 -2.73 23.20
N ALA C 100 -13.20 -3.68 22.42
CA ALA C 100 -13.75 -3.37 21.08
C ALA C 100 -14.72 -4.43 20.59
N SER C 101 -15.50 -3.98 19.61
CA SER C 101 -16.32 -4.82 18.70
C SER C 101 -16.47 -4.07 17.37
N ALA C 102 -16.82 -4.80 16.31
CA ALA C 102 -17.18 -4.24 14.99
C ALA C 102 -18.08 -5.25 14.27
N CYS C 103 -18.89 -4.74 13.35
CA CYS C 103 -19.72 -5.58 12.47
C CYS C 103 -20.32 -4.70 11.38
N HIS C 104 -20.63 -5.30 10.23
CA HIS C 104 -21.12 -4.57 9.05
C HIS C 104 -22.59 -4.94 8.88
N ASP C 105 -23.45 -3.93 8.75
CA ASP C 105 -24.93 -4.11 8.66
C ASP C 105 -25.36 -4.38 7.22
N GLY C 106 -24.43 -4.36 6.26
CA GLY C 106 -24.71 -4.47 4.82
C GLY C 106 -24.52 -3.13 4.12
N ILE C 107 -24.59 -2.04 4.87
CA ILE C 107 -24.40 -0.65 4.33
C ILE C 107 -23.01 -0.13 4.75
N ASN C 108 -22.70 -0.12 6.04
CA ASN C 108 -21.44 0.45 6.55
C ASN C 108 -20.98 -0.34 7.78
N TRP C 109 -19.68 -0.22 8.09
CA TRP C 109 -19.06 -0.74 9.32
C TRP C 109 -19.55 0.04 10.53
N LEU C 110 -19.92 -0.67 11.58
CA LEU C 110 -20.01 -0.15 12.97
C LEU C 110 -18.74 -0.55 13.69
N THR C 111 -18.16 0.34 14.48
CA THR C 111 -17.02 0.06 15.34
C THR C 111 -17.33 0.61 16.70
N ILE C 112 -16.96 -0.17 17.73
CA ILE C 112 -17.17 0.18 19.15
C ILE C 112 -15.81 0.10 19.82
N GLY C 113 -15.32 1.25 20.27
CA GLY C 113 -13.99 1.42 20.89
C GLY C 113 -14.15 1.96 22.30
N ILE C 114 -13.80 1.19 23.33
CA ILE C 114 -13.85 1.69 24.74
C ILE C 114 -12.46 2.19 25.14
N SER C 115 -12.36 3.43 25.58
CA SER C 115 -11.11 3.98 26.13
C SER C 115 -11.44 4.82 27.36
N GLY C 116 -10.44 5.48 27.94
CA GLY C 116 -10.68 6.24 29.17
C GLY C 116 -10.34 5.42 30.41
N PRO C 117 -10.58 6.04 31.58
CA PRO C 117 -10.23 5.45 32.87
C PRO C 117 -11.16 4.31 33.33
N ASP C 118 -10.62 3.45 34.22
CA ASP C 118 -11.31 2.26 34.73
C ASP C 118 -12.61 2.66 35.42
N ASN C 119 -12.67 3.85 36.03
CA ASN C 119 -13.84 4.26 36.86
C ASN C 119 -14.82 5.05 36.00
N GLY C 120 -14.60 5.25 34.71
CA GLY C 120 -15.57 6.01 33.88
C GLY C 120 -15.27 5.88 32.40
N ALA C 121 -15.06 4.65 31.90
CA ALA C 121 -14.68 4.40 30.51
C ALA C 121 -15.87 4.70 29.59
N VAL C 122 -15.54 5.03 28.33
CA VAL C 122 -16.51 5.47 27.30
C VAL C 122 -16.27 4.64 26.04
N ALA C 123 -17.36 4.03 25.57
CA ALA C 123 -17.49 3.39 24.27
C ALA C 123 -17.81 4.47 23.24
N VAL C 124 -16.93 4.62 22.27
CA VAL C 124 -17.21 5.51 21.10
C VAL C 124 -17.68 4.64 19.94
N LEU C 125 -18.88 4.89 19.42
CA LEU C 125 -19.44 4.11 18.28
C LEU C 125 -19.26 4.96 17.01
N LYS C 126 -18.73 4.35 15.98
CA LYS C 126 -18.58 4.95 14.63
C LYS C 126 -19.35 4.13 13.61
N TYR C 127 -19.98 4.82 12.67
CA TYR C 127 -20.66 4.24 11.49
C TYR C 127 -19.97 4.88 10.28
N ASN C 128 -19.31 4.07 9.46
CA ASN C 128 -18.53 4.55 8.32
C ASN C 128 -17.45 5.50 8.88
N GLY C 129 -16.92 5.24 10.07
CA GLY C 129 -15.74 5.97 10.61
C GLY C 129 -16.12 7.30 11.20
N ILE C 130 -17.42 7.63 11.21
CA ILE C 130 -17.93 8.91 11.77
C ILE C 130 -18.49 8.60 13.16
N ILE C 131 -18.11 9.33 14.20
CA ILE C 131 -18.74 9.16 15.54
C ILE C 131 -20.24 9.43 15.46
N THR C 132 -21.03 8.44 15.90
CA THR C 132 -22.51 8.47 15.87
C THR C 132 -23.07 8.30 17.28
N ASP C 133 -22.27 7.88 18.27
CA ASP C 133 -22.81 7.81 19.66
C ASP C 133 -21.69 7.45 20.62
N THR C 134 -21.97 7.62 21.91
CA THR C 134 -21.08 7.17 23.01
C THR C 134 -21.97 6.57 24.07
N ILE C 135 -21.41 5.70 24.88
CA ILE C 135 -22.09 5.24 26.12
C ILE C 135 -21.05 5.14 27.24
N LYS C 136 -21.38 5.67 28.40
CA LYS C 136 -20.39 5.70 29.51
C LYS C 136 -20.64 4.56 30.49
N SER C 137 -19.57 4.13 31.15
CA SER C 137 -19.65 3.15 32.24
C SER C 137 -20.77 3.60 33.20
N TRP C 138 -21.64 2.65 33.55
CA TRP C 138 -22.78 2.82 34.49
C TRP C 138 -22.48 2.12 35.82
N ARG C 139 -21.35 1.39 35.96
CA ARG C 139 -20.93 0.83 37.28
C ARG C 139 -19.52 1.27 37.62
N ASN C 140 -18.86 2.01 36.73
CA ASN C 140 -17.53 2.59 37.01
C ASN C 140 -16.50 1.52 37.35
N ASN C 141 -16.58 0.38 36.68
CA ASN C 141 -15.72 -0.78 36.95
C ASN C 141 -15.42 -1.48 35.64
N ILE C 142 -14.61 -0.78 34.85
CA ILE C 142 -14.06 -1.25 33.53
C ILE C 142 -15.20 -1.68 32.61
N LEU C 143 -15.98 -0.74 32.08
CA LEU C 143 -16.89 -1.00 30.93
C LEU C 143 -16.07 -1.71 29.84
N ARG C 144 -16.56 -2.85 29.36
CA ARG C 144 -15.81 -3.69 28.42
C ARG C 144 -16.83 -4.42 27.56
N THR C 145 -16.39 -4.90 26.39
CA THR C 145 -17.26 -5.60 25.46
C THR C 145 -16.60 -6.89 24.88
N GLN C 146 -17.17 -7.35 23.78
CA GLN C 146 -16.98 -8.69 23.15
C GLN C 146 -15.54 -9.07 22.80
N GLU C 147 -14.76 -8.18 22.16
CA GLU C 147 -13.44 -8.50 21.51
C GLU C 147 -13.67 -9.48 20.37
N SER C 148 -14.85 -9.40 19.75
CA SER C 148 -15.24 -10.13 18.54
C SER C 148 -16.47 -9.43 17.92
N GLU C 149 -16.84 -9.87 16.74
CA GLU C 149 -17.82 -9.15 15.90
C GLU C 149 -19.15 -9.09 16.63
N CYS C 150 -19.76 -7.94 16.50
CA CYS C 150 -21.20 -7.77 16.84
C CYS C 150 -22.06 -8.41 15.73
N ALA C 151 -23.38 -8.53 15.92
CA ALA C 151 -24.22 -9.35 15.01
C ALA C 151 -25.35 -8.49 14.44
N CYS C 152 -25.64 -8.63 13.15
CA CYS C 152 -26.56 -7.71 12.46
C CYS C 152 -27.72 -8.50 11.85
N VAL C 153 -28.95 -7.94 12.01
CA VAL C 153 -30.24 -8.43 11.46
C VAL C 153 -31.06 -7.23 10.99
N ASN C 154 -31.34 -7.21 9.70
CA ASN C 154 -32.29 -6.29 9.07
C ASN C 154 -32.00 -4.85 9.49
N GLY C 155 -30.73 -4.42 9.48
CA GLY C 155 -30.31 -3.02 9.64
C GLY C 155 -30.10 -2.61 11.09
N SER C 156 -30.19 -3.56 12.01
CA SER C 156 -29.90 -3.42 13.46
C SER C 156 -28.70 -4.32 13.80
N CYS C 157 -27.80 -3.81 14.62
CA CYS C 157 -26.63 -4.52 15.14
C CYS C 157 -26.71 -4.59 16.64
N PHE C 158 -26.24 -5.70 17.19
CA PHE C 158 -26.44 -6.07 18.60
C PHE C 158 -25.09 -6.40 19.20
N THR C 159 -24.85 -5.96 20.44
CA THR C 159 -23.67 -6.37 21.23
C THR C 159 -24.08 -6.47 22.71
N VAL C 160 -23.17 -7.03 23.48
CA VAL C 160 -23.23 -7.14 24.96
C VAL C 160 -22.04 -6.34 25.54
N MET C 161 -22.29 -5.56 26.60
CA MET C 161 -21.20 -4.99 27.41
C MET C 161 -21.41 -5.38 28.87
N THR C 162 -20.30 -5.48 29.58
CA THR C 162 -20.26 -5.77 31.02
C THR C 162 -19.62 -4.61 31.77
N ASP C 163 -20.09 -4.32 32.97
CA ASP C 163 -19.53 -3.27 33.85
C ASP C 163 -19.65 -3.78 35.29
N GLY C 164 -18.53 -3.85 36.02
CA GLY C 164 -18.52 -4.51 37.34
C GLY C 164 -17.37 -5.49 37.52
N PRO C 165 -17.40 -6.27 38.65
CA PRO C 165 -16.36 -7.23 39.00
C PRO C 165 -16.12 -8.27 37.89
N SER C 166 -14.88 -8.74 37.72
CA SER C 166 -14.51 -9.87 36.83
C SER C 166 -14.43 -11.17 37.65
N ASN C 167 -14.75 -11.09 38.94
CA ASN C 167 -14.51 -12.22 39.90
C ASN C 167 -15.72 -12.41 40.81
N GLY C 168 -16.87 -11.92 40.37
CA GLY C 168 -18.12 -11.91 41.16
C GLY C 168 -19.22 -11.38 40.28
N GLN C 169 -20.42 -11.26 40.84
CA GLN C 169 -21.61 -10.72 40.11
C GLN C 169 -21.27 -9.37 39.46
N ALA C 170 -21.56 -9.23 38.17
CA ALA C 170 -21.37 -7.97 37.44
C ALA C 170 -22.72 -7.61 36.83
N SER C 171 -22.70 -6.51 36.08
CA SER C 171 -23.86 -6.02 35.30
C SER C 171 -23.61 -6.29 33.81
N TYR C 172 -24.59 -6.86 33.14
CA TYR C 172 -24.52 -7.22 31.71
C TYR C 172 -25.65 -6.52 30.98
N LYS C 173 -25.31 -5.80 29.91
CA LYS C 173 -26.31 -5.06 29.10
C LYS C 173 -26.25 -5.53 27.65
N ILE C 174 -27.43 -5.63 27.06
CA ILE C 174 -27.63 -5.88 25.61
C ILE C 174 -28.04 -4.56 24.93
N PHE C 175 -27.50 -4.32 23.74
CA PHE C 175 -27.68 -3.06 22.96
C PHE C 175 -28.20 -3.38 21.58
N ARG C 176 -29.17 -2.58 21.13
CA ARG C 176 -29.60 -2.54 19.72
C ARG C 176 -29.14 -1.19 19.13
N ILE C 177 -28.40 -1.28 18.03
CA ILE C 177 -27.69 -0.12 17.40
C ILE C 177 -28.12 -0.04 15.94
N GLU C 178 -28.57 1.13 15.51
CA GLU C 178 -28.96 1.38 14.10
C GLU C 178 -28.19 2.58 13.60
N LYS C 179 -27.44 2.37 12.53
CA LYS C 179 -26.55 3.40 11.92
C LYS C 179 -25.69 4.00 13.02
N GLY C 180 -25.17 3.14 13.88
CA GLY C 180 -24.18 3.53 14.88
C GLY C 180 -24.81 4.30 16.04
N LYS C 181 -26.14 4.31 16.16
CA LYS C 181 -26.89 5.03 17.23
C LYS C 181 -27.55 3.97 18.11
N ILE C 182 -27.32 3.98 19.42
CA ILE C 182 -28.01 3.05 20.35
C ILE C 182 -29.48 3.51 20.42
N VAL C 183 -30.40 2.63 20.03
CA VAL C 183 -31.86 2.90 19.99
C VAL C 183 -32.51 2.13 21.15
N LYS C 184 -31.85 1.13 21.73
CA LYS C 184 -32.36 0.42 22.93
C LYS C 184 -31.25 -0.39 23.60
N SER C 185 -31.33 -0.48 24.91
CA SER C 185 -30.52 -1.37 25.77
C SER C 185 -31.41 -1.91 26.87
N VAL C 186 -31.05 -3.07 27.37
CA VAL C 186 -31.68 -3.73 28.53
C VAL C 186 -30.57 -4.27 29.42
N GLU C 187 -30.80 -4.21 30.71
CA GLU C 187 -29.90 -4.90 31.67
C GLU C 187 -30.45 -6.30 31.90
N MET C 188 -29.59 -7.31 31.78
CA MET C 188 -29.98 -8.70 31.98
C MET C 188 -30.22 -8.99 33.46
N ASN C 189 -31.34 -9.63 33.76
CA ASN C 189 -31.60 -10.24 35.09
C ASN C 189 -30.93 -11.62 35.06
N ALA C 190 -29.76 -11.73 35.65
CA ALA C 190 -28.87 -12.90 35.53
C ALA C 190 -28.15 -13.17 36.85
N PRO C 191 -28.88 -13.43 37.95
CA PRO C 191 -28.24 -13.55 39.26
C PRO C 191 -27.46 -14.87 39.25
N ASN C 192 -26.23 -14.83 39.76
CA ASN C 192 -25.35 -16.03 39.86
C ASN C 192 -24.76 -16.43 38.48
N TYR C 193 -24.97 -15.61 37.44
CA TYR C 193 -24.41 -15.79 36.08
C TYR C 193 -23.29 -14.75 35.88
N HIS C 194 -22.35 -15.02 34.98
CA HIS C 194 -21.25 -14.07 34.66
C HIS C 194 -20.97 -14.08 33.15
N TYR C 195 -21.00 -12.92 32.52
CA TYR C 195 -20.89 -12.78 31.04
C TYR C 195 -19.69 -11.90 30.74
N GLU C 196 -18.71 -12.43 30.02
CA GLU C 196 -17.51 -11.69 29.57
C GLU C 196 -17.28 -12.00 28.10
N GLU C 197 -16.81 -11.03 27.32
CA GLU C 197 -16.19 -11.31 25.99
C GLU C 197 -17.11 -12.22 25.17
N CYS C 198 -18.38 -11.83 25.06
CA CYS C 198 -19.39 -12.59 24.29
C CYS C 198 -19.01 -12.83 22.82
N SER C 199 -19.24 -14.05 22.31
CA SER C 199 -19.16 -14.36 20.88
C SER C 199 -20.61 -14.49 20.38
N CYS C 200 -21.07 -13.51 19.61
CA CYS C 200 -22.50 -13.33 19.24
C CYS C 200 -22.66 -13.51 17.73
N TYR C 201 -23.67 -14.30 17.31
CA TYR C 201 -23.98 -14.52 15.88
C TYR C 201 -25.49 -14.44 15.66
N PRO C 202 -25.89 -14.03 14.43
CA PRO C 202 -27.31 -14.05 14.06
C PRO C 202 -27.71 -15.43 13.54
N ASP C 203 -28.95 -15.82 13.80
CA ASP C 203 -29.55 -17.11 13.41
C ASP C 203 -31.08 -16.89 13.36
N SER C 204 -31.66 -16.91 12.16
CA SER C 204 -33.13 -16.84 12.00
C SER C 204 -33.66 -15.61 12.71
N SER C 205 -33.10 -14.42 12.45
CA SER C 205 -33.55 -13.08 12.94
C SER C 205 -33.33 -12.89 14.44
N GLU C 206 -32.66 -13.84 15.09
CA GLU C 206 -32.34 -13.78 16.54
C GLU C 206 -30.83 -13.89 16.72
N ILE C 207 -30.35 -13.37 17.83
CA ILE C 207 -28.90 -13.30 18.14
C ILE C 207 -28.65 -14.35 19.20
N THR C 208 -27.59 -15.16 19.06
CA THR C 208 -27.14 -16.02 20.18
C THR C 208 -25.70 -15.64 20.55
N CYS C 209 -25.47 -15.42 21.84
CA CYS C 209 -24.14 -15.11 22.38
C CYS C 209 -23.73 -16.28 23.27
N VAL C 210 -22.53 -16.79 23.02
CA VAL C 210 -21.81 -17.68 23.97
C VAL C 210 -20.63 -16.92 24.53
N CYS C 211 -20.50 -16.89 25.84
CA CYS C 211 -19.53 -15.99 26.53
C CYS C 211 -18.62 -16.76 27.51
N ARG C 212 -18.01 -15.99 28.39
CA ARG C 212 -16.96 -16.39 29.34
C ARG C 212 -17.47 -16.06 30.74
N ASP C 213 -17.63 -17.06 31.60
CA ASP C 213 -17.88 -16.89 33.05
C ASP C 213 -16.52 -16.87 33.76
N ASN C 214 -16.08 -15.69 34.15
CA ASN C 214 -14.78 -15.50 34.81
C ASN C 214 -14.89 -15.67 36.34
N TRP C 215 -16.12 -15.88 36.82
CA TRP C 215 -16.49 -15.93 38.26
C TRP C 215 -16.45 -17.38 38.76
N HIS C 216 -17.24 -18.27 38.19
CA HIS C 216 -17.47 -19.58 38.84
C HIS C 216 -18.10 -20.60 37.91
N GLY C 217 -17.73 -20.59 36.65
CA GLY C 217 -18.24 -21.49 35.62
C GLY C 217 -17.15 -21.93 34.65
N SER C 218 -17.00 -23.24 34.51
CA SER C 218 -16.02 -23.82 33.57
C SER C 218 -16.77 -24.23 32.29
N ASN C 219 -18.11 -24.25 32.34
CA ASN C 219 -18.98 -24.39 31.14
C ASN C 219 -19.28 -22.96 30.72
N ARG C 220 -19.72 -22.75 29.48
CA ARG C 220 -19.94 -21.34 28.99
C ARG C 220 -21.38 -20.91 29.22
N PRO C 221 -21.54 -19.67 29.69
CA PRO C 221 -22.87 -19.07 29.70
C PRO C 221 -23.32 -18.71 28.28
N TRP C 222 -24.64 -18.58 28.05
CA TRP C 222 -25.21 -18.04 26.78
C TRP C 222 -26.40 -17.11 27.06
N VAL C 223 -26.65 -16.24 26.11
CA VAL C 223 -27.83 -15.33 26.12
C VAL C 223 -28.28 -15.22 24.67
N SER C 224 -29.57 -15.42 24.43
CA SER C 224 -30.14 -15.22 23.08
C SER C 224 -31.23 -14.17 23.20
N PHE C 225 -31.49 -13.44 22.13
CA PHE C 225 -32.52 -12.40 22.20
C PHE C 225 -33.00 -12.07 20.79
N ASN C 226 -34.17 -11.43 20.75
CA ASN C 226 -34.83 -11.03 19.51
C ASN C 226 -34.52 -9.55 19.32
N GLN C 227 -34.93 -8.98 18.19
CA GLN C 227 -34.65 -7.55 17.83
C GLN C 227 -35.18 -6.60 18.88
N ASN C 228 -36.15 -7.04 19.69
CA ASN C 228 -36.72 -6.20 20.79
C ASN C 228 -35.98 -6.41 22.10
N LEU C 229 -34.83 -7.14 22.09
CA LEU C 229 -33.98 -7.43 23.27
C LEU C 229 -34.79 -8.19 24.35
N GLU C 230 -35.81 -8.92 23.95
CA GLU C 230 -36.43 -9.95 24.83
C GLU C 230 -35.47 -11.13 24.76
N TYR C 231 -35.00 -11.58 25.92
CA TYR C 231 -33.82 -12.47 26.01
C TYR C 231 -34.17 -13.76 26.76
N GLN C 232 -33.31 -14.75 26.61
CA GLN C 232 -33.32 -15.98 27.40
C GLN C 232 -31.87 -16.21 27.80
N ILE C 233 -31.64 -16.90 28.92
CA ILE C 233 -30.26 -17.15 29.42
C ILE C 233 -30.13 -18.60 29.86
N GLY C 234 -28.88 -19.01 29.99
CA GLY C 234 -28.58 -20.42 30.29
C GLY C 234 -27.08 -20.64 30.23
N TYR C 235 -26.66 -21.86 30.56
CA TYR C 235 -25.26 -22.30 30.34
C TYR C 235 -25.33 -23.49 29.40
N ILE C 236 -24.27 -23.70 28.65
CA ILE C 236 -24.12 -24.98 27.88
C ILE C 236 -24.06 -26.14 28.88
N CYS C 237 -24.95 -27.11 28.69
CA CYS C 237 -25.21 -28.25 29.63
C CYS C 237 -24.18 -29.36 29.46
N SER C 238 -23.60 -29.46 28.27
CA SER C 238 -22.60 -30.49 27.95
C SER C 238 -21.53 -30.60 29.03
N GLY C 239 -21.26 -31.86 29.38
CA GLY C 239 -20.14 -32.32 30.22
C GLY C 239 -18.82 -32.26 29.47
N ILE C 240 -18.86 -31.99 28.16
CA ILE C 240 -17.68 -31.51 27.39
C ILE C 240 -17.48 -30.01 27.71
N PHE C 241 -16.75 -29.70 28.78
CA PHE C 241 -16.67 -28.34 29.35
C PHE C 241 -15.91 -27.44 28.36
N GLY C 242 -16.37 -26.20 28.16
CA GLY C 242 -15.89 -25.33 27.08
C GLY C 242 -14.83 -24.33 27.53
N ASP C 243 -14.78 -23.95 28.81
CA ASP C 243 -13.90 -22.85 29.24
C ASP C 243 -12.49 -23.40 29.47
N ASN C 244 -11.55 -22.48 29.66
CA ASN C 244 -10.16 -22.79 30.09
C ASN C 244 -9.88 -21.79 31.19
N PRO C 245 -9.59 -22.22 32.44
CA PRO C 245 -9.41 -23.63 32.79
C PRO C 245 -10.75 -24.35 33.01
N ARG C 246 -10.67 -25.65 33.30
CA ARG C 246 -11.87 -26.49 33.41
C ARG C 246 -11.46 -27.82 34.03
N PRO C 247 -12.44 -28.63 34.46
CA PRO C 247 -12.16 -29.99 34.88
C PRO C 247 -12.08 -30.93 33.69
N ASN C 248 -11.62 -32.15 33.95
CA ASN C 248 -11.76 -33.24 32.95
C ASN C 248 -13.25 -33.39 32.68
N ASP C 249 -13.60 -33.84 31.49
CA ASP C 249 -15.01 -34.00 31.05
C ASP C 249 -15.68 -35.06 31.94
N LYS C 250 -16.90 -34.74 32.38
CA LYS C 250 -17.75 -35.62 33.23
C LYS C 250 -19.19 -35.10 33.05
N THR C 251 -20.11 -35.40 33.94
CA THR C 251 -21.51 -34.90 33.88
C THR C 251 -21.50 -33.39 33.98
N GLY C 252 -22.17 -32.72 33.05
CA GLY C 252 -22.28 -31.25 33.01
C GLY C 252 -23.41 -30.73 33.86
N SER C 253 -23.64 -29.43 33.75
CA SER C 253 -24.75 -28.70 34.39
C SER C 253 -25.28 -27.67 33.43
N CYS C 254 -26.60 -27.46 33.48
CA CYS C 254 -27.30 -26.37 32.76
C CYS C 254 -27.15 -25.07 33.53
N GLY C 255 -26.55 -25.12 34.73
CA GLY C 255 -26.12 -23.93 35.46
C GLY C 255 -24.59 -23.87 35.43
N PRO C 256 -23.98 -22.88 36.08
CA PRO C 256 -22.54 -22.76 36.08
C PRO C 256 -21.92 -23.91 36.89
N VAL C 257 -20.91 -24.54 36.28
CA VAL C 257 -20.08 -25.60 36.89
C VAL C 257 -18.93 -24.95 37.67
N SER C 258 -18.99 -25.01 39.01
CA SER C 258 -18.06 -24.28 39.90
C SER C 258 -16.66 -24.92 39.88
N SER C 259 -16.55 -26.21 39.57
CA SER C 259 -15.21 -26.86 39.61
C SER C 259 -14.33 -26.17 38.57
N ASN C 260 -13.23 -25.56 39.01
CA ASN C 260 -12.28 -24.89 38.08
CA ASN C 260 -12.25 -24.82 38.15
C ASN C 260 -12.95 -23.70 37.37
N GLY C 261 -14.00 -23.10 37.98
CA GLY C 261 -14.87 -22.13 37.31
C GLY C 261 -14.27 -20.74 37.25
N ALA C 262 -13.46 -20.40 38.24
CA ALA C 262 -12.86 -19.06 38.27
C ALA C 262 -11.89 -18.92 37.07
N ASN C 263 -11.72 -17.69 36.62
CA ASN C 263 -10.86 -17.37 35.47
C ASN C 263 -11.55 -17.91 34.21
N GLY C 264 -10.87 -17.81 33.09
CA GLY C 264 -11.46 -18.27 31.83
C GLY C 264 -10.66 -17.85 30.64
N VAL C 265 -11.24 -18.10 29.46
CA VAL C 265 -10.71 -17.62 28.16
C VAL C 265 -11.90 -17.25 27.27
N LYS C 266 -11.73 -16.16 26.49
CA LYS C 266 -12.74 -15.82 25.46
C LYS C 266 -12.90 -17.06 24.57
N GLY C 267 -14.14 -17.49 24.37
CA GLY C 267 -14.48 -18.54 23.38
C GLY C 267 -15.82 -18.37 22.71
N PHE C 268 -16.29 -19.43 22.12
CA PHE C 268 -17.51 -19.41 21.27
C PHE C 268 -18.05 -20.84 21.22
N SER C 269 -19.31 -20.97 20.83
CA SER C 269 -19.92 -22.23 20.40
C SER C 269 -21.10 -21.89 19.48
N PHE C 270 -21.52 -22.87 18.69
CA PHE C 270 -22.67 -22.74 17.75
C PHE C 270 -23.76 -23.73 18.18
N LYS C 271 -24.95 -23.17 18.45
CA LYS C 271 -26.17 -23.99 18.74
C LYS C 271 -26.83 -24.53 17.45
N TYR C 272 -27.17 -25.83 17.44
CA TYR C 272 -27.99 -26.51 16.41
C TYR C 272 -29.07 -27.37 17.11
N GLY C 273 -30.26 -26.78 17.33
CA GLY C 273 -31.32 -27.41 18.13
C GLY C 273 -30.80 -27.79 19.49
N ASN C 274 -30.81 -29.07 19.85
CA ASN C 274 -30.29 -29.56 21.13
C ASN C 274 -28.77 -29.82 21.06
N GLY C 275 -28.18 -29.72 19.86
CA GLY C 275 -26.74 -29.98 19.69
C GLY C 275 -25.88 -28.74 19.78
N VAL C 276 -24.56 -28.96 19.82
CA VAL C 276 -23.60 -27.83 19.92
C VAL C 276 -22.27 -28.22 19.28
N TRP C 277 -21.74 -27.27 18.50
CA TRP C 277 -20.34 -27.25 18.05
C TRP C 277 -19.56 -26.45 19.06
N ILE C 278 -18.66 -27.11 19.79
CA ILE C 278 -17.81 -26.49 20.85
C ILE C 278 -16.38 -26.35 20.31
N GLY C 279 -15.83 -25.13 20.36
CA GLY C 279 -14.42 -24.81 20.17
C GLY C 279 -13.75 -24.65 21.52
N ARG C 280 -12.69 -25.41 21.78
CA ARG C 280 -12.01 -25.28 23.08
C ARG C 280 -10.52 -25.59 22.95
N THR C 281 -9.77 -25.13 23.93
CA THR C 281 -8.37 -25.55 24.15
C THR C 281 -8.33 -27.08 24.32
N LYS C 282 -7.19 -27.72 24.07
CA LYS C 282 -6.99 -29.16 24.34
C LYS C 282 -6.58 -29.34 25.79
N SER C 283 -5.77 -28.42 26.33
CA SER C 283 -5.39 -28.41 27.76
C SER C 283 -6.57 -27.95 28.64
N ILE C 284 -6.73 -28.60 29.80
CA ILE C 284 -7.75 -28.21 30.83
C ILE C 284 -7.23 -27.07 31.67
N SER C 285 -5.92 -26.83 31.69
CA SER C 285 -5.34 -25.90 32.68
C SER C 285 -4.75 -24.69 31.99
N SER C 286 -4.35 -24.75 30.72
CA SER C 286 -3.69 -23.60 30.06
C SER C 286 -4.16 -23.45 28.60
N ARG C 287 -3.85 -22.28 28.02
CA ARG C 287 -4.29 -21.90 26.66
C ARG C 287 -3.33 -22.57 25.67
N ASN C 288 -3.48 -23.88 25.57
CA ASN C 288 -2.68 -24.79 24.74
C ASN C 288 -3.65 -25.66 23.91
N GLY C 289 -3.38 -25.74 22.62
CA GLY C 289 -4.10 -26.59 21.67
C GLY C 289 -5.47 -26.02 21.37
N PHE C 290 -6.15 -26.66 20.40
CA PHE C 290 -7.51 -26.25 20.02
C PHE C 290 -8.16 -27.38 19.29
N GLU C 291 -9.45 -27.55 19.51
CA GLU C 291 -10.23 -28.66 18.92
C GLU C 291 -11.68 -28.24 18.78
N MET C 292 -12.34 -28.81 17.79
CA MET C 292 -13.78 -28.55 17.50
C MET C 292 -14.52 -29.85 17.82
N ILE C 293 -15.55 -29.77 18.62
CA ILE C 293 -16.30 -30.99 19.03
C ILE C 293 -17.79 -30.77 18.74
N TRP C 294 -18.38 -31.69 17.99
CA TRP C 294 -19.83 -31.78 17.78
C TRP C 294 -20.46 -32.73 18.83
N ASP C 295 -21.31 -32.17 19.68
CA ASP C 295 -22.05 -32.93 20.71
C ASP C 295 -23.54 -32.79 20.42
N PRO C 296 -24.15 -33.80 19.78
CA PRO C 296 -25.51 -33.65 19.26
C PRO C 296 -26.61 -33.40 20.29
N ASN C 297 -26.35 -33.59 21.58
CA ASN C 297 -27.33 -33.19 22.63
C ASN C 297 -26.66 -32.32 23.69
N GLY C 298 -25.53 -31.68 23.36
CA GLY C 298 -24.74 -30.93 24.35
C GLY C 298 -25.28 -29.55 24.65
N TRP C 299 -26.19 -28.96 23.85
CA TRP C 299 -26.73 -27.65 24.31
C TRP C 299 -27.57 -27.86 25.58
N THR C 300 -28.45 -28.87 25.56
CA THR C 300 -29.49 -29.11 26.60
C THR C 300 -29.20 -30.35 27.45
N GLY C 301 -28.31 -31.27 27.03
CA GLY C 301 -27.98 -32.52 27.75
C GLY C 301 -26.64 -32.45 28.49
N THR C 302 -26.54 -33.15 29.62
CA THR C 302 -25.43 -33.02 30.58
C THR C 302 -24.43 -34.18 30.46
N ASP C 303 -24.64 -35.15 29.58
CA ASP C 303 -23.66 -36.26 29.42
C ASP C 303 -22.35 -35.74 28.78
N ASN C 304 -21.30 -36.54 28.88
CA ASN C 304 -19.97 -36.15 28.33
C ASN C 304 -19.67 -36.94 27.06
N ASN C 305 -20.70 -37.40 26.35
CA ASN C 305 -20.56 -38.17 25.08
C ASN C 305 -20.57 -37.15 23.93
N PHE C 306 -19.76 -37.36 22.87
CA PHE C 306 -19.81 -36.48 21.67
C PHE C 306 -19.71 -37.34 20.41
N SER C 307 -20.05 -36.77 19.25
CA SER C 307 -20.05 -37.54 18.00
C SER C 307 -18.78 -37.29 17.18
N ILE C 308 -18.25 -36.06 17.16
CA ILE C 308 -17.12 -35.68 16.26
C ILE C 308 -16.14 -34.80 17.04
N LYS C 309 -14.85 -35.10 16.85
CA LYS C 309 -13.73 -34.22 17.30
CA LYS C 309 -13.73 -34.23 17.31
C LYS C 309 -12.81 -33.97 16.11
N GLN C 310 -12.46 -32.72 15.89
CA GLN C 310 -11.56 -32.30 14.79
C GLN C 310 -10.42 -31.48 15.42
N ASP C 311 -9.20 -31.94 15.25
CA ASP C 311 -7.99 -31.26 15.78
C ASP C 311 -7.73 -29.97 14.98
N ILE C 312 -7.36 -28.89 15.69
CA ILE C 312 -7.06 -27.57 15.04
C ILE C 312 -5.64 -27.14 15.39
N VAL C 313 -5.29 -27.20 16.67
CA VAL C 313 -3.91 -26.96 17.20
C VAL C 313 -3.54 -28.05 18.22
N GLY C 314 -2.31 -28.54 18.12
CA GLY C 314 -1.84 -29.62 19.01
C GLY C 314 -1.71 -29.14 20.45
N ILE C 315 -1.80 -30.10 21.35
CA ILE C 315 -1.89 -29.83 22.81
C ILE C 315 -0.58 -29.19 23.25
N ASN C 316 0.54 -29.48 22.60
CA ASN C 316 1.83 -28.89 23.04
C ASN C 316 2.08 -27.56 22.32
N GLU C 317 1.06 -26.93 21.77
CA GLU C 317 1.24 -25.64 21.06
C GLU C 317 0.39 -24.56 21.72
N TRP C 318 0.86 -23.33 21.65
CA TRP C 318 0.14 -22.17 22.22
C TRP C 318 -1.15 -21.91 21.43
N SER C 319 -2.19 -21.69 22.18
CA SER C 319 -3.43 -21.14 21.59
C SER C 319 -3.77 -19.84 22.32
N GLY C 320 -5.04 -19.56 22.62
CA GLY C 320 -5.44 -18.22 23.10
C GLY C 320 -6.95 -18.04 22.97
N TYR C 321 -7.36 -16.80 22.83
CA TYR C 321 -8.77 -16.42 22.57
C TYR C 321 -9.21 -17.09 21.27
N SER C 322 -10.53 -17.30 21.15
CA SER C 322 -11.23 -17.73 19.92
C SER C 322 -12.53 -16.97 19.87
N GLY C 323 -13.10 -16.83 18.68
CA GLY C 323 -14.43 -16.25 18.56
C GLY C 323 -15.08 -16.72 17.29
N SER C 324 -16.39 -16.44 17.22
CA SER C 324 -17.26 -16.72 16.07
C SER C 324 -17.10 -15.57 15.08
N PHE C 325 -17.17 -15.91 13.79
CA PHE C 325 -17.67 -14.97 12.77
C PHE C 325 -18.56 -15.72 11.79
N VAL C 326 -19.39 -14.94 11.10
CA VAL C 326 -20.34 -15.50 10.10
C VAL C 326 -20.15 -14.87 8.73
N GLN C 327 -20.54 -15.65 7.73
CA GLN C 327 -20.67 -15.19 6.35
C GLN C 327 -22.16 -15.30 5.95
N HIS C 328 -22.78 -14.15 5.74
CA HIS C 328 -24.23 -14.05 5.44
C HIS C 328 -24.40 -14.45 3.96
N PRO C 329 -25.61 -14.96 3.60
CA PRO C 329 -25.96 -15.23 2.20
C PRO C 329 -25.63 -14.10 1.23
N GLU C 330 -25.71 -12.86 1.67
CA GLU C 330 -25.42 -11.70 0.77
C GLU C 330 -23.96 -11.72 0.28
N LEU C 331 -23.05 -12.35 1.04
CA LEU C 331 -21.61 -12.45 0.70
C LEU C 331 -21.36 -13.76 -0.09
N THR C 332 -21.92 -14.88 0.36
CA THR C 332 -21.61 -16.24 -0.16
C THR C 332 -22.52 -16.65 -1.33
N GLY C 333 -23.76 -16.16 -1.42
CA GLY C 333 -24.73 -16.73 -2.35
C GLY C 333 -25.47 -17.95 -1.81
N LEU C 334 -25.16 -18.40 -0.59
CA LEU C 334 -25.85 -19.54 0.03
C LEU C 334 -27.25 -19.08 0.47
N ASP C 335 -28.05 -20.00 0.95
CA ASP C 335 -29.42 -19.80 1.51
C ASP C 335 -29.39 -19.95 3.05
N CYS C 336 -28.19 -19.81 3.64
CA CYS C 336 -28.03 -19.99 5.09
C CYS C 336 -26.80 -19.20 5.54
N ILE C 337 -26.76 -18.93 6.83
CA ILE C 337 -25.67 -18.16 7.46
C ILE C 337 -24.52 -19.12 7.80
N ARG C 338 -23.35 -18.87 7.23
CA ARG C 338 -22.22 -19.82 7.36
C ARG C 338 -21.45 -19.52 8.63
N PRO C 339 -21.22 -20.50 9.52
CA PRO C 339 -20.48 -20.27 10.76
C PRO C 339 -18.98 -20.46 10.47
N CYS C 340 -18.18 -19.51 10.95
CA CYS C 340 -16.70 -19.61 10.89
C CYS C 340 -16.19 -19.34 12.31
N PHE C 341 -14.88 -19.55 12.51
CA PHE C 341 -14.19 -19.17 13.76
C PHE C 341 -12.74 -18.83 13.49
N TRP C 342 -12.20 -18.03 14.41
CA TRP C 342 -10.78 -17.62 14.48
C TRP C 342 -10.22 -18.11 15.82
N VAL C 343 -8.94 -18.48 15.83
CA VAL C 343 -8.13 -18.73 17.07
C VAL C 343 -6.91 -17.78 17.03
N GLU C 344 -6.68 -17.09 18.16
CA GLU C 344 -5.44 -16.32 18.47
C GLU C 344 -4.43 -17.31 19.02
N LEU C 345 -3.21 -17.29 18.47
CA LEU C 345 -2.06 -18.08 18.95
C LEU C 345 -1.11 -17.10 19.67
N ILE C 346 -1.15 -17.07 21.00
CA ILE C 346 -0.46 -16.02 21.77
C ILE C 346 0.95 -16.49 22.10
N ARG C 347 1.91 -15.60 21.88
CA ARG C 347 3.34 -15.88 22.12
C ARG C 347 3.93 -14.86 23.11
N GLY C 348 4.90 -15.32 23.90
CA GLY C 348 5.79 -14.41 24.62
C GLY C 348 5.57 -14.49 26.11
N ARG C 349 5.55 -13.29 26.71
CA ARG C 349 5.49 -13.07 28.17
C ARG C 349 4.09 -13.44 28.64
N PRO C 350 3.92 -14.18 29.76
CA PRO C 350 5.02 -14.55 30.68
C PRO C 350 5.55 -15.98 30.62
N LYS C 351 4.94 -16.87 29.86
CA LYS C 351 5.33 -18.30 29.79
C LYS C 351 6.63 -18.41 29.02
N GLU C 352 6.97 -17.43 28.17
CA GLU C 352 8.25 -17.44 27.41
C GLU C 352 9.14 -16.24 27.79
N ASN C 353 10.44 -16.38 27.55
CA ASN C 353 11.46 -15.41 28.01
C ASN C 353 11.62 -14.24 27.02
N THR C 354 10.54 -13.47 26.84
CA THR C 354 10.51 -12.27 25.98
C THR C 354 10.04 -11.09 26.83
N ILE C 355 10.22 -9.89 26.31
CA ILE C 355 9.76 -8.63 26.96
C ILE C 355 8.33 -8.30 26.50
N TRP C 356 7.88 -9.02 25.49
CA TRP C 356 6.62 -8.71 24.77
C TRP C 356 5.69 -9.93 24.77
N THR C 357 4.40 -9.66 24.50
CA THR C 357 3.32 -10.61 24.26
C THR C 357 2.59 -10.21 22.97
N SER C 358 2.38 -11.16 22.05
CA SER C 358 1.76 -10.88 20.74
C SER C 358 1.24 -12.17 20.15
N GLY C 359 0.28 -12.02 19.23
CA GLY C 359 -0.42 -13.17 18.65
C GLY C 359 -0.36 -13.16 17.14
N SER C 360 -0.50 -14.35 16.60
CA SER C 360 -0.87 -14.55 15.19
C SER C 360 -2.27 -15.18 15.21
N SER C 361 -2.80 -15.50 14.05
CA SER C 361 -4.18 -16.03 14.00
CA SER C 361 -4.21 -15.93 13.89
C SER C 361 -4.31 -17.06 12.89
N ILE C 362 -5.36 -17.87 13.07
CA ILE C 362 -5.86 -18.88 12.12
C ILE C 362 -7.38 -18.71 12.13
N SER C 363 -8.02 -19.01 11.00
CA SER C 363 -9.50 -19.14 10.97
C SER C 363 -9.91 -20.30 10.08
N PHE C 364 -11.11 -20.79 10.32
CA PHE C 364 -11.78 -21.90 9.62
C PHE C 364 -13.26 -21.52 9.32
N CYS C 365 -13.83 -22.09 8.28
CA CYS C 365 -15.27 -21.99 7.95
C CYS C 365 -15.91 -23.36 7.94
N GLY C 366 -17.13 -23.37 8.46
CA GLY C 366 -17.92 -24.62 8.51
C GLY C 366 -18.33 -25.03 7.13
N VAL C 367 -18.12 -26.29 6.80
CA VAL C 367 -18.55 -26.86 5.49
C VAL C 367 -19.24 -28.20 5.76
N ASN C 368 -19.89 -28.74 4.74
CA ASN C 368 -20.39 -30.14 4.77
C ASN C 368 -19.62 -31.08 3.83
N SER C 369 -18.51 -30.65 3.30
CA SER C 369 -17.68 -31.50 2.44
C SER C 369 -16.57 -32.07 3.33
N ASP C 370 -15.65 -32.80 2.74
CA ASP C 370 -14.59 -33.49 3.53
C ASP C 370 -13.63 -32.46 4.13
N THR C 371 -13.26 -32.72 5.37
CA THR C 371 -12.29 -31.91 6.10
C THR C 371 -11.23 -32.83 6.73
N VAL C 372 -10.23 -32.26 7.40
CA VAL C 372 -9.23 -33.05 8.16
C VAL C 372 -8.75 -32.24 9.35
N GLY C 373 -8.48 -32.95 10.45
CA GLY C 373 -7.80 -32.43 11.63
C GLY C 373 -6.29 -32.31 11.39
N TRP C 374 -5.67 -31.32 12.00
CA TRP C 374 -4.19 -31.24 12.00
C TRP C 374 -3.82 -30.29 13.12
N SER C 375 -2.64 -29.72 13.01
CA SER C 375 -2.13 -28.62 13.84
C SER C 375 -1.57 -27.51 12.94
N TRP C 376 -2.14 -26.34 13.04
CA TRP C 376 -1.62 -25.11 12.40
C TRP C 376 -1.20 -24.11 13.47
N PRO C 377 -0.01 -24.28 14.08
CA PRO C 377 0.43 -23.43 15.17
C PRO C 377 1.15 -22.16 14.70
N ASP C 378 1.54 -21.34 15.67
CA ASP C 378 2.15 -20.02 15.43
C ASP C 378 3.48 -20.16 14.68
N GLY C 379 4.41 -20.98 15.19
CA GLY C 379 5.63 -21.30 14.46
C GLY C 379 6.82 -20.37 14.73
N ALA C 380 6.68 -19.34 15.53
CA ALA C 380 7.79 -18.40 15.72
C ALA C 380 8.79 -19.04 16.69
N GLU C 381 10.05 -18.68 16.53
CA GLU C 381 11.17 -19.18 17.37
C GLU C 381 11.59 -18.04 18.27
N LEU C 382 11.20 -18.13 19.56
CA LEU C 382 11.50 -17.16 20.60
C LEU C 382 12.74 -17.62 21.37
N PRO C 383 13.45 -16.70 22.05
CA PRO C 383 13.14 -15.27 21.97
C PRO C 383 13.64 -14.56 20.71
N PHE C 384 13.34 -13.27 20.60
CA PHE C 384 13.69 -12.44 19.43
C PHE C 384 14.93 -11.60 19.75
N THR C 385 15.41 -10.87 18.78
CA THR C 385 16.54 -9.92 18.90
C THR C 385 16.37 -8.93 20.06
N ILE C 386 15.18 -8.35 20.22
CA ILE C 386 14.94 -7.25 21.18
C ILE C 386 15.00 -7.79 22.62
N ASP C 387 14.80 -9.08 22.81
CA ASP C 387 14.68 -9.73 24.13
C ASP C 387 16.06 -9.87 24.80
N SER D 1 -20.41 14.44 -7.27
CA SER D 1 -19.71 15.47 -6.44
C SER D 1 -20.53 16.77 -6.36
N VAL D 2 -20.70 17.27 -5.15
CA VAL D 2 -21.44 18.51 -4.79
C VAL D 2 -20.58 19.37 -3.86
N LYS D 3 -20.61 20.67 -4.11
CA LYS D 3 -19.97 21.70 -3.26
C LYS D 3 -20.56 21.60 -1.85
N LEU D 4 -19.70 21.61 -0.83
CA LEU D 4 -20.10 21.78 0.58
C LEU D 4 -20.85 23.10 0.68
N ALA D 5 -22.05 23.06 1.28
CA ALA D 5 -22.90 24.25 1.45
C ALA D 5 -22.24 25.22 2.42
N GLY D 6 -21.82 24.73 3.59
CA GLY D 6 -21.24 25.58 4.63
C GLY D 6 -22.24 26.56 5.23
N ASN D 7 -23.56 26.30 5.11
CA ASN D 7 -24.57 27.32 5.48
C ASN D 7 -25.23 27.01 6.82
N SER D 8 -25.04 25.82 7.41
CA SER D 8 -25.66 25.45 8.69
C SER D 8 -24.78 26.00 9.79
N SER D 9 -25.23 25.97 11.03
CA SER D 9 -24.42 26.51 12.16
C SER D 9 -23.56 25.37 12.77
N LEU D 10 -22.53 25.71 13.55
CA LEU D 10 -21.78 24.70 14.37
C LEU D 10 -22.75 23.92 15.25
N CYS D 11 -22.58 22.61 15.33
CA CYS D 11 -23.24 21.75 16.35
C CYS D 11 -22.84 22.24 17.74
N PRO D 12 -23.80 22.55 18.64
CA PRO D 12 -23.47 22.76 20.06
C PRO D 12 -23.07 21.42 20.66
N VAL D 13 -22.06 21.44 21.52
CA VAL D 13 -21.57 20.17 22.06
C VAL D 13 -21.35 20.39 23.55
N SER D 14 -21.44 19.31 24.32
CA SER D 14 -21.22 19.30 25.78
C SER D 14 -19.82 18.73 26.08
N GLY D 15 -19.18 18.06 25.13
CA GLY D 15 -17.90 17.35 25.42
C GLY D 15 -17.23 16.79 24.18
N TRP D 16 -16.06 16.16 24.37
CA TRP D 16 -15.14 15.71 23.30
C TRP D 16 -14.86 14.21 23.38
N ALA D 17 -15.30 13.47 22.38
CA ALA D 17 -15.10 12.01 22.26
C ALA D 17 -13.87 11.76 21.39
N ILE D 18 -13.00 10.85 21.79
CA ILE D 18 -11.69 10.68 21.12
C ILE D 18 -11.92 9.99 19.76
N TYR D 19 -11.22 10.45 18.73
CA TYR D 19 -11.51 10.14 17.32
C TYR D 19 -10.32 9.38 16.77
N SER D 20 -9.09 9.85 17.03
CA SER D 20 -7.89 9.17 16.52
C SER D 20 -6.73 9.37 17.46
N LYS D 21 -5.80 8.42 17.32
CA LYS D 21 -4.42 8.51 17.83
C LYS D 21 -3.53 7.75 16.90
N ASP D 22 -2.38 8.29 16.54
CA ASP D 22 -1.56 7.56 15.53
C ASP D 22 -0.36 6.85 16.16
N ASN D 23 0.14 7.26 17.33
CA ASN D 23 1.34 6.63 17.97
C ASN D 23 2.56 6.70 17.03
N SER D 24 2.73 7.76 16.26
CA SER D 24 3.76 7.82 15.21
C SER D 24 5.17 7.66 15.77
N VAL D 25 5.40 8.28 16.91
CA VAL D 25 6.79 8.32 17.43
C VAL D 25 7.11 6.92 17.98
N ARG D 26 6.20 6.29 18.73
CA ARG D 26 6.41 4.90 19.24
C ARG D 26 6.67 3.95 18.09
N ILE D 27 5.91 4.08 17.02
CA ILE D 27 6.02 3.17 15.87
C ILE D 27 7.32 3.45 15.10
N GLY D 28 7.68 4.72 14.97
CA GLY D 28 8.88 5.15 14.24
C GLY D 28 10.21 4.78 14.88
N SER D 29 10.21 4.32 16.13
CA SER D 29 11.40 3.69 16.76
C SER D 29 11.94 2.52 15.90
N LYS D 30 11.07 1.75 15.23
CA LYS D 30 11.50 0.66 14.32
C LYS D 30 10.92 0.84 12.91
N GLY D 31 9.66 1.25 12.76
CA GLY D 31 9.08 1.36 11.42
C GLY D 31 9.59 2.55 10.64
N ASP D 32 9.21 2.61 9.35
CA ASP D 32 9.63 3.68 8.41
C ASP D 32 8.63 4.82 8.54
N VAL D 33 8.84 5.74 9.48
CA VAL D 33 7.88 6.80 9.86
C VAL D 33 8.59 8.13 9.64
N PHE D 34 7.97 9.06 8.91
CA PHE D 34 8.53 10.43 8.72
C PHE D 34 8.71 11.16 10.06
N VAL D 35 9.76 11.97 10.14
CA VAL D 35 9.88 13.07 11.10
C VAL D 35 8.89 14.10 10.64
N ILE D 36 7.95 14.48 11.48
CA ILE D 36 6.90 15.42 11.05
C ILE D 36 6.75 16.53 12.09
N ARG D 37 6.10 17.59 11.65
CA ARG D 37 5.67 18.72 12.51
C ARG D 37 4.42 19.25 11.84
N GLU D 38 3.59 19.91 12.62
CA GLU D 38 2.47 20.72 12.09
CA GLU D 38 2.44 20.69 12.14
C GLU D 38 1.48 19.77 11.39
N PRO D 39 1.08 18.65 12.00
CA PRO D 39 0.00 17.87 11.44
C PRO D 39 -1.27 18.71 11.57
N PHE D 40 -2.26 18.29 10.85
CA PHE D 40 -3.59 18.91 10.90
C PHE D 40 -4.46 17.96 10.13
N ILE D 41 -5.68 17.87 10.57
CA ILE D 41 -6.73 17.01 9.95
CA ILE D 41 -6.70 17.00 9.92
C ILE D 41 -7.62 17.88 9.07
N SER D 42 -8.09 17.34 7.95
CA SER D 42 -9.10 18.00 7.09
C SER D 42 -9.90 16.90 6.42
N CYS D 43 -11.17 17.14 6.13
CA CYS D 43 -12.09 16.08 5.69
C CYS D 43 -12.72 16.47 4.35
N SER D 44 -12.98 15.49 3.50
CA SER D 44 -13.85 15.66 2.31
C SER D 44 -15.26 15.21 2.64
N PRO D 45 -16.21 15.14 1.67
CA PRO D 45 -17.52 14.53 1.92
C PRO D 45 -17.47 13.01 2.17
N LEU D 46 -16.28 12.40 2.01
CA LEU D 46 -16.04 10.93 1.99
C LEU D 46 -14.95 10.46 2.97
N GLU D 47 -13.90 11.24 3.30
CA GLU D 47 -12.90 10.75 4.29
C GLU D 47 -12.22 11.90 5.04
N CYS D 48 -11.56 11.59 6.15
CA CYS D 48 -10.68 12.54 6.86
C CYS D 48 -9.25 12.04 6.71
N ARG D 49 -8.33 12.97 6.55
CA ARG D 49 -6.90 12.76 6.30
C ARG D 49 -6.08 13.65 7.20
N THR D 50 -4.90 13.17 7.57
CA THR D 50 -3.86 13.92 8.28
C THR D 50 -2.84 14.49 7.28
N PHE D 51 -2.70 15.81 7.28
CA PHE D 51 -1.73 16.62 6.52
C PHE D 51 -0.57 16.88 7.47
N PHE D 52 0.62 16.92 6.94
CA PHE D 52 1.80 17.15 7.79
C PHE D 52 2.94 17.61 6.92
N LEU D 53 3.91 18.27 7.54
CA LEU D 53 5.19 18.67 6.90
C LEU D 53 6.25 17.68 7.39
N THR D 54 6.89 17.00 6.46
CA THR D 54 8.06 16.15 6.70
C THR D 54 9.28 17.01 6.39
N GLN D 55 10.44 16.67 6.92
CA GLN D 55 11.71 17.20 6.36
C GLN D 55 12.26 16.14 5.41
N GLY D 56 11.51 15.12 5.02
CA GLY D 56 12.11 14.16 4.10
C GLY D 56 13.21 13.41 4.81
N ALA D 57 12.92 13.03 6.04
CA ALA D 57 13.78 12.17 6.89
C ALA D 57 12.88 11.20 7.68
N LEU D 58 13.40 10.04 7.98
CA LEU D 58 12.72 9.03 8.80
C LEU D 58 13.28 9.07 10.22
N LEU D 59 12.42 8.79 11.19
CA LEU D 59 12.79 8.63 12.61
C LEU D 59 13.89 7.56 12.75
N ASN D 60 14.81 7.82 13.64
CA ASN D 60 15.90 6.90 14.01
C ASN D 60 16.91 6.83 12.87
N ASP D 61 16.93 7.81 11.97
CA ASP D 61 17.94 7.92 10.89
C ASP D 61 18.72 9.24 11.09
N LYS D 62 19.97 9.28 10.64
CA LYS D 62 20.86 10.45 10.86
C LYS D 62 20.23 11.68 10.18
N HIS D 63 19.36 11.55 9.18
CA HIS D 63 18.86 12.75 8.44
C HIS D 63 17.80 13.48 9.30
N SER D 64 17.43 12.92 10.45
CA SER D 64 16.39 13.47 11.35
C SER D 64 17.01 14.57 12.21
N ASN D 65 18.33 14.67 12.27
CA ASN D 65 19.05 15.77 12.98
C ASN D 65 18.41 17.11 12.54
N GLY D 66 17.81 17.87 13.46
CA GLY D 66 17.14 19.14 13.12
C GLY D 66 16.28 19.74 14.24
N THR D 67 15.83 21.00 14.03
CA THR D 67 15.20 21.90 15.04
C THR D 67 13.70 22.12 14.76
N ILE D 68 12.97 22.65 15.79
CA ILE D 68 11.55 23.17 15.73
C ILE D 68 11.41 24.32 14.69
N LYS D 69 12.44 25.16 14.49
CA LYS D 69 12.49 26.16 13.37
C LYS D 69 13.38 25.59 12.26
N ASP D 70 12.82 25.33 11.08
CA ASP D 70 13.57 24.77 9.92
C ASP D 70 12.74 24.98 8.64
N ARG D 71 13.02 26.05 7.90
CA ARG D 71 12.33 26.34 6.59
C ARG D 71 13.21 25.80 5.44
N SER D 72 13.33 24.51 5.34
CA SER D 72 14.40 23.96 4.49
C SER D 72 13.77 23.64 3.14
N PRO D 73 14.56 23.54 2.10
CA PRO D 73 14.02 23.10 0.81
C PRO D 73 13.63 21.61 0.78
N TYR D 74 13.88 20.87 1.87
CA TYR D 74 13.57 19.43 1.91
C TYR D 74 12.13 19.29 2.35
N ARG D 75 11.54 20.34 2.95
CA ARG D 75 10.23 20.20 3.61
C ARG D 75 9.10 19.97 2.61
N THR D 76 8.28 18.94 2.82
CA THR D 76 7.13 18.66 1.90
C THR D 76 5.81 18.54 2.68
N LEU D 77 4.68 19.04 2.13
CA LEU D 77 3.35 18.75 2.65
C LEU D 77 2.88 17.42 2.08
N MET D 78 2.56 16.46 2.95
CA MET D 78 2.03 15.11 2.56
C MET D 78 0.76 14.89 3.37
N SER D 79 0.04 13.84 3.07
CA SER D 79 -1.14 13.40 3.79
C SER D 79 -1.19 11.87 3.89
N CYS D 80 -1.85 11.39 4.94
CA CYS D 80 -2.22 9.98 5.06
C CYS D 80 -3.60 9.86 5.68
N PRO D 81 -4.18 8.66 5.73
CA PRO D 81 -5.47 8.49 6.37
C PRO D 81 -5.36 8.70 7.88
N ILE D 82 -6.45 9.16 8.47
CA ILE D 82 -6.45 9.56 9.91
C ILE D 82 -6.14 8.33 10.75
N GLY D 83 -5.30 8.55 11.74
CA GLY D 83 -4.89 7.56 12.74
C GLY D 83 -3.83 6.59 12.20
N GLU D 84 -3.40 6.68 10.95
CA GLU D 84 -2.23 5.85 10.50
C GLU D 84 -0.95 6.65 10.70
N VAL D 85 0.16 5.95 10.98
CA VAL D 85 1.47 6.61 11.01
C VAL D 85 1.79 7.17 9.63
N PRO D 86 2.39 8.37 9.57
CA PRO D 86 2.83 8.95 8.31
C PRO D 86 4.11 8.23 7.82
N SER D 87 3.96 7.25 6.91
CA SER D 87 5.09 6.50 6.30
CA SER D 87 5.12 6.56 6.32
C SER D 87 5.23 6.90 4.84
N PRO D 88 6.43 6.77 4.24
CA PRO D 88 6.53 6.90 2.81
C PRO D 88 5.64 5.84 2.13
N TYR D 89 5.21 4.81 2.85
CA TYR D 89 4.55 3.65 2.17
C TYR D 89 3.05 3.86 2.20
N ASN D 90 2.55 4.86 2.92
CA ASN D 90 1.09 5.13 2.92
C ASN D 90 0.81 6.62 2.72
N SER D 91 1.79 7.44 2.38
CA SER D 91 1.60 8.92 2.39
C SER D 91 1.48 9.46 0.96
N ARG D 92 0.47 10.29 0.71
CA ARG D 92 0.26 11.00 -0.57
C ARG D 92 1.12 12.24 -0.56
N PHE D 93 1.86 12.49 -1.62
CA PHE D 93 2.62 13.75 -1.76
C PHE D 93 1.66 14.89 -2.12
N GLU D 94 1.78 16.04 -1.47
CA GLU D 94 0.86 17.16 -1.79
C GLU D 94 1.65 18.27 -2.46
N SER D 95 2.70 18.76 -1.80
CA SER D 95 3.35 20.01 -2.22
C SER D 95 4.70 20.13 -1.59
N VAL D 96 5.56 20.97 -2.16
CA VAL D 96 6.85 21.31 -1.53
C VAL D 96 6.58 22.50 -0.62
N ALA D 97 6.84 22.39 0.68
CA ALA D 97 6.27 23.37 1.65
C ALA D 97 6.99 23.32 3.00
N TRP D 98 7.32 24.50 3.52
CA TRP D 98 7.72 24.66 4.93
C TRP D 98 6.61 25.40 5.71
N SER D 99 5.49 25.79 5.07
CA SER D 99 4.23 26.28 5.71
C SER D 99 3.05 25.95 4.79
N ALA D 100 1.88 25.60 5.32
CA ALA D 100 0.85 24.93 4.47
C ALA D 100 -0.56 25.14 5.02
N SER D 101 -1.52 24.96 4.11
CA SER D 101 -2.94 24.77 4.47
C SER D 101 -3.54 23.80 3.43
N ALA D 102 -4.71 23.22 3.71
CA ALA D 102 -5.47 22.41 2.75
C ALA D 102 -6.91 22.36 3.21
N CYS D 103 -7.82 22.26 2.25
CA CYS D 103 -9.25 22.03 2.48
C CYS D 103 -9.91 21.53 1.18
N HIS D 104 -11.01 20.81 1.36
CA HIS D 104 -11.83 20.20 0.30
C HIS D 104 -13.16 20.97 0.16
N ASP D 105 -13.49 21.39 -1.07
CA ASP D 105 -14.65 22.29 -1.32
C ASP D 105 -15.92 21.44 -1.53
N GLY D 106 -15.78 20.12 -1.50
CA GLY D 106 -16.85 19.15 -1.78
C GLY D 106 -16.60 18.51 -3.12
N ILE D 107 -15.78 19.14 -3.95
CA ILE D 107 -15.42 18.59 -5.29
C ILE D 107 -13.98 18.06 -5.29
N ASN D 108 -12.99 18.89 -4.96
CA ASN D 108 -11.57 18.49 -4.92
C ASN D 108 -10.83 19.18 -3.78
N TRP D 109 -9.65 18.63 -3.48
CA TRP D 109 -8.70 19.18 -2.49
C TRP D 109 -8.03 20.43 -3.06
N LEU D 110 -8.03 21.47 -2.26
CA LEU D 110 -7.10 22.61 -2.39
C LEU D 110 -5.93 22.35 -1.44
N THR D 111 -4.70 22.46 -1.94
CA THR D 111 -3.49 22.53 -1.08
C THR D 111 -2.74 23.82 -1.38
N ILE D 112 -2.17 24.35 -0.33
CA ILE D 112 -1.37 25.59 -0.32
C ILE D 112 -0.05 25.27 0.37
N GLY D 113 1.02 25.38 -0.40
CA GLY D 113 2.38 25.03 0.02
C GLY D 113 3.31 26.20 -0.25
N ILE D 114 3.91 26.73 0.82
CA ILE D 114 4.88 27.87 0.74
C ILE D 114 6.31 27.32 0.88
N SER D 115 7.13 27.65 -0.12
CA SER D 115 8.59 27.38 -0.14
C SER D 115 9.33 28.57 -0.77
N GLY D 116 10.64 28.39 -0.94
CA GLY D 116 11.60 29.42 -1.32
C GLY D 116 12.15 30.23 -0.16
N PRO D 117 12.93 31.28 -0.50
CA PRO D 117 13.68 32.07 0.48
C PRO D 117 12.75 32.93 1.36
N ASP D 118 13.23 33.20 2.57
CA ASP D 118 12.58 34.10 3.56
C ASP D 118 12.26 35.47 2.97
N ASN D 119 13.07 36.01 2.05
CA ASN D 119 12.88 37.36 1.49
C ASN D 119 12.00 37.29 0.22
N GLY D 120 11.50 36.11 -0.18
CA GLY D 120 10.72 35.99 -1.45
C GLY D 120 9.91 34.70 -1.58
N ALA D 121 9.24 34.30 -0.53
CA ALA D 121 8.60 32.98 -0.46
C ALA D 121 7.35 32.98 -1.35
N VAL D 122 7.01 31.81 -1.91
CA VAL D 122 5.88 31.67 -2.86
C VAL D 122 5.01 30.53 -2.36
N ALA D 123 3.76 30.86 -2.13
CA ALA D 123 2.62 29.91 -2.01
C ALA D 123 2.23 29.34 -3.38
N VAL D 124 2.28 28.02 -3.47
CA VAL D 124 1.80 27.26 -4.66
C VAL D 124 0.44 26.67 -4.28
N LEU D 125 -0.58 27.04 -5.03
CA LEU D 125 -1.96 26.56 -4.86
C LEU D 125 -2.25 25.44 -5.85
N LYS D 126 -2.67 24.31 -5.34
CA LYS D 126 -3.06 23.18 -6.21
C LYS D 126 -4.53 22.89 -5.98
N TYR D 127 -5.23 22.56 -7.06
CA TYR D 127 -6.61 22.02 -7.00
C TYR D 127 -6.58 20.65 -7.69
N ASN D 128 -6.94 19.59 -6.96
CA ASN D 128 -6.84 18.16 -7.38
C ASN D 128 -5.37 17.86 -7.79
N GLY D 129 -4.39 18.41 -7.11
CA GLY D 129 -2.97 18.12 -7.38
C GLY D 129 -2.41 18.87 -8.60
N ILE D 130 -3.19 19.75 -9.21
CA ILE D 130 -2.74 20.57 -10.36
C ILE D 130 -2.48 21.99 -9.85
N ILE D 131 -1.37 22.60 -10.26
CA ILE D 131 -1.04 23.98 -9.92
C ILE D 131 -2.06 24.86 -10.65
N THR D 132 -2.80 25.65 -9.86
CA THR D 132 -3.85 26.58 -10.30
C THR D 132 -3.55 28.03 -9.96
N ASP D 133 -2.60 28.32 -9.07
CA ASP D 133 -2.18 29.70 -8.79
C ASP D 133 -0.87 29.76 -7.99
N THR D 134 -0.29 30.98 -7.86
CA THR D 134 0.80 31.32 -6.93
C THR D 134 0.56 32.71 -6.31
N ILE D 135 1.08 32.91 -5.12
CA ILE D 135 1.14 34.25 -4.55
C ILE D 135 2.49 34.39 -3.85
N LYS D 136 3.16 35.49 -4.10
CA LYS D 136 4.50 35.69 -3.60
C LYS D 136 4.44 36.69 -2.44
N SER D 137 5.40 36.54 -1.54
CA SER D 137 5.64 37.44 -0.40
C SER D 137 5.46 38.92 -0.83
N TRP D 138 4.66 39.71 -0.09
CA TRP D 138 4.47 41.16 -0.36
C TRP D 138 5.20 42.05 0.68
N ARG D 139 5.87 41.49 1.71
CA ARG D 139 6.71 42.24 2.68
C ARG D 139 8.09 41.60 2.80
N ASN D 140 8.37 40.53 2.04
CA ASN D 140 9.70 39.88 1.94
C ASN D 140 10.11 39.42 3.33
N ASN D 141 9.20 39.00 4.18
CA ASN D 141 9.64 38.56 5.53
C ASN D 141 8.88 37.31 5.97
N ILE D 142 9.25 36.16 5.40
CA ILE D 142 8.65 34.82 5.72
C ILE D 142 7.12 34.84 5.48
N LEU D 143 6.69 34.94 4.22
CA LEU D 143 5.27 34.63 3.87
C LEU D 143 4.91 33.30 4.53
N ARG D 144 3.82 33.21 5.27
CA ARG D 144 3.48 31.98 6.02
C ARG D 144 1.97 31.89 6.25
N THR D 145 1.48 30.69 6.59
CA THR D 145 0.02 30.50 6.73
C THR D 145 -0.36 29.58 7.89
N GLN D 146 -1.53 28.96 7.77
CA GLN D 146 -2.30 28.45 8.94
C GLN D 146 -1.59 27.29 9.64
N GLU D 147 -1.10 26.30 8.88
CA GLU D 147 -0.67 24.99 9.45
C GLU D 147 -1.94 24.34 10.00
N SER D 148 -3.06 24.63 9.40
CA SER D 148 -4.30 23.86 9.66
C SER D 148 -5.23 24.07 8.47
N GLU D 149 -6.40 23.45 8.49
CA GLU D 149 -7.26 23.42 7.29
C GLU D 149 -7.81 24.81 7.01
N CYS D 150 -7.90 25.14 5.73
CA CYS D 150 -8.70 26.29 5.25
C CYS D 150 -10.19 25.94 5.41
N ALA D 151 -11.06 26.88 5.11
CA ALA D 151 -12.51 26.76 5.33
C ALA D 151 -13.24 27.08 4.03
N CYS D 152 -14.27 26.27 3.72
CA CYS D 152 -15.01 26.35 2.45
C CYS D 152 -16.52 26.52 2.70
N VAL D 153 -17.11 27.35 1.85
CA VAL D 153 -18.55 27.71 1.84
C VAL D 153 -18.93 27.90 0.38
N ASN D 154 -19.81 27.02 -0.12
CA ASN D 154 -20.46 27.14 -1.44
C ASN D 154 -19.43 27.33 -2.55
N GLY D 155 -18.35 26.54 -2.52
CA GLY D 155 -17.44 26.46 -3.67
C GLY D 155 -16.29 27.43 -3.55
N SER D 156 -16.25 28.20 -2.46
CA SER D 156 -15.15 29.15 -2.17
C SER D 156 -14.45 28.67 -0.91
N CYS D 157 -13.13 28.77 -0.90
CA CYS D 157 -12.30 28.40 0.25
C CYS D 157 -11.49 29.60 0.65
N PHE D 158 -11.19 29.67 1.93
CA PHE D 158 -10.67 30.91 2.54
C PHE D 158 -9.52 30.55 3.46
N THR D 159 -8.54 31.45 3.55
CA THR D 159 -7.40 31.24 4.46
C THR D 159 -6.82 32.59 4.81
N VAL D 160 -5.84 32.57 5.72
CA VAL D 160 -5.16 33.77 6.23
C VAL D 160 -3.66 33.52 6.05
N MET D 161 -2.96 34.52 5.54
CA MET D 161 -1.50 34.48 5.44
C MET D 161 -0.89 35.70 6.12
N THR D 162 0.29 35.54 6.68
CA THR D 162 1.02 36.65 7.35
C THR D 162 2.34 36.89 6.63
N ASP D 163 2.78 38.15 6.58
CA ASP D 163 4.13 38.48 6.08
C ASP D 163 4.67 39.65 6.90
N GLY D 164 5.87 39.52 7.46
CA GLY D 164 6.48 40.52 8.35
C GLY D 164 6.92 39.90 9.66
N PRO D 165 7.25 40.78 10.62
CA PRO D 165 7.79 40.35 11.90
C PRO D 165 6.87 39.42 12.66
N SER D 166 7.50 38.48 13.36
CA SER D 166 6.82 37.57 14.31
C SER D 166 6.96 38.13 15.72
N ASN D 167 7.65 39.28 15.91
CA ASN D 167 7.87 39.93 17.22
C ASN D 167 7.45 41.41 17.13
N GLY D 168 6.50 41.74 16.27
CA GLY D 168 6.06 43.13 16.05
C GLY D 168 4.95 43.19 15.04
N GLN D 169 4.47 44.41 14.74
CA GLN D 169 3.36 44.63 13.79
C GLN D 169 3.76 43.88 12.54
N ALA D 170 2.85 43.10 11.96
CA ALA D 170 3.09 42.50 10.63
C ALA D 170 1.86 42.78 9.76
N SER D 171 1.86 42.20 8.56
CA SER D 171 0.78 42.38 7.57
C SER D 171 0.04 41.03 7.47
N TYR D 172 -1.28 41.10 7.46
CA TYR D 172 -2.21 39.94 7.51
C TYR D 172 -3.21 40.11 6.39
N LYS D 173 -3.32 39.10 5.55
CA LYS D 173 -4.19 39.12 4.36
C LYS D 173 -5.10 37.91 4.38
N ILE D 174 -6.33 38.12 3.92
CA ILE D 174 -7.39 37.10 3.85
C ILE D 174 -7.66 36.85 2.37
N PHE D 175 -7.86 35.57 2.02
CA PHE D 175 -7.96 35.12 0.60
C PHE D 175 -9.24 34.32 0.37
N ARG D 176 -9.89 34.65 -0.75
CA ARG D 176 -10.97 33.86 -1.35
C ARG D 176 -10.41 33.12 -2.55
N ILE D 177 -10.65 31.83 -2.57
CA ILE D 177 -10.03 30.90 -3.56
C ILE D 177 -11.15 30.02 -4.10
N GLU D 178 -11.28 30.01 -5.42
CA GLU D 178 -12.28 29.15 -6.10
C GLU D 178 -11.56 28.23 -7.08
N LYS D 179 -11.69 26.91 -6.90
CA LYS D 179 -11.05 25.94 -7.78
C LYS D 179 -9.54 26.21 -7.79
N GLY D 180 -8.96 26.57 -6.66
CA GLY D 180 -7.51 26.85 -6.55
C GLY D 180 -7.03 28.16 -7.13
N LYS D 181 -7.93 29.02 -7.61
CA LYS D 181 -7.59 30.35 -8.12
C LYS D 181 -7.97 31.42 -7.08
N ILE D 182 -7.03 32.34 -6.81
CA ILE D 182 -7.30 33.44 -5.84
C ILE D 182 -8.24 34.38 -6.61
N VAL D 183 -9.46 34.56 -6.15
CA VAL D 183 -10.39 35.46 -6.85
C VAL D 183 -10.48 36.78 -6.09
N LYS D 184 -10.01 36.87 -4.84
CA LYS D 184 -9.96 38.16 -4.10
CA LYS D 184 -10.00 38.15 -4.07
C LYS D 184 -9.07 38.01 -2.87
N SER D 185 -8.42 39.10 -2.50
CA SER D 185 -7.60 39.20 -1.28
C SER D 185 -7.77 40.60 -0.67
N VAL D 186 -7.81 40.67 0.64
CA VAL D 186 -7.94 41.97 1.36
C VAL D 186 -6.80 41.99 2.37
N GLU D 187 -6.18 43.14 2.58
CA GLU D 187 -5.27 43.33 3.76
C GLU D 187 -6.11 43.76 4.96
N MET D 188 -5.90 43.09 6.10
CA MET D 188 -6.56 43.42 7.39
C MET D 188 -5.95 44.68 7.99
N ASN D 189 -6.77 45.69 8.23
CA ASN D 189 -6.37 46.89 8.99
C ASN D 189 -6.42 46.50 10.46
N ALA D 190 -5.27 46.11 11.06
CA ALA D 190 -5.25 45.58 12.43
C ALA D 190 -4.08 46.12 13.21
N PRO D 191 -3.97 47.44 13.40
CA PRO D 191 -2.86 48.00 14.15
C PRO D 191 -2.92 47.54 15.62
N ASN D 192 -1.81 47.05 16.12
CA ASN D 192 -1.60 46.62 17.53
C ASN D 192 -2.09 45.19 17.69
N TYR D 193 -2.45 44.54 16.57
CA TYR D 193 -2.87 43.12 16.54
C TYR D 193 -1.74 42.31 15.93
N HIS D 194 -1.72 41.02 16.24
CA HIS D 194 -0.78 40.06 15.62
C HIS D 194 -1.49 38.72 15.40
N TYR D 195 -1.42 38.25 14.17
CA TYR D 195 -2.15 37.07 13.67
C TYR D 195 -1.11 36.12 13.09
N GLU D 196 -0.97 34.95 13.70
CA GLU D 196 -0.12 33.84 13.21
C GLU D 196 -0.94 32.53 13.19
N GLU D 197 -0.59 31.59 12.31
CA GLU D 197 -1.10 30.19 12.39
C GLU D 197 -2.59 30.13 12.76
N CYS D 198 -3.44 30.78 11.97
CA CYS D 198 -4.90 30.84 12.25
C CYS D 198 -5.56 29.46 12.16
N SER D 199 -6.51 29.20 13.09
CA SER D 199 -7.45 28.06 12.95
C SER D 199 -8.81 28.63 12.51
N CYS D 200 -9.25 28.30 11.30
CA CYS D 200 -10.41 28.93 10.65
C CYS D 200 -11.45 27.86 10.34
N TYR D 201 -12.70 28.12 10.68
CA TYR D 201 -13.80 27.17 10.40
C TYR D 201 -14.97 27.96 9.83
N PRO D 202 -15.85 27.26 9.07
CA PRO D 202 -17.10 27.84 8.58
C PRO D 202 -18.20 27.65 9.62
N ASP D 203 -19.10 28.64 9.67
CA ASP D 203 -20.26 28.66 10.58
C ASP D 203 -21.29 29.61 9.95
N SER D 204 -22.43 29.07 9.51
CA SER D 204 -23.58 29.85 8.96
C SER D 204 -23.09 30.70 7.79
N SER D 205 -22.34 30.12 6.85
CA SER D 205 -21.88 30.82 5.62
C SER D 205 -20.75 31.85 5.89
N GLU D 206 -20.17 31.92 7.10
CA GLU D 206 -19.13 32.93 7.40
C GLU D 206 -17.94 32.23 8.04
N ILE D 207 -16.79 32.88 8.07
CA ILE D 207 -15.54 32.16 8.49
C ILE D 207 -15.13 32.75 9.81
N THR D 208 -14.78 31.94 10.80
CA THR D 208 -14.14 32.47 12.01
C THR D 208 -12.74 31.87 12.15
N CYS D 209 -11.74 32.72 12.34
CA CYS D 209 -10.34 32.31 12.60
C CYS D 209 -9.95 32.75 13.99
N VAL D 210 -9.39 31.79 14.75
CA VAL D 210 -8.74 32.04 16.06
C VAL D 210 -7.26 31.72 15.88
N CYS D 211 -6.45 32.71 16.18
CA CYS D 211 -5.03 32.70 15.82
C CYS D 211 -4.11 32.82 17.04
N ARG D 212 -2.85 33.01 16.74
CA ARG D 212 -1.76 33.21 17.68
C ARG D 212 -1.24 34.65 17.56
N ASP D 213 -1.23 35.36 18.67
CA ASP D 213 -0.47 36.64 18.76
C ASP D 213 0.93 36.35 19.33
N ASN D 214 1.97 36.42 18.50
CA ASN D 214 3.38 36.08 18.86
C ASN D 214 4.11 37.31 19.39
N TRP D 215 3.43 38.45 19.40
CA TRP D 215 4.04 39.76 19.67
C TRP D 215 3.78 40.15 21.14
N HIS D 216 2.54 40.24 21.58
CA HIS D 216 2.24 40.81 22.92
C HIS D 216 0.82 40.48 23.36
N GLY D 217 0.34 39.27 23.11
CA GLY D 217 -0.98 38.79 23.51
C GLY D 217 -0.88 37.37 24.04
N SER D 218 -1.37 37.17 25.25
CA SER D 218 -1.40 35.85 25.91
C SER D 218 -2.83 35.34 25.90
N ASN D 219 -3.76 36.14 25.34
CA ASN D 219 -5.11 35.71 24.89
C ASN D 219 -5.03 35.54 23.38
N ARG D 220 -6.03 34.94 22.74
CA ARG D 220 -5.93 34.73 21.26
C ARG D 220 -6.70 35.79 20.48
N PRO D 221 -6.08 36.33 19.40
CA PRO D 221 -6.77 37.23 18.50
C PRO D 221 -7.71 36.45 17.56
N TRP D 222 -8.77 37.07 17.08
CA TRP D 222 -9.74 36.41 16.15
C TRP D 222 -10.06 37.37 14.97
N VAL D 223 -10.42 36.83 13.80
CA VAL D 223 -10.95 37.61 12.64
C VAL D 223 -12.04 36.76 12.04
N SER D 224 -13.16 37.39 11.70
CA SER D 224 -14.31 36.72 11.05
C SER D 224 -14.72 37.54 9.83
N PHE D 225 -15.26 36.87 8.85
CA PHE D 225 -15.50 37.50 7.55
C PHE D 225 -16.53 36.70 6.76
N ASN D 226 -17.18 37.44 5.87
CA ASN D 226 -18.18 36.84 4.96
C ASN D 226 -17.46 36.48 3.67
N GLN D 227 -18.22 35.97 2.70
CA GLN D 227 -17.69 35.50 1.40
C GLN D 227 -17.05 36.64 0.61
N ASN D 228 -17.32 37.90 0.94
CA ASN D 228 -16.77 39.08 0.21
C ASN D 228 -15.56 39.64 0.94
N LEU D 229 -15.14 38.96 2.01
CA LEU D 229 -13.96 39.26 2.83
C LEU D 229 -14.19 40.56 3.57
N GLU D 230 -15.44 40.93 3.85
CA GLU D 230 -15.67 42.06 4.79
C GLU D 230 -15.50 41.47 6.18
N TYR D 231 -14.62 42.01 6.98
CA TYR D 231 -14.17 41.33 8.22
C TYR D 231 -14.49 42.17 9.47
N GLN D 232 -14.49 41.50 10.62
CA GLN D 232 -14.43 42.06 11.99
C GLN D 232 -13.19 41.48 12.68
N ILE D 233 -12.62 42.20 13.63
CA ILE D 233 -11.40 41.73 14.36
C ILE D 233 -11.62 41.90 15.85
N GLY D 234 -10.95 41.09 16.67
CA GLY D 234 -10.97 41.26 18.12
C GLY D 234 -10.05 40.28 18.79
N TYR D 235 -10.07 40.22 20.11
CA TYR D 235 -9.38 39.17 20.91
C TYR D 235 -10.41 38.53 21.83
N ILE D 236 -10.19 37.26 22.13
CA ILE D 236 -11.05 36.49 23.07
C ILE D 236 -10.95 37.14 24.45
N CYS D 237 -12.09 37.57 25.00
CA CYS D 237 -12.13 38.44 26.23
C CYS D 237 -11.86 37.64 27.50
N SER D 238 -12.11 36.34 27.50
CA SER D 238 -12.05 35.47 28.71
C SER D 238 -10.73 35.66 29.43
N GLY D 239 -10.77 35.70 30.76
CA GLY D 239 -9.59 35.62 31.64
C GLY D 239 -9.04 34.21 31.80
N ILE D 240 -9.68 33.23 31.15
CA ILE D 240 -9.12 31.88 30.81
C ILE D 240 -8.20 32.04 29.58
N PHE D 241 -6.96 32.43 29.80
CA PHE D 241 -6.03 32.82 28.70
C PHE D 241 -5.74 31.59 27.83
N GLY D 242 -5.83 31.79 26.52
CA GLY D 242 -5.68 30.72 25.52
C GLY D 242 -4.24 30.39 25.14
N ASP D 243 -3.28 31.31 25.18
CA ASP D 243 -1.97 31.09 24.51
C ASP D 243 -1.02 30.32 25.45
N ASN D 244 0.14 29.97 24.94
CA ASN D 244 1.25 29.39 25.72
C ASN D 244 2.51 30.06 25.18
N PRO D 245 3.25 30.86 25.98
CA PRO D 245 3.01 31.02 27.41
C PRO D 245 1.89 32.02 27.70
N ARG D 246 1.58 32.16 28.98
CA ARG D 246 0.47 33.02 29.45
C ARG D 246 0.57 33.17 30.96
N PRO D 247 -0.14 34.15 31.55
CA PRO D 247 -0.16 34.30 32.99
C PRO D 247 -1.23 33.32 33.50
N ASN D 248 -1.25 33.13 34.82
CA ASN D 248 -2.35 32.44 35.51
C ASN D 248 -3.61 33.19 35.16
N ASP D 249 -4.74 32.52 35.22
CA ASP D 249 -6.06 33.07 34.85
C ASP D 249 -6.41 34.17 35.85
N LYS D 250 -7.11 35.21 35.38
CA LYS D 250 -7.51 36.40 36.16
C LYS D 250 -8.39 37.24 35.23
N THR D 251 -8.59 38.50 35.49
CA THR D 251 -9.42 39.30 34.57
C THR D 251 -8.73 39.36 33.22
N GLY D 252 -9.49 39.09 32.16
CA GLY D 252 -9.02 39.10 30.76
C GLY D 252 -9.19 40.47 30.12
N SER D 253 -8.96 40.57 28.82
CA SER D 253 -9.09 41.83 28.05
C SER D 253 -9.60 41.50 26.66
N CYS D 254 -10.39 42.41 26.09
CA CYS D 254 -10.92 42.29 24.72
C CYS D 254 -9.86 42.77 23.71
N GLY D 255 -8.73 43.29 24.17
CA GLY D 255 -7.56 43.52 23.29
C GLY D 255 -6.43 42.59 23.74
N PRO D 256 -5.21 42.76 23.18
CA PRO D 256 -4.12 41.88 23.50
C PRO D 256 -3.79 42.00 25.00
N VAL D 257 -3.61 40.87 25.70
CA VAL D 257 -3.05 40.80 27.09
C VAL D 257 -1.51 40.73 27.01
N SER D 258 -0.79 41.78 27.45
CA SER D 258 0.67 41.93 27.27
C SER D 258 1.45 40.99 28.20
N SER D 259 0.90 40.66 29.39
CA SER D 259 1.55 39.77 30.38
C SER D 259 1.81 38.42 29.75
N ASN D 260 3.08 38.03 29.66
CA ASN D 260 3.50 36.75 29.03
C ASN D 260 3.05 36.70 27.57
N GLY D 261 2.96 37.85 26.90
CA GLY D 261 2.31 37.94 25.58
C GLY D 261 3.20 37.48 24.43
N ALA D 262 4.52 37.72 24.52
CA ALA D 262 5.49 37.43 23.45
C ALA D 262 5.52 35.90 23.29
N ASN D 263 5.80 35.41 22.09
CA ASN D 263 5.90 33.96 21.81
CA ASN D 263 5.89 33.95 21.84
C ASN D 263 4.45 33.43 21.90
N GLY D 264 4.26 32.12 21.80
CA GLY D 264 2.91 31.55 21.71
C GLY D 264 2.97 30.12 21.20
N VAL D 265 1.83 29.58 20.90
CA VAL D 265 1.69 28.24 20.27
C VAL D 265 0.48 28.37 19.35
N LYS D 266 0.48 27.70 18.19
CA LYS D 266 -0.71 27.54 17.36
C LYS D 266 -1.85 26.95 18.20
N GLY D 267 -3.05 27.51 18.10
CA GLY D 267 -4.23 26.91 18.76
C GLY D 267 -5.52 27.24 18.07
N PHE D 268 -6.61 27.05 18.81
CA PHE D 268 -7.96 27.21 18.24
C PHE D 268 -8.93 27.54 19.38
N SER D 269 -10.13 27.95 18.98
CA SER D 269 -11.32 28.00 19.87
C SER D 269 -12.57 28.06 19.00
N PHE D 270 -13.73 27.64 19.51
CA PHE D 270 -15.04 27.69 18.83
C PHE D 270 -15.92 28.68 19.61
N LYS D 271 -16.40 29.68 18.88
CA LYS D 271 -17.41 30.69 19.30
C LYS D 271 -18.82 30.12 19.22
N TYR D 272 -19.57 30.28 20.30
CA TYR D 272 -21.01 29.95 20.38
C TYR D 272 -21.74 31.15 21.03
N GLY D 273 -22.33 32.05 20.23
CA GLY D 273 -22.84 33.33 20.77
C GLY D 273 -21.75 34.06 21.54
N ASN D 274 -21.98 34.35 22.82
CA ASN D 274 -21.06 35.04 23.78
C ASN D 274 -20.15 34.00 24.47
N GLY D 275 -20.37 32.71 24.25
CA GLY D 275 -19.53 31.67 24.89
C GLY D 275 -18.41 31.15 23.99
N VAL D 276 -17.49 30.34 24.56
CA VAL D 276 -16.28 29.91 23.81
C VAL D 276 -15.87 28.54 24.36
N TRP D 277 -15.58 27.61 23.45
CA TRP D 277 -14.78 26.39 23.79
C TRP D 277 -13.31 26.67 23.53
N ILE D 278 -12.51 26.60 24.59
CA ILE D 278 -11.07 26.94 24.50
C ILE D 278 -10.31 25.61 24.61
N GLY D 279 -9.44 25.32 23.66
CA GLY D 279 -8.41 24.28 23.89
C GLY D 279 -7.12 24.96 24.22
N ARG D 280 -6.43 24.51 25.24
CA ARG D 280 -5.16 25.14 25.63
C ARG D 280 -4.31 24.13 26.38
N THR D 281 -3.05 24.46 26.51
CA THR D 281 -2.05 23.70 27.31
C THR D 281 -2.47 23.75 28.78
N LYS D 282 -1.97 22.84 29.62
CA LYS D 282 -2.24 22.89 31.09
C LYS D 282 -1.12 23.67 31.79
N SER D 283 0.10 23.68 31.28
CA SER D 283 1.18 24.53 31.81
C SER D 283 1.00 25.94 31.23
N ILE D 284 1.34 26.99 32.00
CA ILE D 284 1.28 28.43 31.59
C ILE D 284 2.60 28.83 30.93
N SER D 285 3.64 28.01 31.04
CA SER D 285 5.00 28.36 30.61
C SER D 285 5.56 27.45 29.55
N SER D 286 4.99 26.26 29.36
CA SER D 286 5.57 25.18 28.51
C SER D 286 4.50 24.44 27.69
N ARG D 287 4.88 23.84 26.54
CA ARG D 287 3.89 23.05 25.76
C ARG D 287 3.67 21.69 26.46
N ASN D 288 3.00 21.68 27.61
CA ASN D 288 2.66 20.47 28.39
C ASN D 288 1.17 20.45 28.76
N GLY D 289 0.59 19.28 28.59
CA GLY D 289 -0.82 19.06 28.88
C GLY D 289 -1.69 19.61 27.78
N PHE D 290 -2.96 19.31 27.90
CA PHE D 290 -4.00 19.91 27.06
C PHE D 290 -5.36 19.70 27.74
N GLU D 291 -6.28 20.67 27.58
CA GLU D 291 -7.60 20.62 28.23
C GLU D 291 -8.57 21.40 27.35
N MET D 292 -9.84 21.02 27.32
CA MET D 292 -10.92 21.84 26.73
C MET D 292 -11.75 22.49 27.85
N ILE D 293 -12.08 23.79 27.72
CA ILE D 293 -12.84 24.58 28.73
C ILE D 293 -13.98 25.27 28.02
N TRP D 294 -15.20 25.11 28.56
CA TRP D 294 -16.41 25.80 28.07
C TRP D 294 -16.60 27.03 28.94
N ASP D 295 -16.41 28.22 28.36
CA ASP D 295 -16.68 29.48 29.11
C ASP D 295 -17.90 30.11 28.47
N PRO D 296 -19.09 30.04 29.11
CA PRO D 296 -20.34 30.46 28.46
C PRO D 296 -20.40 31.98 28.13
N ASN D 297 -19.52 32.81 28.69
CA ASN D 297 -19.50 34.25 28.31
C ASN D 297 -18.07 34.67 27.93
N GLY D 298 -17.22 33.70 27.58
CA GLY D 298 -15.77 33.94 27.42
C GLY D 298 -15.41 34.59 26.11
N TRP D 299 -16.32 34.63 25.12
CA TRP D 299 -15.98 35.29 23.84
C TRP D 299 -15.86 36.78 24.14
N THR D 300 -16.86 37.32 24.89
CA THR D 300 -17.07 38.78 25.09
C THR D 300 -16.90 39.24 26.55
N GLY D 301 -16.96 38.33 27.52
CA GLY D 301 -16.68 38.63 28.95
C GLY D 301 -15.22 38.41 29.37
N THR D 302 -14.76 39.19 30.37
CA THR D 302 -13.35 39.21 30.84
C THR D 302 -13.15 38.46 32.16
N ASP D 303 -14.18 37.87 32.74
CA ASP D 303 -13.96 37.14 34.03
C ASP D 303 -13.22 35.83 33.72
N ASN D 304 -12.60 35.24 34.75
CA ASN D 304 -11.97 33.90 34.63
C ASN D 304 -12.88 32.83 35.27
N ASN D 305 -14.20 32.91 35.08
CA ASN D 305 -15.15 31.85 35.52
C ASN D 305 -15.50 30.96 34.31
N PHE D 306 -15.63 29.63 34.49
CA PHE D 306 -15.99 28.71 33.38
C PHE D 306 -16.93 27.62 33.89
N SER D 307 -17.63 26.94 33.00
CA SER D 307 -18.63 25.91 33.35
C SER D 307 -18.04 24.50 33.22
N ILE D 308 -17.23 24.19 32.18
CA ILE D 308 -16.76 22.79 31.94
C ILE D 308 -15.24 22.81 31.68
N LYS D 309 -14.50 21.91 32.32
CA LYS D 309 -13.13 21.53 31.89
C LYS D 309 -13.09 20.01 31.64
N GLN D 310 -12.49 19.61 30.51
CA GLN D 310 -12.29 18.20 30.15
C GLN D 310 -10.81 18.04 29.90
N ASP D 311 -10.17 17.13 30.67
CA ASP D 311 -8.75 16.73 30.52
C ASP D 311 -8.58 15.97 29.19
N ILE D 312 -7.52 16.30 28.48
CA ILE D 312 -7.15 15.66 27.19
C ILE D 312 -5.73 15.07 27.32
N VAL D 313 -4.80 15.86 27.79
CA VAL D 313 -3.40 15.40 28.05
C VAL D 313 -3.03 15.97 29.42
N GLY D 314 -2.45 15.09 30.25
CA GLY D 314 -1.99 15.35 31.62
C GLY D 314 -0.88 16.39 31.67
N ILE D 315 -0.85 17.19 32.74
CA ILE D 315 0.03 18.37 32.93
C ILE D 315 1.46 17.97 32.67
N ASN D 316 1.86 16.75 32.98
CA ASN D 316 3.30 16.42 32.97
C ASN D 316 3.68 15.77 31.65
N GLU D 317 2.82 15.86 30.64
CA GLU D 317 3.01 15.21 29.32
C GLU D 317 3.18 16.26 28.23
N TRP D 318 3.96 15.92 27.24
CA TRP D 318 4.24 16.81 26.08
C TRP D 318 2.97 17.01 25.27
N SER D 319 2.66 18.28 24.97
CA SER D 319 1.67 18.65 23.95
C SER D 319 2.38 19.45 22.86
N GLY D 320 1.69 20.45 22.33
CA GLY D 320 2.22 21.16 21.14
C GLY D 320 1.13 21.94 20.47
N TYR D 321 1.24 22.11 19.15
CA TYR D 321 0.21 22.75 18.30
C TYR D 321 -1.11 22.01 18.49
N SER D 322 -2.18 22.77 18.26
CA SER D 322 -3.57 22.26 18.22
C SER D 322 -4.30 23.03 17.13
N GLY D 323 -5.33 22.45 16.58
CA GLY D 323 -6.08 23.18 15.54
C GLY D 323 -7.45 22.64 15.39
N SER D 324 -8.35 23.45 14.85
CA SER D 324 -9.73 23.04 14.51
C SER D 324 -9.73 22.18 13.24
N PHE D 325 -10.70 21.27 13.15
CA PHE D 325 -11.25 20.80 11.87
C PHE D 325 -12.74 20.53 12.04
N VAL D 326 -13.45 20.59 10.93
CA VAL D 326 -14.92 20.35 10.95
C VAL D 326 -15.26 19.15 10.08
N GLN D 327 -16.39 18.54 10.43
CA GLN D 327 -17.14 17.56 9.62
C GLN D 327 -18.47 18.21 9.19
N HIS D 328 -18.58 18.48 7.90
CA HIS D 328 -19.78 19.11 7.29
C HIS D 328 -20.92 18.11 7.24
N PRO D 329 -22.18 18.61 7.22
CA PRO D 329 -23.34 17.75 7.03
C PRO D 329 -23.21 16.79 5.84
N GLU D 330 -22.53 17.20 4.77
CA GLU D 330 -22.34 16.33 3.56
C GLU D 330 -21.58 15.05 3.93
N LEU D 331 -20.72 15.12 4.94
CA LEU D 331 -19.98 13.92 5.40
C LEU D 331 -20.78 13.14 6.45
N THR D 332 -21.40 13.83 7.41
CA THR D 332 -22.00 13.22 8.64
C THR D 332 -23.49 12.88 8.50
N GLY D 333 -24.23 13.61 7.66
CA GLY D 333 -25.70 13.50 7.61
C GLY D 333 -26.37 14.31 8.71
N LEU D 334 -25.62 15.06 9.51
CA LEU D 334 -26.23 15.90 10.58
C LEU D 334 -26.79 17.17 9.90
N ASP D 335 -27.40 18.03 10.68
CA ASP D 335 -28.05 19.27 10.18
C ASP D 335 -27.20 20.48 10.62
N CYS D 336 -25.97 20.24 11.04
CA CYS D 336 -25.06 21.24 11.62
C CYS D 336 -23.61 20.82 11.33
N ILE D 337 -22.71 21.80 11.32
CA ILE D 337 -21.25 21.64 11.10
C ILE D 337 -20.63 21.15 12.41
N ARG D 338 -20.15 19.91 12.47
CA ARG D 338 -19.55 19.29 13.69
C ARG D 338 -18.13 19.80 13.90
N PRO D 339 -17.82 20.36 15.09
CA PRO D 339 -16.49 20.82 15.41
C PRO D 339 -15.65 19.66 15.95
N CYS D 340 -14.38 19.66 15.55
CA CYS D 340 -13.42 18.62 15.98
C CYS D 340 -12.13 19.40 16.24
N PHE D 341 -11.15 18.74 16.82
CA PHE D 341 -9.82 19.34 17.03
C PHE D 341 -8.79 18.23 17.10
N TRP D 342 -7.57 18.60 16.75
CA TRP D 342 -6.37 17.74 16.84
C TRP D 342 -5.40 18.35 17.83
N VAL D 343 -4.52 17.50 18.35
CA VAL D 343 -3.39 18.04 19.14
C VAL D 343 -2.15 17.36 18.65
N GLU D 344 -1.12 18.15 18.42
CA GLU D 344 0.22 17.62 18.08
C GLU D 344 0.99 17.34 19.36
N LEU D 345 1.59 16.15 19.50
CA LEU D 345 2.31 15.80 20.75
C LEU D 345 3.79 15.78 20.39
N ILE D 346 4.48 16.85 20.76
CA ILE D 346 5.85 17.09 20.26
C ILE D 346 6.82 16.37 21.14
N ARG D 347 7.75 15.68 20.51
CA ARG D 347 8.86 15.00 21.19
C ARG D 347 10.20 15.46 20.63
N GLY D 348 11.22 15.36 21.48
CA GLY D 348 12.63 15.63 21.17
C GLY D 348 13.03 17.05 21.53
N ARG D 349 13.82 17.68 20.67
CA ARG D 349 14.38 19.04 20.91
C ARG D 349 13.26 20.06 20.85
N PRO D 350 13.36 21.15 21.63
CA PRO D 350 14.54 21.38 22.46
C PRO D 350 14.33 20.93 23.93
N LYS D 351 13.19 20.34 24.29
CA LYS D 351 12.97 19.95 25.74
C LYS D 351 13.68 18.64 26.09
N GLU D 352 14.03 17.77 25.14
CA GLU D 352 14.52 16.41 25.43
C GLU D 352 15.86 16.24 24.71
N ASN D 353 16.61 15.23 25.14
CA ASN D 353 18.04 15.09 24.78
CA ASN D 353 18.03 15.08 24.78
C ASN D 353 18.17 14.21 23.53
N THR D 354 17.77 14.73 22.38
CA THR D 354 17.77 13.99 21.09
C THR D 354 18.41 14.88 20.03
N ILE D 355 18.68 14.35 18.85
CA ILE D 355 19.16 15.18 17.72
C ILE D 355 17.97 15.67 16.93
N TRP D 356 16.77 15.14 17.19
CA TRP D 356 15.59 15.32 16.29
C TRP D 356 14.42 15.88 17.06
N THR D 357 13.43 16.40 16.31
CA THR D 357 12.11 16.81 16.83
C THR D 357 11.05 16.16 15.92
N SER D 358 10.03 15.52 16.51
CA SER D 358 8.91 14.92 15.74
C SER D 358 7.69 14.82 16.64
N GLY D 359 6.54 14.75 16.03
CA GLY D 359 5.23 14.80 16.68
C GLY D 359 4.42 13.57 16.36
N SER D 360 3.60 13.12 17.32
CA SER D 360 2.48 12.23 17.01
C SER D 360 1.20 13.06 17.14
N SER D 361 0.04 12.47 16.95
CA SER D 361 -1.22 13.26 17.04
C SER D 361 -2.27 12.47 17.77
N ILE D 362 -3.24 13.23 18.27
CA ILE D 362 -4.54 12.74 18.83
C ILE D 362 -5.65 13.68 18.31
N SER D 363 -6.89 13.22 18.11
CA SER D 363 -8.00 14.09 17.70
C SER D 363 -9.30 13.60 18.34
N PHE D 364 -10.21 14.57 18.45
CA PHE D 364 -11.46 14.52 19.21
C PHE D 364 -12.54 15.21 18.38
N CYS D 365 -13.76 14.70 18.43
CA CYS D 365 -14.94 15.36 17.82
C CYS D 365 -15.93 15.71 18.94
N GLY D 366 -16.59 16.85 18.78
CA GLY D 366 -17.64 17.36 19.67
C GLY D 366 -18.89 16.49 19.61
N VAL D 367 -19.42 16.15 20.78
CA VAL D 367 -20.70 15.41 20.91
C VAL D 367 -21.52 16.02 22.04
N ASN D 368 -22.77 15.58 22.13
CA ASN D 368 -23.73 15.94 23.19
C ASN D 368 -24.10 14.70 23.97
N SER D 369 -23.36 13.64 23.79
CA SER D 369 -23.56 12.41 24.56
C SER D 369 -22.43 12.40 25.59
N ASP D 370 -22.36 11.36 26.40
CA ASP D 370 -21.45 11.28 27.57
C ASP D 370 -20.00 11.16 27.11
N THR D 371 -19.11 11.88 27.77
CA THR D 371 -17.66 11.81 27.45
C THR D 371 -16.93 11.73 28.78
N VAL D 372 -15.61 11.61 28.74
CA VAL D 372 -14.76 11.48 29.95
C VAL D 372 -13.43 12.16 29.66
N GLY D 373 -12.88 12.80 30.69
CA GLY D 373 -11.51 13.33 30.71
C GLY D 373 -10.51 12.22 30.95
N TRP D 374 -9.34 12.31 30.34
CA TRP D 374 -8.23 11.37 30.59
C TRP D 374 -6.94 12.00 30.08
N SER D 375 -5.92 11.18 29.92
CA SER D 375 -4.65 11.60 29.33
C SER D 375 -4.33 10.64 28.20
N TRP D 376 -4.28 11.14 26.96
CA TRP D 376 -3.81 10.31 25.81
C TRP D 376 -2.48 10.83 25.28
N PRO D 377 -1.34 10.58 25.97
CA PRO D 377 -0.07 11.18 25.60
C PRO D 377 0.64 10.46 24.44
N ASP D 378 1.83 10.93 24.08
CA ASP D 378 2.57 10.44 22.90
C ASP D 378 3.00 8.97 23.17
N GLY D 379 3.69 8.80 24.28
CA GLY D 379 4.02 7.47 24.82
C GLY D 379 5.42 7.03 24.48
N ALA D 380 6.18 7.71 23.62
CA ALA D 380 7.49 7.21 23.19
C ALA D 380 8.49 7.32 24.36
N GLU D 381 9.48 6.42 24.39
CA GLU D 381 10.60 6.40 25.35
C GLU D 381 11.81 6.98 24.66
N LEU D 382 12.21 8.17 25.06
CA LEU D 382 13.38 8.88 24.52
C LEU D 382 14.54 8.71 25.50
N PRO D 383 15.80 8.76 25.06
CA PRO D 383 16.12 8.95 23.64
C PRO D 383 15.97 7.66 22.85
N PHE D 384 16.18 7.79 21.54
CA PHE D 384 16.17 6.69 20.54
C PHE D 384 17.60 6.25 20.24
N THR D 385 17.75 5.10 19.58
CA THR D 385 19.02 4.53 19.08
C THR D 385 19.91 5.59 18.42
N ILE D 386 19.36 6.43 17.56
CA ILE D 386 20.15 7.38 16.72
C ILE D 386 20.79 8.46 17.61
N ASP D 387 20.24 8.69 18.79
CA ASP D 387 20.67 9.78 19.71
C ASP D 387 21.93 9.36 20.49
#